data_6RSS
#
_entry.id   6RSS
#
_entity_poly.entity_id   1
_entity_poly.type   'polypeptide(L)'
_entity_poly.pdbx_seq_one_letter_code
;GSHMQYKLILNGKTLKGETTTEAVDAATAEKVFKQYANDNGVDGEWTYDDATKTYTVTEGSGGAGGQGMIQEPALPPGWE
MKYTSEGVRYFVDHNTRTTTFKDPRPGFE
;
_entity_poly.pdbx_strand_id   A
#
# COMPACT_ATOMS: atom_id res chain seq x y z
N GLY A 1 21.37 31.44 2.68
CA GLY A 1 22.29 31.71 1.54
C GLY A 1 22.65 30.46 0.76
N SER A 2 23.66 29.74 1.23
CA SER A 2 24.10 28.54 0.56
C SER A 2 23.22 27.35 0.92
N HIS A 3 22.50 27.48 2.03
CA HIS A 3 21.59 26.44 2.49
C HIS A 3 20.25 26.56 1.77
N MET A 4 19.69 25.44 1.29
CA MET A 4 18.40 25.47 0.60
C MET A 4 17.40 24.60 1.34
N GLN A 5 16.15 25.07 1.42
CA GLN A 5 15.09 24.36 2.12
C GLN A 5 14.56 23.18 1.31
N TYR A 6 14.21 22.12 2.03
CA TYR A 6 13.60 20.93 1.44
C TYR A 6 12.44 20.48 2.31
N LYS A 7 11.36 20.02 1.69
CA LYS A 7 10.18 19.61 2.42
C LYS A 7 10.03 18.10 2.46
N LEU A 8 9.18 17.65 3.37
CA LEU A 8 8.84 16.24 3.46
C LEU A 8 7.40 16.09 3.90
N ILE A 9 6.70 15.14 3.30
CA ILE A 9 5.33 14.85 3.68
C ILE A 9 5.22 13.36 3.97
N LEU A 10 4.82 13.01 5.18
CA LEU A 10 4.67 11.60 5.54
C LEU A 10 3.23 11.18 5.36
N ASN A 11 2.92 10.63 4.20
CA ASN A 11 1.57 10.16 3.95
C ASN A 11 1.45 8.74 4.46
N GLY A 12 1.10 8.61 5.72
CA GLY A 12 0.92 7.30 6.30
C GLY A 12 -0.46 7.12 6.86
N LYS A 13 -0.69 5.99 7.51
CA LYS A 13 -1.98 5.73 8.13
C LYS A 13 -2.00 6.12 9.62
N THR A 14 -1.09 5.57 10.43
CA THR A 14 -1.05 5.94 11.85
C THR A 14 0.04 6.99 12.09
N LEU A 15 0.62 7.45 10.99
CA LEU A 15 1.70 8.43 11.03
C LEU A 15 1.52 9.42 9.89
N LYS A 16 1.01 10.59 10.21
CA LYS A 16 0.78 11.61 9.19
C LYS A 16 1.25 12.96 9.69
N GLY A 17 2.04 13.63 8.88
CA GLY A 17 2.57 14.93 9.25
C GLY A 17 3.47 15.47 8.17
N GLU A 18 4.00 16.67 8.39
CA GLU A 18 4.92 17.29 7.43
C GLU A 18 6.08 17.91 8.19
N THR A 19 7.19 18.12 7.50
CA THR A 19 8.36 18.72 8.12
C THR A 19 9.25 19.37 7.07
N THR A 20 10.29 20.06 7.52
CA THR A 20 11.19 20.77 6.64
C THR A 20 12.63 20.65 7.13
N THR A 21 13.58 20.64 6.21
CA THR A 21 14.99 20.53 6.58
C THR A 21 15.84 21.42 5.66
N GLU A 22 17.02 21.77 6.15
CA GLU A 22 17.93 22.61 5.39
C GLU A 22 19.19 21.82 5.02
N ALA A 23 19.58 21.87 3.75
CA ALA A 23 20.76 21.12 3.28
C ALA A 23 21.34 21.79 2.04
N VAL A 24 22.56 21.40 1.64
CA VAL A 24 23.16 21.95 0.42
C VAL A 24 23.11 20.95 -0.74
N ASP A 25 22.59 19.75 -0.48
CA ASP A 25 22.50 18.72 -1.51
C ASP A 25 21.11 18.12 -1.52
N ALA A 26 20.71 17.56 -2.64
CA ALA A 26 19.43 16.90 -2.74
C ALA A 26 19.52 15.48 -2.16
N ALA A 27 20.62 14.82 -2.44
CA ALA A 27 20.88 13.47 -1.93
C ALA A 27 20.98 13.47 -0.42
N THR A 28 21.59 14.51 0.13
CA THR A 28 21.75 14.64 1.58
C THR A 28 20.39 14.88 2.23
N ALA A 29 19.48 15.56 1.52
CA ALA A 29 18.16 15.85 2.06
C ALA A 29 17.37 14.56 2.15
N GLU A 30 17.62 13.70 1.19
CA GLU A 30 17.01 12.40 1.15
C GLU A 30 17.49 11.58 2.35
N LYS A 31 18.80 11.33 2.38
CA LYS A 31 19.44 10.52 3.39
C LYS A 31 19.07 10.92 4.83
N VAL A 32 19.04 12.22 5.11
CA VAL A 32 18.69 12.71 6.45
C VAL A 32 17.23 12.40 6.78
N PHE A 33 16.35 12.63 5.83
CA PHE A 33 14.93 12.39 6.04
C PHE A 33 14.60 10.89 6.05
N LYS A 34 15.46 10.07 5.45
CA LYS A 34 15.22 8.63 5.42
C LYS A 34 15.37 8.07 6.83
N GLN A 35 16.37 8.57 7.54
CA GLN A 35 16.60 8.20 8.93
C GLN A 35 15.48 8.75 9.80
N TYR A 36 14.94 9.89 9.38
CA TYR A 36 13.84 10.53 10.06
C TYR A 36 12.56 9.70 9.91
N ALA A 37 12.25 9.35 8.67
CA ALA A 37 11.07 8.56 8.35
C ALA A 37 11.21 7.14 8.90
N ASN A 38 12.45 6.64 8.88
CA ASN A 38 12.80 5.29 9.37
C ASN A 38 12.28 5.07 10.79
N ASP A 39 12.60 5.99 11.68
CA ASP A 39 12.23 5.87 13.09
C ASP A 39 10.73 6.06 13.31
N ASN A 40 10.02 6.40 12.23
CA ASN A 40 8.58 6.55 12.30
C ASN A 40 7.89 5.41 11.56
N GLY A 41 8.71 4.48 11.06
CA GLY A 41 8.19 3.33 10.35
C GLY A 41 7.58 3.68 9.01
N VAL A 42 8.03 4.80 8.44
CA VAL A 42 7.50 5.23 7.16
C VAL A 42 8.53 5.12 6.06
N ASP A 43 8.22 4.30 5.08
CA ASP A 43 9.03 4.15 3.89
C ASP A 43 8.08 3.85 2.73
N GLY A 44 8.36 4.38 1.56
CA GLY A 44 7.45 4.22 0.45
C GLY A 44 8.04 4.73 -0.83
N GLU A 45 7.23 4.80 -1.88
CA GLU A 45 7.67 5.33 -3.16
C GLU A 45 8.11 6.78 -2.99
N TRP A 46 9.42 6.99 -2.98
CA TRP A 46 9.99 8.28 -2.79
C TRP A 46 9.86 9.14 -4.04
N THR A 47 8.89 10.02 -4.02
CA THR A 47 8.62 10.92 -5.13
C THR A 47 9.21 12.31 -4.84
N TYR A 48 9.51 13.07 -5.90
CA TYR A 48 10.12 14.38 -5.72
C TYR A 48 9.70 15.33 -6.83
N ASP A 49 9.53 16.61 -6.49
CA ASP A 49 9.17 17.62 -7.48
C ASP A 49 10.23 18.72 -7.42
N ASP A 50 10.75 19.13 -8.58
CA ASP A 50 11.88 20.07 -8.61
C ASP A 50 11.41 21.50 -8.46
N ALA A 51 10.12 21.74 -8.62
CA ALA A 51 9.59 23.09 -8.52
C ALA A 51 9.51 23.57 -7.07
N THR A 52 9.16 22.68 -6.15
CA THR A 52 8.98 23.06 -4.76
C THR A 52 9.99 22.43 -3.80
N LYS A 53 10.86 21.56 -4.32
CA LYS A 53 11.86 20.87 -3.46
C LYS A 53 11.15 20.03 -2.39
N THR A 54 10.05 19.43 -2.78
CA THR A 54 9.22 18.67 -1.86
C THR A 54 9.44 17.16 -2.02
N TYR A 55 10.05 16.53 -1.02
CA TYR A 55 10.21 15.07 -1.02
C TYR A 55 8.94 14.46 -0.45
N THR A 56 8.33 13.56 -1.20
CA THR A 56 7.08 12.95 -0.77
C THR A 56 7.25 11.44 -0.59
N VAL A 57 7.01 10.97 0.64
CA VAL A 57 7.11 9.56 0.93
C VAL A 57 5.72 9.01 1.27
N THR A 58 5.17 8.26 0.33
CA THR A 58 3.83 7.74 0.50
C THR A 58 3.87 6.29 0.96
N GLU A 59 3.19 6.00 2.05
CA GLU A 59 3.17 4.68 2.63
C GLU A 59 2.22 3.77 1.84
N GLY A 60 2.74 3.09 0.82
CA GLY A 60 1.92 2.22 0.01
C GLY A 60 2.27 2.33 -1.46
N SER A 61 1.69 1.49 -2.29
CA SER A 61 1.96 1.51 -3.71
C SER A 61 0.66 1.67 -4.49
N GLY A 62 -0.43 1.16 -3.93
CA GLY A 62 -1.72 1.27 -4.58
C GLY A 62 -2.86 1.01 -3.62
N GLY A 63 -4.08 1.03 -4.14
CA GLY A 63 -5.25 0.79 -3.31
C GLY A 63 -6.06 -0.38 -3.80
N ALA A 64 -5.91 -0.68 -5.09
CA ALA A 64 -6.62 -1.79 -5.74
C ALA A 64 -8.11 -1.53 -5.83
N GLY A 65 -8.85 -2.51 -6.35
CA GLY A 65 -10.28 -2.40 -6.48
C GLY A 65 -10.98 -2.21 -5.15
N GLY A 66 -11.95 -1.30 -5.11
CA GLY A 66 -12.68 -1.03 -3.89
C GLY A 66 -13.84 -1.97 -3.68
N GLN A 67 -14.27 -2.63 -4.74
CA GLN A 67 -15.39 -3.56 -4.64
C GLN A 67 -15.19 -4.71 -5.62
N GLY A 68 -15.54 -5.91 -5.18
CA GLY A 68 -15.37 -7.10 -5.98
C GLY A 68 -15.05 -8.31 -5.12
N MET A 69 -15.80 -8.46 -4.04
CA MET A 69 -15.56 -9.54 -3.07
C MET A 69 -16.18 -10.86 -3.54
N ILE A 70 -15.55 -11.43 -4.58
CA ILE A 70 -15.97 -12.73 -5.14
C ILE A 70 -17.46 -12.76 -5.46
N GLN A 71 -17.84 -12.25 -6.63
CA GLN A 71 -19.24 -12.23 -7.03
C GLN A 71 -19.41 -12.85 -8.41
N GLU A 72 -18.42 -13.61 -8.82
CA GLU A 72 -18.42 -14.24 -10.12
C GLU A 72 -18.57 -15.75 -9.99
N PRO A 73 -19.03 -16.41 -11.06
CA PRO A 73 -19.23 -17.88 -11.07
C PRO A 73 -17.91 -18.65 -11.16
N ALA A 74 -18.07 -19.98 -11.24
CA ALA A 74 -16.94 -20.91 -11.32
C ALA A 74 -16.17 -20.98 -10.01
N LEU A 75 -15.15 -21.84 -9.95
CA LEU A 75 -14.35 -21.99 -8.75
C LEU A 75 -13.09 -21.14 -8.83
N PRO A 76 -12.76 -20.42 -7.75
CA PRO A 76 -11.56 -19.60 -7.69
C PRO A 76 -10.30 -20.45 -7.47
N PRO A 77 -9.14 -19.92 -7.85
CA PRO A 77 -7.85 -20.63 -7.69
C PRO A 77 -7.68 -21.26 -6.32
N GLY A 78 -7.29 -22.54 -6.31
CA GLY A 78 -7.10 -23.25 -5.05
C GLY A 78 -8.37 -23.81 -4.42
N TRP A 79 -9.53 -23.68 -5.08
CA TRP A 79 -10.78 -24.21 -4.52
C TRP A 79 -11.24 -25.45 -5.30
N GLU A 80 -11.79 -26.43 -4.58
CA GLU A 80 -12.35 -27.61 -5.22
C GLU A 80 -13.78 -27.83 -4.76
N MET A 81 -14.68 -28.07 -5.69
CA MET A 81 -16.06 -28.36 -5.35
C MET A 81 -16.35 -29.80 -5.72
N LYS A 82 -16.45 -30.66 -4.71
CA LYS A 82 -16.65 -32.08 -4.99
C LYS A 82 -17.75 -32.62 -4.09
N TYR A 83 -18.38 -33.72 -4.49
CA TYR A 83 -19.50 -34.26 -3.75
C TYR A 83 -19.12 -35.61 -3.14
N THR A 84 -19.77 -35.95 -2.03
CA THR A 84 -19.55 -37.24 -1.40
C THR A 84 -20.36 -38.30 -2.16
N SER A 85 -20.20 -39.58 -1.80
CA SER A 85 -20.88 -40.66 -2.52
C SER A 85 -22.39 -40.73 -2.23
N GLU A 86 -22.89 -39.71 -1.54
CA GLU A 86 -24.31 -39.65 -1.20
C GLU A 86 -24.93 -38.39 -1.79
N GLY A 87 -24.10 -37.62 -2.50
CA GLY A 87 -24.58 -36.39 -3.12
C GLY A 87 -24.45 -35.17 -2.23
N VAL A 88 -23.70 -35.29 -1.15
CA VAL A 88 -23.49 -34.17 -0.23
C VAL A 88 -22.39 -33.27 -0.78
N ARG A 89 -22.62 -31.96 -0.71
CA ARG A 89 -21.70 -30.98 -1.27
C ARG A 89 -20.68 -30.52 -0.24
N TYR A 90 -19.39 -30.67 -0.56
CA TYR A 90 -18.32 -30.20 0.33
C TYR A 90 -17.26 -29.46 -0.49
N PHE A 91 -16.51 -28.57 0.15
CA PHE A 91 -15.47 -27.82 -0.54
C PHE A 91 -14.11 -28.17 0.03
N VAL A 92 -13.07 -27.93 -0.75
CA VAL A 92 -11.72 -28.24 -0.32
C VAL A 92 -10.82 -27.01 -0.43
N ASP A 93 -10.39 -26.49 0.71
CA ASP A 93 -9.43 -25.37 0.71
C ASP A 93 -8.05 -25.93 0.37
N HIS A 94 -7.71 -25.97 -0.93
CA HIS A 94 -6.45 -26.55 -1.36
C HIS A 94 -5.28 -25.62 -1.02
N ASN A 95 -5.62 -24.41 -0.62
CA ASN A 95 -4.63 -23.40 -0.25
C ASN A 95 -4.01 -23.75 1.11
N THR A 96 -4.82 -24.29 2.01
CA THR A 96 -4.36 -24.69 3.32
C THR A 96 -4.42 -26.20 3.48
N ARG A 97 -5.00 -26.84 2.47
CA ARG A 97 -5.20 -28.30 2.44
C ARG A 97 -6.06 -28.76 3.60
N THR A 98 -7.33 -28.46 3.47
CA THR A 98 -8.33 -28.84 4.46
C THR A 98 -9.71 -28.90 3.79
N THR A 99 -10.68 -29.51 4.47
CA THR A 99 -12.03 -29.59 3.94
C THR A 99 -12.93 -28.59 4.65
N THR A 100 -13.86 -27.97 3.90
CA THR A 100 -14.75 -26.97 4.49
C THR A 100 -16.13 -27.03 3.81
N PHE A 101 -17.18 -26.89 4.59
CA PHE A 101 -18.53 -26.90 4.04
C PHE A 101 -18.99 -25.47 3.81
N LYS A 102 -18.89 -25.01 2.57
CA LYS A 102 -19.31 -23.66 2.22
C LYS A 102 -20.44 -23.68 1.20
N ASP A 103 -21.66 -23.61 1.69
CA ASP A 103 -22.83 -23.60 0.83
C ASP A 103 -23.63 -22.32 1.09
N PRO A 104 -24.23 -21.73 0.03
CA PRO A 104 -25.01 -20.50 0.17
C PRO A 104 -26.27 -20.69 1.03
N ARG A 105 -26.64 -21.94 1.29
CA ARG A 105 -27.81 -22.22 2.11
C ARG A 105 -27.37 -22.59 3.53
N PRO A 106 -27.60 -21.72 4.54
CA PRO A 106 -27.19 -22.03 5.90
C PRO A 106 -28.12 -23.05 6.55
N GLY A 107 -27.55 -24.08 7.16
CA GLY A 107 -28.36 -25.13 7.75
C GLY A 107 -29.02 -26.04 6.72
N PHE A 108 -28.91 -25.68 5.43
CA PHE A 108 -29.50 -26.47 4.34
C PHE A 108 -31.02 -26.38 4.42
N GLU A 109 -31.48 -25.21 4.91
CA GLU A 109 -32.89 -24.85 5.06
C GLU A 109 -33.73 -26.03 5.57
N GLY A 1 26.75 31.87 4.19
CA GLY A 1 26.49 30.51 3.69
C GLY A 1 25.20 30.43 2.87
N SER A 2 24.94 29.29 2.25
CA SER A 2 23.76 29.13 1.42
C SER A 2 23.24 27.70 1.48
N HIS A 3 22.21 27.48 2.27
CA HIS A 3 21.58 26.18 2.36
C HIS A 3 20.34 26.17 1.47
N MET A 4 19.82 24.99 1.21
CA MET A 4 18.59 24.86 0.45
C MET A 4 17.56 24.14 1.31
N GLN A 5 16.36 24.68 1.37
CA GLN A 5 15.32 24.15 2.21
C GLN A 5 14.45 23.14 1.47
N TYR A 6 14.20 22.01 2.11
CA TYR A 6 13.37 20.96 1.54
C TYR A 6 12.25 20.64 2.51
N LYS A 7 11.12 20.19 1.98
CA LYS A 7 10.01 19.77 2.81
C LYS A 7 9.63 18.34 2.47
N LEU A 8 9.16 17.64 3.47
CA LEU A 8 8.78 16.24 3.32
C LEU A 8 7.39 16.02 3.90
N ILE A 9 6.54 15.34 3.14
CA ILE A 9 5.20 15.01 3.59
C ILE A 9 5.12 13.51 3.84
N LEU A 10 4.69 13.13 5.04
CA LEU A 10 4.57 11.74 5.38
C LEU A 10 3.15 11.29 5.15
N ASN A 11 2.92 10.64 4.04
CA ASN A 11 1.62 10.10 3.76
C ASN A 11 1.59 8.65 4.21
N GLY A 12 1.28 8.45 5.47
CA GLY A 12 1.24 7.11 6.02
C GLY A 12 0.24 7.02 7.15
N LYS A 13 -0.54 5.96 7.15
CA LYS A 13 -1.55 5.74 8.18
C LYS A 13 -0.98 5.71 9.59
N THR A 14 0.33 5.47 9.70
CA THR A 14 1.00 5.44 10.99
C THR A 14 1.62 6.79 11.33
N LEU A 15 1.74 7.66 10.34
CA LEU A 15 2.38 8.96 10.51
C LEU A 15 1.99 9.89 9.37
N LYS A 16 1.05 10.79 9.65
CA LYS A 16 0.60 11.77 8.68
C LYS A 16 0.99 13.18 9.13
N GLY A 17 1.82 13.82 8.32
CA GLY A 17 2.29 15.16 8.64
C GLY A 17 3.28 15.64 7.61
N GLU A 18 4.00 16.70 7.92
CA GLU A 18 5.04 17.21 7.04
C GLU A 18 5.96 18.15 7.80
N THR A 19 7.22 18.19 7.38
CA THR A 19 8.23 18.98 8.06
C THR A 19 9.26 19.51 7.06
N THR A 20 10.22 20.28 7.56
CA THR A 20 11.25 20.87 6.71
C THR A 20 12.64 20.69 7.30
N THR A 21 13.65 20.73 6.44
CA THR A 21 15.04 20.62 6.87
C THR A 21 15.94 21.42 5.93
N GLU A 22 17.09 21.82 6.43
CA GLU A 22 18.04 22.56 5.62
C GLU A 22 19.17 21.62 5.19
N ALA A 23 19.57 21.69 3.93
CA ALA A 23 20.65 20.87 3.43
C ALA A 23 21.42 21.64 2.37
N VAL A 24 22.64 21.21 2.05
CA VAL A 24 23.43 21.87 1.00
C VAL A 24 23.48 21.01 -0.26
N ASP A 25 22.69 19.94 -0.28
CA ASP A 25 22.68 19.02 -1.42
C ASP A 25 21.32 18.33 -1.51
N ALA A 26 21.01 17.81 -2.69
CA ALA A 26 19.73 17.17 -2.93
C ALA A 26 19.69 15.74 -2.37
N ALA A 27 20.78 15.00 -2.58
CA ALA A 27 20.84 13.61 -2.13
C ALA A 27 21.00 13.54 -0.63
N THR A 28 21.70 14.53 -0.09
CA THR A 28 21.91 14.65 1.35
C THR A 28 20.57 14.88 2.06
N ALA A 29 19.61 15.48 1.34
CA ALA A 29 18.30 15.76 1.92
C ALA A 29 17.53 14.47 2.07
N GLU A 30 17.74 13.57 1.12
CA GLU A 30 17.15 12.25 1.13
C GLU A 30 17.63 11.48 2.35
N LYS A 31 18.95 11.32 2.43
CA LYS A 31 19.62 10.57 3.48
C LYS A 31 19.16 10.97 4.89
N VAL A 32 19.01 12.27 5.13
CA VAL A 32 18.61 12.75 6.45
C VAL A 32 17.14 12.41 6.74
N PHE A 33 16.28 12.66 5.78
CA PHE A 33 14.86 12.39 5.94
C PHE A 33 14.57 10.89 5.97
N LYS A 34 15.46 10.09 5.41
CA LYS A 34 15.27 8.66 5.41
C LYS A 34 15.41 8.10 6.81
N GLN A 35 16.41 8.58 7.54
CA GLN A 35 16.63 8.17 8.92
C GLN A 35 15.50 8.74 9.78
N TYR A 36 14.96 9.85 9.32
CA TYR A 36 13.84 10.50 9.97
C TYR A 36 12.58 9.67 9.81
N ALA A 37 12.27 9.31 8.58
CA ALA A 37 11.09 8.51 8.27
C ALA A 37 11.25 7.09 8.80
N ASN A 38 12.49 6.61 8.80
CA ASN A 38 12.81 5.28 9.30
C ASN A 38 12.59 5.22 10.81
N ASP A 39 12.71 6.38 11.45
CA ASP A 39 12.55 6.49 12.90
C ASP A 39 11.09 6.28 13.30
N ASN A 40 10.17 6.66 12.41
CA ASN A 40 8.76 6.49 12.67
C ASN A 40 8.22 5.28 11.90
N GLY A 41 9.13 4.58 11.21
CA GLY A 41 8.77 3.36 10.53
C GLY A 41 8.04 3.56 9.22
N VAL A 42 8.24 4.69 8.56
CA VAL A 42 7.59 4.94 7.29
C VAL A 42 8.56 4.72 6.13
N ASP A 43 8.29 3.69 5.36
CA ASP A 43 9.11 3.36 4.19
C ASP A 43 8.19 3.11 3.00
N GLY A 44 8.19 4.02 2.03
CA GLY A 44 7.28 3.92 0.91
C GLY A 44 7.85 4.56 -0.34
N GLU A 45 7.00 4.73 -1.36
CA GLU A 45 7.42 5.36 -2.61
C GLU A 45 8.04 6.73 -2.34
N TRP A 46 9.10 7.04 -3.05
CA TRP A 46 9.78 8.33 -2.89
C TRP A 46 9.64 9.19 -4.14
N THR A 47 8.69 10.11 -4.10
CA THR A 47 8.45 11.02 -5.21
C THR A 47 9.01 12.41 -4.87
N TYR A 48 9.21 13.27 -5.86
CA TYR A 48 9.78 14.58 -5.62
C TYR A 48 9.35 15.60 -6.67
N ASP A 49 9.30 16.86 -6.26
CA ASP A 49 8.94 17.97 -7.16
C ASP A 49 9.94 19.10 -6.91
N ASP A 50 10.48 19.67 -7.98
CA ASP A 50 11.60 20.62 -7.81
C ASP A 50 11.10 22.04 -7.62
N ALA A 51 9.89 22.32 -8.09
CA ALA A 51 9.32 23.65 -7.96
C ALA A 51 8.96 23.94 -6.50
N THR A 52 8.70 22.90 -5.73
CA THR A 52 8.31 23.06 -4.34
C THR A 52 9.33 22.45 -3.36
N LYS A 53 10.40 21.85 -3.88
CA LYS A 53 11.43 21.18 -3.05
C LYS A 53 10.80 20.22 -2.05
N THR A 54 9.74 19.56 -2.46
CA THR A 54 9.01 18.67 -1.57
C THR A 54 9.30 17.19 -1.87
N TYR A 55 9.90 16.52 -0.91
CA TYR A 55 10.07 15.08 -0.98
C TYR A 55 8.80 14.43 -0.46
N THR A 56 8.29 13.44 -1.17
CA THR A 56 7.05 12.81 -0.77
C THR A 56 7.24 11.31 -0.53
N VAL A 57 6.99 10.88 0.70
CA VAL A 57 7.06 9.46 1.01
C VAL A 57 5.64 8.96 1.30
N THR A 58 5.11 8.18 0.38
CA THR A 58 3.74 7.72 0.48
C THR A 58 3.69 6.22 0.74
N GLU A 59 2.91 5.85 1.75
CA GLU A 59 2.76 4.46 2.13
C GLU A 59 1.70 3.80 1.23
N GLY A 60 2.14 3.13 0.16
CA GLY A 60 1.20 2.46 -0.71
C GLY A 60 1.19 0.97 -0.48
N SER A 61 0.13 0.50 0.16
CA SER A 61 -0.01 -0.93 0.45
C SER A 61 -1.38 -1.42 -0.03
N GLY A 62 -2.08 -0.58 -0.77
CA GLY A 62 -3.40 -0.94 -1.27
C GLY A 62 -4.52 -0.28 -0.50
N GLY A 63 -4.16 0.35 0.62
CA GLY A 63 -5.17 1.01 1.45
C GLY A 63 -5.65 2.33 0.86
N ALA A 64 -4.96 2.80 -0.16
CA ALA A 64 -5.32 4.05 -0.82
C ALA A 64 -5.28 3.87 -2.33
N GLY A 65 -5.98 4.73 -3.05
CA GLY A 65 -6.01 4.63 -4.50
C GLY A 65 -7.28 5.18 -5.10
N GLY A 66 -8.35 4.39 -5.02
CA GLY A 66 -9.63 4.82 -5.56
C GLY A 66 -10.24 5.96 -4.79
N GLN A 67 -9.90 6.05 -3.50
CA GLN A 67 -10.38 7.11 -2.61
C GLN A 67 -11.86 6.90 -2.24
N GLY A 68 -12.74 7.15 -3.18
CA GLY A 68 -14.16 7.01 -2.93
C GLY A 68 -14.97 7.29 -4.19
N MET A 69 -16.28 7.47 -4.03
CA MET A 69 -17.18 7.72 -5.17
C MET A 69 -17.13 6.55 -6.14
N ILE A 70 -17.55 6.80 -7.38
CA ILE A 70 -17.47 5.82 -8.48
C ILE A 70 -18.71 4.94 -8.52
N GLN A 71 -19.65 5.28 -7.64
CA GLN A 71 -20.90 4.52 -7.54
C GLN A 71 -22.01 5.26 -8.29
N GLU A 72 -21.61 6.24 -9.07
CA GLU A 72 -22.54 7.03 -9.84
C GLU A 72 -22.59 6.50 -11.28
N PRO A 73 -23.72 6.69 -11.97
CA PRO A 73 -23.86 6.22 -13.35
C PRO A 73 -23.21 7.20 -14.32
N ALA A 74 -22.85 6.71 -15.50
CA ALA A 74 -22.19 7.52 -16.50
C ALA A 74 -22.65 7.10 -17.90
N LEU A 75 -22.17 7.81 -18.91
CA LEU A 75 -22.53 7.52 -20.29
C LEU A 75 -21.76 6.28 -20.76
N PRO A 76 -22.33 5.47 -21.65
CA PRO A 76 -21.62 4.29 -22.19
C PRO A 76 -20.51 4.73 -23.14
N PRO A 77 -19.52 3.86 -23.42
CA PRO A 77 -18.41 4.22 -24.32
C PRO A 77 -18.92 4.56 -25.71
N GLY A 78 -18.48 5.69 -26.23
CA GLY A 78 -18.94 6.12 -27.55
C GLY A 78 -20.18 7.02 -27.50
N TRP A 79 -20.89 7.05 -26.38
CA TRP A 79 -22.07 7.91 -26.26
C TRP A 79 -21.73 9.25 -25.59
N GLU A 80 -22.09 10.36 -26.23
CA GLU A 80 -21.88 11.67 -25.64
C GLU A 80 -23.24 12.29 -25.30
N MET A 81 -23.27 13.12 -24.27
CA MET A 81 -24.48 13.76 -23.84
C MET A 81 -24.27 15.28 -23.77
N LYS A 82 -24.99 16.05 -24.57
CA LYS A 82 -24.80 17.50 -24.61
C LYS A 82 -26.16 18.21 -24.80
N TYR A 83 -26.22 19.48 -24.40
CA TYR A 83 -27.47 20.25 -24.52
C TYR A 83 -27.34 21.36 -25.57
N THR A 84 -28.49 21.83 -26.06
CA THR A 84 -28.52 22.96 -26.98
C THR A 84 -28.64 24.26 -26.16
N SER A 85 -28.91 25.39 -26.81
CA SER A 85 -29.00 26.67 -26.10
C SER A 85 -30.42 26.95 -25.61
N GLU A 86 -31.29 25.96 -25.68
CA GLU A 86 -32.67 26.10 -25.23
C GLU A 86 -32.97 25.10 -24.12
N GLY A 87 -31.95 24.32 -23.78
CA GLY A 87 -32.13 23.29 -22.78
C GLY A 87 -32.51 21.96 -23.40
N VAL A 88 -32.58 21.92 -24.73
CA VAL A 88 -32.91 20.69 -25.43
C VAL A 88 -31.73 19.73 -25.37
N ARG A 89 -32.02 18.49 -24.99
CA ARG A 89 -30.98 17.49 -24.83
C ARG A 89 -30.87 16.63 -26.07
N TYR A 90 -29.69 16.60 -26.67
CA TYR A 90 -29.47 15.77 -27.85
C TYR A 90 -28.34 14.79 -27.55
N PHE A 91 -28.32 13.65 -28.21
CA PHE A 91 -27.32 12.64 -27.92
C PHE A 91 -26.47 12.42 -29.15
N VAL A 92 -25.21 12.13 -28.93
CA VAL A 92 -24.28 11.97 -30.03
C VAL A 92 -23.84 10.51 -30.17
N ASP A 93 -24.40 9.82 -31.16
CA ASP A 93 -23.94 8.46 -31.47
C ASP A 93 -22.57 8.57 -32.13
N HIS A 94 -21.51 8.63 -31.34
CA HIS A 94 -20.16 8.86 -31.88
C HIS A 94 -19.64 7.63 -32.61
N ASN A 95 -20.42 6.56 -32.58
CA ASN A 95 -20.08 5.35 -33.34
C ASN A 95 -20.32 5.58 -34.82
N THR A 96 -21.25 6.47 -35.13
CA THR A 96 -21.54 6.85 -36.51
C THR A 96 -21.29 8.35 -36.70
N ARG A 97 -21.02 9.02 -35.57
CA ARG A 97 -20.73 10.47 -35.54
C ARG A 97 -21.93 11.29 -35.97
N THR A 98 -23.08 10.75 -35.67
CA THR A 98 -24.33 11.40 -36.03
C THR A 98 -24.99 12.01 -34.78
N THR A 99 -25.79 13.05 -34.97
CA THR A 99 -26.51 13.66 -33.85
C THR A 99 -27.91 13.06 -33.78
N THR A 100 -28.27 12.44 -32.66
CA THR A 100 -29.53 11.75 -32.57
C THR A 100 -30.34 12.28 -31.39
N PHE A 101 -31.65 12.08 -31.45
CA PHE A 101 -32.52 12.46 -30.37
C PHE A 101 -33.15 11.20 -29.78
N LYS A 102 -32.57 10.73 -28.69
CA LYS A 102 -33.06 9.52 -28.03
C LYS A 102 -33.10 9.74 -26.52
N ASP A 103 -34.29 9.90 -25.99
CA ASP A 103 -34.48 10.10 -24.57
C ASP A 103 -34.48 8.77 -23.85
N PRO A 104 -33.64 8.63 -22.81
CA PRO A 104 -33.59 7.42 -22.00
C PRO A 104 -34.83 7.29 -21.13
N ARG A 105 -35.39 8.44 -20.79
CA ARG A 105 -36.60 8.50 -20.00
C ARG A 105 -37.75 8.97 -20.90
N PRO A 106 -38.83 8.17 -21.03
CA PRO A 106 -39.89 8.46 -22.00
C PRO A 106 -40.64 9.75 -21.69
N GLY A 107 -40.57 10.70 -22.62
CA GLY A 107 -41.29 11.95 -22.47
C GLY A 107 -40.56 12.98 -21.63
N PHE A 108 -39.82 12.52 -20.61
CA PHE A 108 -39.08 13.43 -19.69
C PHE A 108 -40.03 14.45 -19.03
N GLU A 109 -41.32 14.12 -19.01
CA GLU A 109 -42.35 14.96 -18.40
C GLU A 109 -42.47 16.31 -19.13
N GLY A 1 27.34 22.89 -0.74
CA GLY A 1 26.82 24.16 -1.32
C GLY A 1 26.08 24.98 -0.29
N SER A 2 25.24 25.88 -0.75
CA SER A 2 24.47 26.75 0.14
C SER A 2 23.33 25.98 0.80
N HIS A 3 22.92 26.43 1.97
CA HIS A 3 21.81 25.81 2.69
C HIS A 3 20.49 26.05 1.97
N MET A 4 20.00 25.07 1.22
CA MET A 4 18.71 25.19 0.56
C MET A 4 17.66 24.38 1.33
N GLN A 5 16.49 24.94 1.52
CA GLN A 5 15.44 24.29 2.30
C GLN A 5 14.65 23.28 1.47
N TYR A 6 14.35 22.15 2.09
CA TYR A 6 13.57 21.10 1.44
C TYR A 6 12.31 20.80 2.25
N LYS A 7 11.35 20.18 1.59
CA LYS A 7 10.04 19.92 2.20
C LYS A 7 9.72 18.43 2.16
N LEU A 8 9.11 17.91 3.24
CA LEU A 8 8.72 16.49 3.28
C LEU A 8 7.29 16.33 3.81
N ILE A 9 6.59 15.34 3.26
CA ILE A 9 5.25 14.99 3.68
C ILE A 9 5.18 13.50 3.95
N LEU A 10 4.71 13.12 5.13
CA LEU A 10 4.59 11.70 5.46
C LEU A 10 3.18 11.22 5.18
N ASN A 11 3.00 10.53 4.08
CA ASN A 11 1.72 9.96 3.71
C ASN A 11 1.67 8.51 4.16
N GLY A 12 1.28 8.32 5.39
CA GLY A 12 1.17 6.99 5.94
C GLY A 12 0.16 6.95 7.06
N LYS A 13 -0.69 5.93 7.06
CA LYS A 13 -1.73 5.78 8.10
C LYS A 13 -1.14 5.79 9.50
N THR A 14 0.14 5.48 9.63
CA THR A 14 0.78 5.46 10.93
C THR A 14 1.11 6.89 11.37
N LEU A 15 1.81 7.64 10.52
CA LEU A 15 2.19 9.01 10.82
C LEU A 15 1.92 9.93 9.64
N LYS A 16 0.87 10.73 9.74
CA LYS A 16 0.57 11.72 8.71
C LYS A 16 0.92 13.11 9.22
N GLY A 17 1.80 13.78 8.50
CA GLY A 17 2.26 15.09 8.92
C GLY A 17 3.28 15.65 7.95
N GLU A 18 3.88 16.78 8.29
CA GLU A 18 4.85 17.42 7.42
C GLU A 18 6.02 17.97 8.24
N THR A 19 7.11 18.30 7.53
CA THR A 19 8.30 18.87 8.17
C THR A 19 9.22 19.50 7.11
N THR A 20 10.27 20.18 7.58
CA THR A 20 11.24 20.83 6.70
C THR A 20 12.65 20.66 7.25
N THR A 21 13.65 20.74 6.38
CA THR A 21 15.03 20.64 6.83
C THR A 21 15.96 21.38 5.87
N GLU A 22 17.13 21.76 6.36
CA GLU A 22 18.11 22.44 5.54
C GLU A 22 19.11 21.43 4.99
N ALA A 23 19.52 21.62 3.74
CA ALA A 23 20.49 20.71 3.13
C ALA A 23 21.46 21.48 2.23
N VAL A 24 22.71 21.04 2.14
CA VAL A 24 23.68 21.68 1.28
C VAL A 24 23.87 20.91 -0.02
N ASP A 25 23.03 19.90 -0.21
CA ASP A 25 23.07 19.05 -1.41
C ASP A 25 21.75 18.28 -1.49
N ALA A 26 21.41 17.81 -2.66
CA ALA A 26 20.16 17.07 -2.87
C ALA A 26 20.24 15.68 -2.25
N ALA A 27 21.40 15.05 -2.34
CA ALA A 27 21.58 13.70 -1.83
C ALA A 27 21.49 13.67 -0.31
N THR A 28 21.96 14.75 0.31
CA THR A 28 21.97 14.86 1.76
C THR A 28 20.54 14.98 2.31
N ALA A 29 19.65 15.56 1.51
CA ALA A 29 18.27 15.80 1.94
C ALA A 29 17.52 14.48 2.06
N GLU A 30 17.73 13.60 1.09
CA GLU A 30 17.09 12.30 1.09
C GLU A 30 17.61 11.48 2.27
N LYS A 31 18.94 11.32 2.33
CA LYS A 31 19.58 10.52 3.37
C LYS A 31 19.12 10.89 4.79
N VAL A 32 19.02 12.18 5.07
CA VAL A 32 18.62 12.64 6.41
C VAL A 32 17.16 12.31 6.69
N PHE A 33 16.28 12.70 5.77
CA PHE A 33 14.85 12.46 5.94
C PHE A 33 14.51 10.97 5.91
N LYS A 34 15.37 10.15 5.31
CA LYS A 34 15.12 8.72 5.25
C LYS A 34 15.32 8.10 6.62
N GLN A 35 16.36 8.54 7.31
CA GLN A 35 16.61 8.10 8.67
C GLN A 35 15.54 8.68 9.60
N TYR A 36 15.08 9.87 9.23
CA TYR A 36 14.03 10.58 9.96
C TYR A 36 12.71 9.81 9.84
N ALA A 37 12.35 9.49 8.61
CA ALA A 37 11.14 8.72 8.32
C ALA A 37 11.28 7.30 8.86
N ASN A 38 12.53 6.82 8.89
CA ASN A 38 12.83 5.46 9.36
C ASN A 38 12.46 5.32 10.84
N ASP A 39 12.72 6.36 11.62
CA ASP A 39 12.39 6.35 13.05
C ASP A 39 10.89 6.18 13.28
N ASN A 40 10.10 6.59 12.30
CA ASN A 40 8.67 6.49 12.42
C ASN A 40 8.15 5.32 11.61
N GLY A 41 9.06 4.53 11.07
CA GLY A 41 8.71 3.36 10.29
C GLY A 41 7.99 3.71 9.00
N VAL A 42 8.14 4.94 8.54
CA VAL A 42 7.49 5.38 7.33
C VAL A 42 8.46 5.42 6.18
N ASP A 43 8.32 4.45 5.29
CA ASP A 43 9.12 4.41 4.09
C ASP A 43 8.26 3.87 2.97
N GLY A 44 8.41 4.45 1.78
CA GLY A 44 7.55 4.10 0.67
C GLY A 44 8.07 4.69 -0.62
N GLU A 45 7.27 4.63 -1.67
CA GLU A 45 7.65 5.22 -2.95
C GLU A 45 8.00 6.70 -2.79
N TRP A 46 9.28 7.01 -2.97
CA TRP A 46 9.77 8.39 -2.83
C TRP A 46 9.52 9.19 -4.10
N THR A 47 8.55 10.08 -4.03
CA THR A 47 8.22 10.95 -5.15
C THR A 47 8.69 12.37 -4.86
N TYR A 48 8.91 13.17 -5.89
CA TYR A 48 9.41 14.52 -5.70
C TYR A 48 8.85 15.47 -6.75
N ASP A 49 8.66 16.73 -6.36
CA ASP A 49 8.19 17.77 -7.30
C ASP A 49 9.25 18.86 -7.39
N ASP A 50 9.45 19.40 -8.59
CA ASP A 50 10.51 20.39 -8.83
C ASP A 50 10.11 21.77 -8.32
N ALA A 51 8.85 22.11 -8.48
CA ALA A 51 8.38 23.45 -8.10
C ALA A 51 8.28 23.64 -6.59
N THR A 52 8.07 22.56 -5.86
CA THR A 52 7.88 22.65 -4.43
C THR A 52 9.05 22.10 -3.60
N LYS A 53 9.95 21.33 -4.23
CA LYS A 53 11.08 20.70 -3.51
C LYS A 53 10.54 19.78 -2.41
N THR A 54 9.32 19.32 -2.61
CA THR A 54 8.63 18.47 -1.67
C THR A 54 8.90 16.98 -1.93
N TYR A 55 9.57 16.34 -0.99
CA TYR A 55 9.75 14.90 -1.01
C TYR A 55 8.50 14.26 -0.40
N THR A 56 7.83 13.42 -1.17
CA THR A 56 6.62 12.78 -0.69
C THR A 56 6.87 11.29 -0.50
N VAL A 57 6.73 10.82 0.74
CA VAL A 57 6.90 9.40 1.03
C VAL A 57 5.55 8.81 1.39
N THR A 58 5.07 7.93 0.54
CA THR A 58 3.75 7.34 0.70
C THR A 58 3.84 5.87 1.08
N GLU A 59 3.11 5.48 2.12
CA GLU A 59 3.06 4.07 2.54
C GLU A 59 2.22 3.27 1.55
N GLY A 60 2.50 1.97 1.44
CA GLY A 60 1.78 1.14 0.50
C GLY A 60 1.68 -0.29 0.98
N SER A 61 1.33 -1.20 0.07
CA SER A 61 1.20 -2.62 0.39
C SER A 61 0.10 -2.84 1.43
N GLY A 62 0.10 -4.02 2.06
CA GLY A 62 -0.90 -4.31 3.06
C GLY A 62 -1.55 -5.67 2.82
N GLY A 63 -2.84 -5.79 3.15
CA GLY A 63 -3.54 -7.05 2.95
C GLY A 63 -3.74 -7.38 1.48
N ALA A 64 -3.46 -6.38 0.62
CA ALA A 64 -3.57 -6.51 -0.84
C ALA A 64 -5.03 -6.51 -1.30
N GLY A 65 -5.81 -7.45 -0.79
CA GLY A 65 -7.20 -7.55 -1.17
C GLY A 65 -7.38 -8.44 -2.38
N GLY A 66 -7.56 -9.74 -2.15
CA GLY A 66 -7.73 -10.67 -3.24
C GLY A 66 -9.18 -10.84 -3.63
N GLN A 67 -10.05 -10.09 -2.97
CA GLN A 67 -11.49 -10.16 -3.23
C GLN A 67 -12.11 -8.78 -3.14
N GLY A 68 -12.80 -8.38 -4.20
CA GLY A 68 -13.49 -7.10 -4.19
C GLY A 68 -14.90 -7.25 -3.68
N MET A 69 -15.74 -7.94 -4.47
CA MET A 69 -17.13 -8.23 -4.12
C MET A 69 -17.97 -6.96 -3.89
N ILE A 70 -17.43 -5.82 -4.29
CA ILE A 70 -18.12 -4.55 -4.11
C ILE A 70 -18.08 -3.79 -5.44
N GLN A 71 -18.99 -4.13 -6.34
CA GLN A 71 -19.03 -3.48 -7.63
C GLN A 71 -20.28 -2.63 -7.77
N GLU A 72 -20.87 -2.28 -6.64
CA GLU A 72 -22.06 -1.43 -6.62
C GLU A 72 -21.71 -0.03 -7.12
N PRO A 73 -22.67 0.64 -7.78
CA PRO A 73 -22.43 1.94 -8.42
C PRO A 73 -22.34 3.13 -7.46
N ALA A 74 -22.08 4.29 -8.06
CA ALA A 74 -22.03 5.57 -7.36
C ALA A 74 -20.72 5.81 -6.59
N LEU A 75 -19.85 6.60 -7.19
CA LEU A 75 -18.62 7.06 -6.55
C LEU A 75 -18.84 8.48 -6.07
N PRO A 76 -18.23 8.90 -4.94
CA PRO A 76 -18.37 10.26 -4.47
C PRO A 76 -17.53 11.21 -5.33
N PRO A 77 -18.04 12.44 -5.58
CA PRO A 77 -17.36 13.44 -6.42
C PRO A 77 -15.85 13.51 -6.21
N GLY A 78 -15.11 13.45 -7.31
CA GLY A 78 -13.65 13.52 -7.22
C GLY A 78 -12.96 12.16 -7.11
N TRP A 79 -13.71 11.11 -6.77
CA TRP A 79 -13.10 9.78 -6.59
C TRP A 79 -13.19 8.95 -7.88
N GLU A 80 -12.19 8.10 -8.11
CA GLU A 80 -12.18 7.20 -9.27
C GLU A 80 -11.85 5.78 -8.79
N MET A 81 -12.44 4.79 -9.45
CA MET A 81 -12.26 3.42 -9.05
C MET A 81 -11.76 2.58 -10.23
N LYS A 82 -10.67 1.83 -10.04
CA LYS A 82 -10.10 0.99 -11.09
C LYS A 82 -9.43 -0.23 -10.46
N TYR A 83 -9.35 -1.33 -11.21
CA TYR A 83 -8.74 -2.57 -10.71
C TYR A 83 -7.37 -2.79 -11.37
N THR A 84 -6.52 -3.58 -10.74
CA THR A 84 -5.24 -3.92 -11.34
C THR A 84 -5.36 -5.28 -12.03
N SER A 85 -4.32 -5.69 -12.73
CA SER A 85 -4.34 -6.95 -13.46
C SER A 85 -4.14 -8.16 -12.54
N GLU A 86 -4.16 -7.93 -11.22
CA GLU A 86 -3.93 -8.98 -10.24
C GLU A 86 -5.15 -9.14 -9.34
N GLY A 87 -6.21 -8.41 -9.65
CA GLY A 87 -7.41 -8.48 -8.85
C GLY A 87 -7.40 -7.49 -7.71
N VAL A 88 -6.31 -6.74 -7.59
CA VAL A 88 -6.18 -5.74 -6.55
C VAL A 88 -6.94 -4.48 -6.94
N ARG A 89 -7.50 -3.79 -5.96
CA ARG A 89 -8.28 -2.60 -6.20
C ARG A 89 -7.56 -1.36 -5.69
N TYR A 90 -7.42 -0.36 -6.54
CA TYR A 90 -6.79 0.89 -6.13
C TYR A 90 -7.70 2.06 -6.47
N PHE A 91 -7.55 3.18 -5.77
CA PHE A 91 -8.40 4.32 -5.99
C PHE A 91 -7.59 5.51 -6.46
N VAL A 92 -8.24 6.40 -7.20
CA VAL A 92 -7.58 7.56 -7.75
C VAL A 92 -8.33 8.84 -7.37
N ASP A 93 -7.71 9.68 -6.54
CA ASP A 93 -8.30 10.96 -6.17
C ASP A 93 -8.09 11.96 -7.31
N HIS A 94 -9.05 12.11 -8.21
CA HIS A 94 -8.91 13.05 -9.33
C HIS A 94 -9.07 14.50 -8.85
N ASN A 95 -9.40 14.66 -7.59
CA ASN A 95 -9.51 15.99 -6.99
C ASN A 95 -8.11 16.54 -6.70
N THR A 96 -7.18 15.64 -6.40
CA THR A 96 -5.80 16.02 -6.16
C THR A 96 -4.88 15.42 -7.23
N ARG A 97 -5.46 14.52 -8.03
CA ARG A 97 -4.75 13.87 -9.15
C ARG A 97 -3.63 12.99 -8.61
N THR A 98 -3.99 12.29 -7.56
CA THR A 98 -3.09 11.38 -6.85
C THR A 98 -3.68 9.97 -6.82
N THR A 99 -2.87 8.99 -6.44
CA THR A 99 -3.33 7.61 -6.34
C THR A 99 -3.32 7.17 -4.87
N THR A 100 -4.34 6.46 -4.42
CA THR A 100 -4.39 6.04 -3.03
C THR A 100 -5.00 4.65 -2.88
N PHE A 101 -4.56 3.92 -1.86
CA PHE A 101 -5.09 2.61 -1.56
C PHE A 101 -6.03 2.71 -0.36
N LYS A 102 -7.32 2.75 -0.62
CA LYS A 102 -8.30 2.86 0.43
C LYS A 102 -9.15 1.60 0.48
N ASP A 103 -9.55 1.22 1.67
CA ASP A 103 -10.38 0.07 1.88
C ASP A 103 -11.84 0.41 1.56
N PRO A 104 -12.51 -0.44 0.76
CA PRO A 104 -13.92 -0.27 0.43
C PRO A 104 -14.80 -0.69 1.60
N ARG A 105 -14.39 -1.75 2.27
CA ARG A 105 -15.09 -2.25 3.44
C ARG A 105 -14.22 -2.04 4.68
N PRO A 106 -14.60 -1.10 5.57
CA PRO A 106 -13.84 -0.86 6.81
C PRO A 106 -13.56 -2.16 7.57
N GLY A 107 -12.32 -2.36 7.96
CA GLY A 107 -11.94 -3.59 8.66
C GLY A 107 -11.80 -4.83 7.75
N PHE A 108 -11.75 -4.63 6.43
CA PHE A 108 -11.57 -5.75 5.50
C PHE A 108 -10.16 -5.70 4.90
N GLU A 109 -9.62 -6.87 4.52
CA GLU A 109 -8.29 -6.94 3.94
C GLU A 109 -8.15 -8.26 3.18
N GLY A 1 23.96 31.50 3.73
CA GLY A 1 24.77 30.46 3.04
C GLY A 1 23.96 29.72 2.01
N SER A 2 24.62 28.85 1.24
CA SER A 2 23.95 28.07 0.21
C SER A 2 23.15 26.94 0.85
N HIS A 3 21.97 27.25 1.31
CA HIS A 3 21.08 26.28 1.91
C HIS A 3 19.77 26.21 1.13
N MET A 4 19.16 25.03 1.06
CA MET A 4 17.87 24.89 0.41
C MET A 4 16.88 24.31 1.41
N GLN A 5 15.68 24.85 1.47
CA GLN A 5 14.69 24.37 2.42
C GLN A 5 13.94 23.18 1.83
N TYR A 6 14.35 21.98 2.22
CA TYR A 6 13.69 20.78 1.73
C TYR A 6 12.58 20.40 2.71
N LYS A 7 11.43 20.05 2.17
CA LYS A 7 10.28 19.70 2.97
C LYS A 7 9.84 18.28 2.68
N LEU A 8 9.31 17.63 3.68
CA LEU A 8 8.90 16.24 3.56
C LEU A 8 7.46 16.07 4.02
N ILE A 9 6.71 15.24 3.31
CA ILE A 9 5.36 14.94 3.68
C ILE A 9 5.24 13.45 3.92
N LEU A 10 4.82 13.08 5.12
CA LEU A 10 4.67 11.67 5.44
C LEU A 10 3.28 11.22 5.10
N ASN A 11 3.12 10.67 3.91
CA ASN A 11 1.83 10.19 3.50
C ASN A 11 1.67 8.77 4.00
N GLY A 12 1.26 8.63 5.24
CA GLY A 12 1.04 7.31 5.80
C GLY A 12 -0.27 7.24 6.57
N LYS A 13 -1.06 6.23 6.27
CA LYS A 13 -2.38 6.03 6.85
C LYS A 13 -2.37 6.11 8.38
N THR A 14 -1.27 5.72 9.00
CA THR A 14 -1.19 5.72 10.46
C THR A 14 -0.87 7.13 10.99
N LEU A 15 0.04 7.83 10.34
CA LEU A 15 0.39 9.17 10.72
C LEU A 15 0.70 9.99 9.47
N LYS A 16 0.02 11.11 9.34
CA LYS A 16 0.23 11.99 8.21
C LYS A 16 0.65 13.36 8.73
N GLY A 17 1.65 13.96 8.10
CA GLY A 17 2.15 15.24 8.56
C GLY A 17 3.31 15.74 7.72
N GLU A 18 3.95 16.80 8.18
CA GLU A 18 5.06 17.41 7.45
C GLU A 18 6.25 17.64 8.36
N THR A 19 7.36 18.01 7.74
CA THR A 19 8.59 18.34 8.45
C THR A 19 9.56 19.00 7.48
N THR A 20 10.48 19.80 8.00
CA THR A 20 11.42 20.53 7.16
C THR A 20 12.85 20.40 7.66
N THR A 21 13.81 20.65 6.79
CA THR A 21 15.23 20.62 7.14
C THR A 21 16.01 21.41 6.11
N GLU A 22 17.18 21.90 6.50
CA GLU A 22 18.02 22.65 5.59
C GLU A 22 19.16 21.77 5.07
N ALA A 23 19.34 21.75 3.75
CA ALA A 23 20.41 20.95 3.17
C ALA A 23 21.00 21.68 1.96
N VAL A 24 22.23 21.36 1.60
CA VAL A 24 22.87 22.01 0.46
C VAL A 24 22.70 21.19 -0.83
N ASP A 25 22.04 20.04 -0.72
CA ASP A 25 21.82 19.16 -1.86
C ASP A 25 20.58 18.30 -1.64
N ALA A 26 20.02 17.81 -2.74
CA ALA A 26 18.80 17.02 -2.70
C ALA A 26 19.08 15.59 -2.26
N ALA A 27 20.15 15.00 -2.78
CA ALA A 27 20.50 13.62 -2.46
C ALA A 27 20.92 13.52 -1.00
N THR A 28 21.49 14.59 -0.50
CA THR A 28 21.91 14.68 0.89
C THR A 28 20.71 14.81 1.82
N ALA A 29 19.63 15.40 1.31
CA ALA A 29 18.41 15.59 2.11
C ALA A 29 17.69 14.26 2.24
N GLU A 30 17.72 13.50 1.15
CA GLU A 30 17.17 12.15 1.11
C GLU A 30 17.68 11.33 2.28
N LYS A 31 19.01 11.17 2.32
CA LYS A 31 19.70 10.36 3.33
C LYS A 31 19.26 10.70 4.75
N VAL A 32 19.13 11.99 5.06
CA VAL A 32 18.77 12.42 6.40
C VAL A 32 17.30 12.13 6.70
N PHE A 33 16.43 12.48 5.76
CA PHE A 33 15.00 12.26 5.93
C PHE A 33 14.64 10.77 5.91
N LYS A 34 15.51 9.95 5.34
CA LYS A 34 15.26 8.53 5.27
C LYS A 34 15.42 7.91 6.65
N GLN A 35 16.47 8.33 7.36
CA GLN A 35 16.67 7.90 8.74
C GLN A 35 15.56 8.48 9.60
N TYR A 36 15.07 9.65 9.20
CA TYR A 36 13.98 10.31 9.90
C TYR A 36 12.68 9.51 9.72
N ALA A 37 12.33 9.21 8.48
CA ALA A 37 11.13 8.44 8.18
C ALA A 37 11.24 7.04 8.77
N ASN A 38 12.46 6.51 8.73
CA ASN A 38 12.77 5.19 9.30
C ASN A 38 12.39 5.15 10.77
N ASP A 39 12.76 6.20 11.49
CA ASP A 39 12.52 6.28 12.92
C ASP A 39 11.05 6.54 13.22
N ASN A 40 10.33 7.03 12.22
CA ASN A 40 8.92 7.33 12.37
C ASN A 40 8.06 6.14 11.97
N GLY A 41 8.70 5.16 11.34
CA GLY A 41 8.00 3.96 10.93
C GLY A 41 7.44 4.05 9.52
N VAL A 42 7.85 5.08 8.78
CA VAL A 42 7.39 5.28 7.42
C VAL A 42 8.39 4.76 6.41
N ASP A 43 7.91 3.95 5.49
CA ASP A 43 8.74 3.36 4.44
C ASP A 43 7.89 3.13 3.18
N GLY A 44 7.99 4.04 2.22
CA GLY A 44 7.17 3.97 1.03
C GLY A 44 7.85 4.61 -0.17
N GLU A 45 7.08 4.80 -1.23
CA GLU A 45 7.59 5.39 -2.48
C GLU A 45 8.27 6.74 -2.21
N TRP A 46 9.25 7.07 -3.03
CA TRP A 46 10.00 8.32 -2.87
C TRP A 46 10.00 9.14 -4.16
N THR A 47 9.34 10.29 -4.12
CA THR A 47 9.30 11.19 -5.26
C THR A 47 9.69 12.61 -4.84
N TYR A 48 10.22 13.38 -5.78
CA TYR A 48 10.66 14.73 -5.50
C TYR A 48 10.18 15.72 -6.57
N ASP A 49 9.96 16.96 -6.15
CA ASP A 49 9.58 18.03 -7.09
C ASP A 49 10.51 19.22 -6.84
N ASP A 50 11.09 19.77 -7.90
CA ASP A 50 12.13 20.80 -7.74
C ASP A 50 11.53 22.19 -7.65
N ALA A 51 10.24 22.31 -7.90
CA ALA A 51 9.58 23.61 -7.84
C ALA A 51 9.35 24.05 -6.40
N THR A 52 9.09 23.10 -5.50
CA THR A 52 8.85 23.44 -4.11
C THR A 52 9.82 22.76 -3.14
N LYS A 53 10.83 22.05 -3.68
CA LYS A 53 11.81 21.33 -2.86
C LYS A 53 11.10 20.40 -1.87
N THR A 54 10.18 19.61 -2.38
CA THR A 54 9.40 18.73 -1.54
C THR A 54 9.65 17.26 -1.86
N TYR A 55 10.05 16.49 -0.86
CA TYR A 55 10.18 15.04 -1.00
C TYR A 55 8.93 14.38 -0.45
N THR A 56 8.42 13.40 -1.15
CA THR A 56 7.21 12.71 -0.74
C THR A 56 7.47 11.25 -0.44
N VAL A 57 7.07 10.81 0.74
CA VAL A 57 7.21 9.41 1.11
C VAL A 57 5.82 8.85 1.44
N THR A 58 5.28 8.09 0.50
CA THR A 58 3.93 7.55 0.64
C THR A 58 3.97 6.07 1.01
N GLU A 59 3.22 5.72 2.04
CA GLU A 59 3.16 4.32 2.51
C GLU A 59 2.55 3.42 1.42
N GLY A 60 3.05 2.19 1.29
CA GLY A 60 2.56 1.30 0.26
C GLY A 60 1.62 0.24 0.82
N SER A 61 1.37 -0.80 0.04
CA SER A 61 0.49 -1.88 0.47
C SER A 61 1.26 -3.19 0.52
N GLY A 62 1.34 -3.78 1.71
CA GLY A 62 2.05 -5.03 1.89
C GLY A 62 1.38 -5.93 2.90
N GLY A 63 2.02 -7.04 3.23
CA GLY A 63 1.45 -7.97 4.19
C GLY A 63 1.84 -7.62 5.62
N ALA A 64 2.97 -6.94 5.77
CA ALA A 64 3.44 -6.54 7.09
C ALA A 64 2.48 -5.56 7.72
N GLY A 65 2.22 -5.75 9.00
CA GLY A 65 1.30 -4.90 9.71
C GLY A 65 0.22 -5.69 10.40
N GLY A 66 -0.22 -6.76 9.76
CA GLY A 66 -1.22 -7.63 10.36
C GLY A 66 -0.63 -8.49 11.45
N GLN A 67 0.58 -9.00 11.17
CA GLN A 67 1.36 -9.80 12.13
C GLN A 67 0.68 -11.14 12.43
N GLY A 68 1.42 -12.03 13.06
CA GLY A 68 0.89 -13.33 13.43
C GLY A 68 1.79 -14.05 14.42
N MET A 69 3.10 -13.92 14.21
CA MET A 69 4.12 -14.54 15.07
C MET A 69 4.02 -16.06 15.05
N ILE A 70 4.72 -16.68 15.99
CA ILE A 70 4.79 -18.13 16.10
C ILE A 70 5.63 -18.68 14.96
N GLN A 71 6.89 -18.28 14.99
CA GLN A 71 7.88 -18.70 14.02
C GLN A 71 8.93 -19.54 14.73
N GLU A 72 8.54 -20.07 15.88
CA GLU A 72 9.43 -20.88 16.70
C GLU A 72 9.45 -22.31 16.15
N PRO A 73 10.37 -23.16 16.64
CA PRO A 73 10.46 -24.56 16.20
C PRO A 73 9.24 -25.39 16.60
N ALA A 74 9.27 -26.66 16.24
CA ALA A 74 8.17 -27.60 16.50
C ALA A 74 6.92 -27.27 15.68
N LEU A 75 6.16 -28.31 15.34
CA LEU A 75 4.93 -28.14 14.57
C LEU A 75 3.73 -28.22 15.52
N PRO A 76 2.58 -27.56 15.21
CA PRO A 76 1.38 -27.68 16.05
C PRO A 76 0.98 -29.14 16.27
N PRO A 77 0.44 -29.45 17.45
CA PRO A 77 0.04 -30.81 17.84
C PRO A 77 -0.74 -31.56 16.76
N GLY A 78 -0.25 -32.74 16.41
CA GLY A 78 -0.91 -33.56 15.41
C GLY A 78 -0.57 -33.19 13.96
N TRP A 79 0.09 -32.06 13.74
CA TRP A 79 0.42 -31.65 12.38
C TRP A 79 1.84 -32.08 12.01
N GLU A 80 2.02 -32.63 10.81
CA GLU A 80 3.35 -33.05 10.36
C GLU A 80 3.75 -32.22 9.13
N MET A 81 5.05 -32.06 8.94
CA MET A 81 5.55 -31.29 7.82
C MET A 81 6.72 -32.03 7.17
N LYS A 82 6.72 -32.10 5.83
CA LYS A 82 7.75 -32.82 5.09
C LYS A 82 7.74 -32.34 3.64
N TYR A 83 8.86 -32.55 2.93
CA TYR A 83 8.99 -32.05 1.56
C TYR A 83 8.81 -33.18 0.54
N THR A 84 8.44 -32.81 -0.69
CA THR A 84 8.29 -33.78 -1.77
C THR A 84 9.66 -34.06 -2.40
N SER A 85 9.67 -34.80 -3.50
CA SER A 85 10.93 -35.14 -4.17
C SER A 85 11.38 -34.03 -5.13
N GLU A 86 10.74 -32.87 -5.01
CA GLU A 86 11.09 -31.71 -5.85
C GLU A 86 11.49 -30.54 -4.95
N GLY A 87 11.43 -30.77 -3.64
CA GLY A 87 11.73 -29.71 -2.69
C GLY A 87 10.50 -28.90 -2.32
N VAL A 88 9.35 -29.34 -2.78
CA VAL A 88 8.10 -28.64 -2.50
C VAL A 88 7.61 -28.97 -1.09
N ARG A 89 7.11 -27.95 -0.39
CA ARG A 89 6.67 -28.10 0.99
C ARG A 89 5.19 -28.46 1.03
N TYR A 90 4.84 -29.45 1.84
CA TYR A 90 3.45 -29.83 2.03
C TYR A 90 3.19 -30.16 3.49
N PHE A 91 1.94 -30.04 3.93
CA PHE A 91 1.59 -30.33 5.31
C PHE A 91 0.69 -31.56 5.37
N VAL A 92 0.76 -32.26 6.49
CA VAL A 92 0.01 -33.51 6.64
C VAL A 92 -0.99 -33.43 7.79
N ASP A 93 -2.24 -33.78 7.53
CA ASP A 93 -3.23 -33.86 8.60
C ASP A 93 -3.27 -35.30 9.09
N HIS A 94 -3.19 -35.51 10.40
CA HIS A 94 -3.10 -36.86 10.92
C HIS A 94 -4.47 -37.51 11.08
N ASN A 95 -5.53 -36.71 11.18
CA ASN A 95 -6.86 -37.25 11.44
C ASN A 95 -7.52 -37.75 10.16
N THR A 96 -7.30 -37.06 9.06
CA THR A 96 -7.89 -37.46 7.79
C THR A 96 -6.91 -38.25 6.94
N ARG A 97 -5.63 -38.15 7.28
CA ARG A 97 -4.55 -38.77 6.51
C ARG A 97 -4.59 -38.26 5.08
N THR A 98 -4.21 -37.00 4.95
CA THR A 98 -4.24 -36.32 3.67
C THR A 98 -3.05 -35.38 3.57
N THR A 99 -2.81 -34.84 2.38
CA THR A 99 -1.73 -33.91 2.17
C THR A 99 -2.28 -32.55 1.71
N THR A 100 -1.97 -31.47 2.43
CA THR A 100 -2.51 -30.16 2.10
C THR A 100 -1.39 -29.13 2.06
N PHE A 101 -1.62 -28.03 1.35
CA PHE A 101 -0.63 -26.97 1.22
C PHE A 101 -1.02 -25.77 2.07
N LYS A 102 -0.37 -25.63 3.23
CA LYS A 102 -0.64 -24.51 4.10
C LYS A 102 0.68 -23.97 4.66
N ASP A 103 1.23 -22.97 4.01
CA ASP A 103 2.48 -22.35 4.45
C ASP A 103 2.23 -20.87 4.73
N PRO A 104 2.68 -20.37 5.90
CA PRO A 104 2.49 -18.98 6.29
C PRO A 104 3.32 -18.00 5.46
N ARG A 105 4.26 -18.53 4.68
CA ARG A 105 5.11 -17.70 3.84
C ARG A 105 4.36 -17.22 2.61
N PRO A 106 4.04 -15.92 2.51
CA PRO A 106 3.34 -15.39 1.33
C PRO A 106 4.11 -15.66 0.04
N GLY A 107 3.49 -16.39 -0.86
CA GLY A 107 4.09 -16.69 -2.15
C GLY A 107 5.08 -17.85 -2.12
N PHE A 108 5.83 -18.00 -1.01
CA PHE A 108 6.87 -19.06 -0.85
C PHE A 108 7.71 -19.29 -2.12
N GLU A 109 7.83 -18.23 -2.91
CA GLU A 109 8.57 -18.26 -4.17
C GLU A 109 8.48 -16.88 -4.82
N GLY A 1 19.98 31.49 2.93
CA GLY A 1 21.43 31.34 3.17
C GLY A 1 22.08 30.39 2.19
N SER A 2 23.14 29.73 2.63
CA SER A 2 23.88 28.79 1.79
C SER A 2 23.13 27.48 1.67
N HIS A 3 22.26 27.20 2.62
CA HIS A 3 21.48 25.97 2.62
C HIS A 3 20.14 26.22 1.92
N MET A 4 19.51 25.15 1.41
CA MET A 4 18.21 25.30 0.75
C MET A 4 17.15 24.57 1.57
N GLN A 5 16.00 25.20 1.73
CA GLN A 5 14.91 24.60 2.49
C GLN A 5 14.27 23.44 1.74
N TYR A 6 14.36 22.25 2.33
CA TYR A 6 13.74 21.06 1.75
C TYR A 6 12.62 20.61 2.68
N LYS A 7 11.49 20.25 2.12
CA LYS A 7 10.35 19.84 2.93
C LYS A 7 9.95 18.41 2.66
N LEU A 8 9.36 17.79 3.66
CA LEU A 8 8.94 16.38 3.58
C LEU A 8 7.47 16.25 3.95
N ILE A 9 6.81 15.31 3.31
CA ILE A 9 5.41 15.02 3.60
C ILE A 9 5.26 13.53 3.87
N LEU A 10 4.82 13.18 5.07
CA LEU A 10 4.65 11.78 5.43
C LEU A 10 3.23 11.35 5.10
N ASN A 11 3.10 10.54 4.07
CA ASN A 11 1.79 10.06 3.68
C ASN A 11 1.63 8.61 4.11
N GLY A 12 1.18 8.43 5.35
CA GLY A 12 0.92 7.09 5.86
C GLY A 12 -0.48 6.97 6.41
N LYS A 13 -0.69 6.00 7.27
CA LYS A 13 -2.02 5.82 7.88
C LYS A 13 -2.14 6.56 9.22
N THR A 14 -1.30 6.27 10.20
CA THR A 14 -1.38 6.92 11.50
C THR A 14 -0.39 8.07 11.60
N LEU A 15 0.54 8.13 10.66
CA LEU A 15 1.53 9.17 10.63
C LEU A 15 1.35 10.02 9.39
N LYS A 16 0.67 11.14 9.56
CA LYS A 16 0.40 12.06 8.48
C LYS A 16 0.71 13.48 8.93
N GLY A 17 1.69 14.07 8.28
CA GLY A 17 2.14 15.39 8.64
C GLY A 17 3.29 15.81 7.76
N GLU A 18 3.90 16.93 8.08
CA GLU A 18 5.02 17.44 7.31
C GLU A 18 6.14 17.92 8.22
N THR A 19 7.29 18.21 7.62
CA THR A 19 8.45 18.69 8.34
C THR A 19 9.41 19.36 7.36
N THR A 20 10.42 20.06 7.88
CA THR A 20 11.35 20.77 7.02
C THR A 20 12.79 20.70 7.55
N THR A 21 13.75 20.82 6.64
CA THR A 21 15.16 20.84 7.01
C THR A 21 15.94 21.59 5.93
N GLU A 22 17.09 22.12 6.26
CA GLU A 22 17.89 22.87 5.30
C GLU A 22 19.10 22.04 4.85
N ALA A 23 19.23 21.83 3.55
CA ALA A 23 20.33 21.04 2.99
C ALA A 23 20.85 21.69 1.72
N VAL A 24 22.09 21.39 1.33
CA VAL A 24 22.67 21.99 0.13
C VAL A 24 22.57 21.03 -1.05
N ASP A 25 21.87 19.92 -0.87
CA ASP A 25 21.78 18.90 -1.92
C ASP A 25 20.51 18.08 -1.77
N ALA A 26 20.09 17.47 -2.86
CA ALA A 26 18.87 16.67 -2.88
C ALA A 26 19.11 15.27 -2.31
N ALA A 27 20.24 14.67 -2.68
CA ALA A 27 20.58 13.32 -2.22
C ALA A 27 20.89 13.35 -0.74
N THR A 28 21.53 14.43 -0.32
CA THR A 28 21.87 14.64 1.08
C THR A 28 20.60 14.85 1.91
N ALA A 29 19.56 15.41 1.30
CA ALA A 29 18.30 15.66 2.00
C ALA A 29 17.53 14.36 2.13
N GLU A 30 17.62 13.54 1.08
CA GLU A 30 16.99 12.24 1.06
C GLU A 30 17.48 11.38 2.22
N LYS A 31 18.78 11.11 2.21
CA LYS A 31 19.42 10.26 3.23
C LYS A 31 19.02 10.63 4.66
N VAL A 32 19.00 11.92 4.97
CA VAL A 32 18.68 12.36 6.33
C VAL A 32 17.22 12.10 6.65
N PHE A 33 16.32 12.51 5.76
CA PHE A 33 14.89 12.31 5.97
C PHE A 33 14.53 10.83 5.95
N LYS A 34 15.38 9.99 5.36
CA LYS A 34 15.13 8.56 5.32
C LYS A 34 15.21 8.00 6.72
N GLN A 35 16.21 8.43 7.47
CA GLN A 35 16.40 8.00 8.84
C GLN A 35 15.30 8.60 9.72
N TYR A 36 14.86 9.79 9.33
CA TYR A 36 13.78 10.48 10.02
C TYR A 36 12.47 9.68 9.88
N ALA A 37 12.17 9.29 8.65
CA ALA A 37 10.97 8.50 8.38
C ALA A 37 11.12 7.08 8.90
N ASN A 38 12.32 6.54 8.74
CA ASN A 38 12.66 5.18 9.20
C ASN A 38 12.42 5.05 10.70
N ASP A 39 12.83 6.06 11.45
CA ASP A 39 12.70 6.04 12.91
C ASP A 39 11.23 6.14 13.34
N ASN A 40 10.37 6.60 12.44
CA ASN A 40 8.95 6.70 12.74
C ASN A 40 8.19 5.52 12.15
N GLY A 41 8.86 4.71 11.34
CA GLY A 41 8.23 3.55 10.76
C GLY A 41 7.54 3.86 9.45
N VAL A 42 8.01 4.88 8.74
CA VAL A 42 7.44 5.24 7.46
C VAL A 42 8.42 5.02 6.33
N ASP A 43 8.05 4.15 5.41
CA ASP A 43 8.85 3.88 4.23
C ASP A 43 7.92 3.62 3.06
N GLY A 44 8.33 4.02 1.87
CA GLY A 44 7.48 3.90 0.72
C GLY A 44 8.13 4.47 -0.51
N GLU A 45 7.35 4.61 -1.58
CA GLU A 45 7.83 5.22 -2.81
C GLU A 45 8.32 6.64 -2.53
N TRP A 46 9.46 6.99 -3.10
CA TRP A 46 10.04 8.31 -2.88
C TRP A 46 9.94 9.16 -4.14
N THR A 47 9.11 10.18 -4.08
CA THR A 47 8.93 11.09 -5.19
C THR A 47 9.46 12.48 -4.83
N TYR A 48 10.00 13.19 -5.81
CA TYR A 48 10.60 14.49 -5.56
C TYR A 48 10.07 15.55 -6.54
N ASP A 49 9.64 16.69 -6.00
CA ASP A 49 9.16 17.78 -6.85
C ASP A 49 10.17 18.92 -6.73
N ASP A 50 11.01 19.11 -7.76
CA ASP A 50 12.11 20.07 -7.70
C ASP A 50 11.59 21.52 -7.67
N ALA A 51 10.37 21.73 -8.15
CA ALA A 51 9.79 23.07 -8.17
C ALA A 51 9.43 23.53 -6.77
N THR A 52 9.02 22.59 -5.92
CA THR A 52 8.65 22.92 -4.55
C THR A 52 9.71 22.47 -3.53
N LYS A 53 10.75 21.79 -4.02
CA LYS A 53 11.81 21.25 -3.14
C LYS A 53 11.20 20.39 -2.05
N THR A 54 10.34 19.49 -2.46
CA THR A 54 9.63 18.64 -1.53
C THR A 54 9.83 17.17 -1.87
N TYR A 55 10.19 16.39 -0.85
CA TYR A 55 10.26 14.94 -0.98
C TYR A 55 9.01 14.35 -0.37
N THR A 56 8.37 13.45 -1.09
CA THR A 56 7.15 12.83 -0.59
C THR A 56 7.34 11.33 -0.40
N VAL A 57 7.15 10.85 0.82
CA VAL A 57 7.24 9.42 1.12
C VAL A 57 5.83 8.88 1.33
N THR A 58 5.39 8.07 0.40
CA THR A 58 4.04 7.54 0.42
C THR A 58 4.05 6.08 0.82
N GLU A 59 3.28 5.76 1.85
CA GLU A 59 3.16 4.37 2.31
C GLU A 59 2.19 3.65 1.38
N GLY A 60 2.52 2.44 0.94
CA GLY A 60 1.62 1.71 0.08
C GLY A 60 1.67 0.23 0.36
N SER A 61 0.63 -0.27 1.00
CA SER A 61 0.56 -1.67 1.34
C SER A 61 -0.74 -2.27 0.82
N GLY A 62 -0.62 -3.31 0.01
CA GLY A 62 -1.80 -3.95 -0.56
C GLY A 62 -2.51 -4.86 0.42
N GLY A 63 -2.65 -4.41 1.66
CA GLY A 63 -3.34 -5.20 2.66
C GLY A 63 -4.81 -4.88 2.69
N ALA A 64 -5.15 -3.67 2.25
CA ALA A 64 -6.53 -3.18 2.19
C ALA A 64 -7.13 -3.00 3.60
N GLY A 65 -7.44 -4.12 4.24
CA GLY A 65 -8.01 -4.06 5.57
C GLY A 65 -8.28 -5.44 6.13
N GLY A 66 -8.49 -5.50 7.44
CA GLY A 66 -8.77 -6.76 8.09
C GLY A 66 -10.16 -6.77 8.68
N GLN A 67 -11.02 -5.93 8.13
CA GLN A 67 -12.39 -5.83 8.59
C GLN A 67 -13.29 -6.83 7.88
N GLY A 68 -14.12 -7.53 8.66
CA GLY A 68 -15.02 -8.51 8.08
C GLY A 68 -16.40 -7.93 7.84
N MET A 69 -17.43 -8.77 7.96
CA MET A 69 -18.80 -8.30 7.78
C MET A 69 -19.78 -9.18 8.53
N ILE A 70 -20.89 -8.60 8.96
CA ILE A 70 -21.93 -9.33 9.67
C ILE A 70 -23.18 -9.34 8.79
N GLN A 71 -22.96 -9.22 7.50
CA GLN A 71 -24.04 -9.14 6.53
C GLN A 71 -24.45 -10.53 6.01
N GLU A 72 -24.14 -11.56 6.78
CA GLU A 72 -24.51 -12.91 6.39
C GLU A 72 -26.00 -13.13 6.59
N PRO A 73 -26.69 -13.67 5.57
CA PRO A 73 -28.12 -13.92 5.62
C PRO A 73 -28.48 -15.15 6.44
N ALA A 74 -29.78 -15.41 6.51
CA ALA A 74 -30.32 -16.57 7.21
C ALA A 74 -30.08 -16.46 8.70
N LEU A 75 -30.29 -17.57 9.39
CA LEU A 75 -30.07 -17.64 10.83
C LEU A 75 -28.60 -17.40 11.17
N PRO A 76 -28.30 -16.35 11.95
CA PRO A 76 -26.93 -16.05 12.37
C PRO A 76 -26.39 -17.16 13.27
N PRO A 77 -25.06 -17.34 13.30
CA PRO A 77 -24.42 -18.33 14.17
C PRO A 77 -24.96 -18.28 15.59
N GLY A 78 -25.45 -19.41 16.07
CA GLY A 78 -26.04 -19.45 17.39
C GLY A 78 -27.56 -19.42 17.37
N TRP A 79 -28.17 -18.85 16.32
CA TRP A 79 -29.62 -18.81 16.22
C TRP A 79 -30.15 -20.01 15.43
N GLU A 80 -31.16 -20.70 15.96
CA GLU A 80 -31.74 -21.83 15.25
C GLU A 80 -33.23 -21.60 15.06
N MET A 81 -33.75 -22.04 13.93
CA MET A 81 -35.16 -21.88 13.62
C MET A 81 -35.82 -23.25 13.47
N LYS A 82 -36.91 -23.48 14.20
CA LYS A 82 -37.57 -24.78 14.16
C LYS A 82 -39.09 -24.59 14.24
N TYR A 83 -39.85 -25.57 13.78
CA TYR A 83 -41.32 -25.51 13.82
C TYR A 83 -41.86 -26.50 14.84
N THR A 84 -43.01 -26.19 15.41
CA THR A 84 -43.64 -27.08 16.37
C THR A 84 -44.41 -28.18 15.61
N SER A 85 -45.21 -28.97 16.32
CA SER A 85 -45.96 -30.05 15.69
C SER A 85 -47.28 -29.55 15.10
N GLU A 86 -47.45 -28.24 15.10
CA GLU A 86 -48.67 -27.63 14.60
C GLU A 86 -48.34 -26.67 13.46
N GLY A 87 -47.05 -26.60 13.12
CA GLY A 87 -46.61 -25.71 12.07
C GLY A 87 -46.33 -24.31 12.58
N VAL A 88 -46.32 -24.15 13.90
CA VAL A 88 -46.03 -22.87 14.51
C VAL A 88 -44.52 -22.64 14.55
N ARG A 89 -44.12 -21.41 14.29
CA ARG A 89 -42.72 -21.04 14.19
C ARG A 89 -42.17 -20.54 15.52
N TYR A 90 -41.04 -21.06 15.94
CA TYR A 90 -40.39 -20.59 17.16
C TYR A 90 -38.87 -20.58 16.97
N PHE A 91 -38.14 -19.80 17.76
CA PHE A 91 -36.70 -19.69 17.59
C PHE A 91 -35.96 -20.26 18.80
N VAL A 92 -34.73 -20.69 18.58
CA VAL A 92 -33.92 -21.27 19.63
C VAL A 92 -32.56 -20.58 19.74
N ASP A 93 -32.26 -20.05 20.92
CA ASP A 93 -30.95 -19.44 21.17
C ASP A 93 -29.97 -20.55 21.58
N HIS A 94 -29.17 -21.05 20.64
CA HIS A 94 -28.24 -22.15 20.91
C HIS A 94 -27.06 -21.68 21.76
N ASN A 95 -26.89 -20.36 21.83
CA ASN A 95 -25.77 -19.77 22.57
C ASN A 95 -26.02 -19.82 24.08
N THR A 96 -27.26 -19.57 24.48
CA THR A 96 -27.63 -19.63 25.90
C THR A 96 -28.41 -20.89 26.22
N ARG A 97 -28.81 -21.60 25.16
CA ARG A 97 -29.60 -22.84 25.30
C ARG A 97 -30.94 -22.55 25.94
N THR A 98 -31.65 -21.66 25.31
CA THR A 98 -32.96 -21.22 25.77
C THR A 98 -33.91 -21.06 24.58
N THR A 99 -35.22 -21.11 24.82
CA THR A 99 -36.19 -20.92 23.74
C THR A 99 -36.71 -19.48 23.74
N THR A 100 -37.03 -18.96 22.57
CA THR A 100 -37.56 -17.62 22.45
C THR A 100 -38.58 -17.56 21.32
N PHE A 101 -39.52 -16.64 21.41
CA PHE A 101 -40.57 -16.56 20.41
C PHE A 101 -40.59 -15.17 19.76
N LYS A 102 -39.97 -15.06 18.59
CA LYS A 102 -39.93 -13.79 17.89
C LYS A 102 -40.07 -13.99 16.38
N ASP A 103 -41.17 -13.51 15.81
CA ASP A 103 -41.37 -13.58 14.37
C ASP A 103 -41.54 -12.16 13.81
N PRO A 104 -40.83 -11.83 12.73
CA PRO A 104 -40.84 -10.49 12.16
C PRO A 104 -41.97 -10.24 11.15
N ARG A 105 -42.98 -11.08 11.15
CA ARG A 105 -44.10 -10.93 10.22
C ARG A 105 -45.29 -10.27 10.92
N PRO A 106 -46.01 -9.36 10.21
CA PRO A 106 -47.15 -8.64 10.80
C PRO A 106 -48.34 -9.54 11.10
N GLY A 107 -48.94 -9.36 12.27
CA GLY A 107 -50.10 -10.14 12.64
C GLY A 107 -49.79 -11.30 13.58
N PHE A 108 -48.59 -11.88 13.47
CA PHE A 108 -48.25 -13.02 14.31
C PHE A 108 -47.35 -12.58 15.47
N GLU A 109 -47.96 -12.03 16.52
CA GLU A 109 -47.24 -11.60 17.70
C GLU A 109 -48.16 -11.68 18.91
N GLY A 1 22.68 29.95 -3.63
CA GLY A 1 23.79 29.72 -2.68
C GLY A 1 23.28 29.43 -1.30
N SER A 2 24.19 29.35 -0.33
CA SER A 2 23.84 29.06 1.06
C SER A 2 23.15 27.70 1.18
N HIS A 3 22.43 27.50 2.28
CA HIS A 3 21.70 26.24 2.49
C HIS A 3 20.33 26.34 1.83
N MET A 4 19.77 25.21 1.38
CA MET A 4 18.47 25.22 0.72
C MET A 4 17.45 24.52 1.60
N GLN A 5 16.24 25.08 1.68
CA GLN A 5 15.18 24.48 2.46
C GLN A 5 14.51 23.34 1.70
N TYR A 6 14.45 22.17 2.33
CA TYR A 6 13.77 21.02 1.74
C TYR A 6 12.64 20.61 2.67
N LYS A 7 11.56 20.12 2.10
CA LYS A 7 10.40 19.75 2.89
C LYS A 7 10.00 18.31 2.65
N LEU A 8 9.39 17.71 3.65
CA LEU A 8 8.96 16.31 3.56
C LEU A 8 7.51 16.18 3.96
N ILE A 9 6.81 15.27 3.30
CA ILE A 9 5.42 15.00 3.60
C ILE A 9 5.24 13.51 3.84
N LEU A 10 4.83 13.13 5.05
CA LEU A 10 4.62 11.72 5.36
C LEU A 10 3.18 11.37 5.05
N ASN A 11 2.98 10.57 4.02
CA ASN A 11 1.66 10.14 3.65
C ASN A 11 1.50 8.67 4.01
N GLY A 12 1.11 8.43 5.25
CA GLY A 12 0.90 7.07 5.70
C GLY A 12 -0.41 6.92 6.43
N LYS A 13 -0.51 5.89 7.24
CA LYS A 13 -1.74 5.63 8.01
C LYS A 13 -1.69 6.22 9.42
N THR A 14 -0.73 5.81 10.26
CA THR A 14 -0.65 6.32 11.63
C THR A 14 0.33 7.49 11.69
N LEU A 15 0.89 7.83 10.54
CA LEU A 15 1.87 8.89 10.45
C LEU A 15 1.53 9.77 9.26
N LYS A 16 0.88 10.89 9.55
CA LYS A 16 0.50 11.85 8.53
C LYS A 16 0.90 13.24 9.01
N GLY A 17 1.80 13.87 8.28
CA GLY A 17 2.27 15.17 8.70
C GLY A 17 3.34 15.70 7.77
N GLU A 18 3.97 16.79 8.16
CA GLU A 18 5.01 17.41 7.36
C GLU A 18 6.18 17.84 8.24
N THR A 19 7.29 18.19 7.62
CA THR A 19 8.48 18.63 8.34
C THR A 19 9.46 19.24 7.36
N THR A 20 10.38 20.08 7.86
CA THR A 20 11.34 20.74 7.00
C THR A 20 12.76 20.62 7.55
N THR A 21 13.74 20.78 6.67
CA THR A 21 15.14 20.75 7.07
C THR A 21 15.97 21.44 5.99
N GLU A 22 17.15 21.91 6.35
CA GLU A 22 18.03 22.56 5.40
C GLU A 22 19.08 21.57 4.90
N ALA A 23 19.46 21.72 3.63
CA ALA A 23 20.47 20.88 3.01
C ALA A 23 21.06 21.61 1.81
N VAL A 24 22.27 21.24 1.38
CA VAL A 24 22.87 21.90 0.23
C VAL A 24 22.63 21.13 -1.07
N ASP A 25 22.12 19.90 -0.97
CA ASP A 25 21.85 19.07 -2.13
C ASP A 25 20.57 18.28 -1.93
N ALA A 26 19.95 17.87 -3.04
CA ALA A 26 18.70 17.12 -2.98
C ALA A 26 18.96 15.69 -2.50
N ALA A 27 20.07 15.12 -2.95
CA ALA A 27 20.43 13.76 -2.57
C ALA A 27 20.76 13.66 -1.09
N THR A 28 21.24 14.75 -0.53
CA THR A 28 21.60 14.80 0.89
C THR A 28 20.36 14.87 1.77
N ALA A 29 19.29 15.45 1.23
CA ALA A 29 18.05 15.60 1.97
C ALA A 29 17.41 14.24 2.15
N GLU A 30 17.61 13.39 1.14
CA GLU A 30 17.11 12.03 1.16
C GLU A 30 17.64 11.30 2.38
N LYS A 31 18.95 11.11 2.39
CA LYS A 31 19.66 10.35 3.42
C LYS A 31 19.25 10.74 4.85
N VAL A 32 19.09 12.04 5.11
CA VAL A 32 18.73 12.50 6.45
C VAL A 32 17.27 12.17 6.76
N PHE A 33 16.38 12.48 5.83
CA PHE A 33 14.96 12.23 6.01
C PHE A 33 14.65 10.73 6.01
N LYS A 34 15.55 9.93 5.45
CA LYS A 34 15.36 8.48 5.43
C LYS A 34 15.43 7.94 6.84
N GLN A 35 16.35 8.49 7.62
CA GLN A 35 16.53 8.11 9.01
C GLN A 35 15.36 8.68 9.82
N TYR A 36 14.87 9.84 9.40
CA TYR A 36 13.72 10.48 10.03
C TYR A 36 12.47 9.63 9.86
N ALA A 37 12.17 9.28 8.61
CA ALA A 37 11.00 8.48 8.31
C ALA A 37 11.16 7.08 8.89
N ASN A 38 12.40 6.60 8.93
CA ASN A 38 12.70 5.28 9.47
C ASN A 38 12.37 5.23 10.96
N ASP A 39 12.66 6.32 11.66
CA ASP A 39 12.37 6.43 13.09
C ASP A 39 10.86 6.45 13.34
N ASN A 40 10.10 6.93 12.38
CA ASN A 40 8.65 7.02 12.51
C ASN A 40 7.98 5.78 11.94
N GLY A 41 8.79 4.91 11.34
CA GLY A 41 8.28 3.66 10.81
C GLY A 41 7.64 3.80 9.44
N VAL A 42 7.89 4.93 8.77
CA VAL A 42 7.31 5.16 7.46
C VAL A 42 8.29 4.80 6.36
N ASP A 43 7.87 3.90 5.49
CA ASP A 43 8.68 3.48 4.35
C ASP A 43 7.79 3.28 3.12
N GLY A 44 8.26 3.76 1.97
CA GLY A 44 7.47 3.68 0.76
C GLY A 44 8.21 4.32 -0.40
N GLU A 45 7.53 4.50 -1.53
CA GLU A 45 8.14 5.15 -2.68
C GLU A 45 8.48 6.59 -2.37
N TRP A 46 9.55 7.08 -2.97
CA TRP A 46 10.01 8.43 -2.73
C TRP A 46 9.84 9.30 -3.96
N THR A 47 9.00 10.31 -3.83
CA THR A 47 8.75 11.24 -4.92
C THR A 47 9.42 12.58 -4.64
N TYR A 48 9.68 13.37 -5.70
CA TYR A 48 10.36 14.66 -5.53
C TYR A 48 9.84 15.65 -6.58
N ASP A 49 9.70 16.91 -6.18
CA ASP A 49 9.28 17.96 -7.10
C ASP A 49 10.36 19.04 -7.10
N ASP A 50 10.67 19.59 -8.27
CA ASP A 50 11.79 20.52 -8.37
C ASP A 50 11.36 21.94 -8.06
N ALA A 51 10.11 22.25 -8.37
CA ALA A 51 9.59 23.59 -8.15
C ALA A 51 9.42 23.88 -6.66
N THR A 52 9.14 22.84 -5.88
CA THR A 52 8.92 23.00 -4.46
C THR A 52 10.03 22.40 -3.58
N LYS A 53 10.85 21.51 -4.15
CA LYS A 53 11.91 20.79 -3.38
C LYS A 53 11.29 19.86 -2.35
N THR A 54 10.00 19.62 -2.49
CA THR A 54 9.28 18.76 -1.57
C THR A 54 9.54 17.27 -1.86
N TYR A 55 10.02 16.56 -0.83
CA TYR A 55 10.17 15.11 -0.92
C TYR A 55 8.94 14.47 -0.28
N THR A 56 8.39 13.46 -0.91
CA THR A 56 7.20 12.81 -0.38
C THR A 56 7.38 11.29 -0.32
N VAL A 57 7.07 10.73 0.85
CA VAL A 57 7.13 9.28 1.03
C VAL A 57 5.71 8.73 1.10
N THR A 58 5.34 7.95 0.10
CA THR A 58 4.00 7.41 0.00
C THR A 58 3.95 5.96 0.44
N GLU A 59 3.08 5.66 1.40
CA GLU A 59 2.97 4.31 1.94
C GLU A 59 2.06 3.45 1.05
N GLY A 60 2.66 2.78 0.05
CA GLY A 60 1.93 1.81 -0.75
C GLY A 60 1.11 2.40 -1.89
N SER A 61 0.90 1.60 -2.92
CA SER A 61 0.07 1.98 -4.05
C SER A 61 -1.30 1.30 -3.93
N GLY A 62 -1.28 -0.02 -3.76
CA GLY A 62 -2.51 -0.76 -3.57
C GLY A 62 -3.13 -1.20 -4.89
N GLY A 63 -3.31 -2.51 -5.08
CA GLY A 63 -3.93 -2.99 -6.31
C GLY A 63 -5.43 -3.05 -6.19
N ALA A 64 -5.94 -2.52 -5.08
CA ALA A 64 -7.37 -2.46 -4.79
C ALA A 64 -7.95 -3.85 -4.54
N GLY A 65 -9.21 -3.88 -4.14
CA GLY A 65 -9.89 -5.13 -3.87
C GLY A 65 -11.10 -5.32 -4.77
N GLY A 66 -11.68 -6.51 -4.74
CA GLY A 66 -12.84 -6.80 -5.58
C GLY A 66 -14.10 -6.13 -5.09
N GLN A 67 -14.25 -6.05 -3.77
CA GLN A 67 -15.42 -5.44 -3.14
C GLN A 67 -16.68 -6.23 -3.47
N GLY A 68 -17.81 -5.74 -2.98
CA GLY A 68 -19.08 -6.38 -3.24
C GLY A 68 -19.58 -7.22 -2.09
N MET A 69 -20.73 -7.84 -2.27
CA MET A 69 -21.34 -8.69 -1.25
C MET A 69 -22.15 -9.81 -1.93
N ILE A 70 -21.70 -11.05 -1.79
CA ILE A 70 -22.33 -12.19 -2.45
C ILE A 70 -22.50 -13.35 -1.46
N GLN A 71 -23.65 -13.43 -0.80
CA GLN A 71 -23.90 -14.50 0.16
C GLN A 71 -25.16 -15.26 -0.21
N GLU A 72 -25.65 -14.97 -1.40
CA GLU A 72 -26.87 -15.58 -1.91
C GLU A 72 -26.55 -16.94 -2.52
N PRO A 73 -27.51 -17.87 -2.52
CA PRO A 73 -27.32 -19.19 -3.12
C PRO A 73 -27.33 -19.13 -4.63
N ALA A 74 -26.94 -20.23 -5.26
CA ALA A 74 -26.90 -20.32 -6.70
C ALA A 74 -26.56 -21.72 -7.16
N LEU A 75 -26.54 -21.92 -8.47
CA LEU A 75 -26.22 -23.21 -9.05
C LEU A 75 -24.69 -23.33 -9.19
N PRO A 76 -24.09 -24.55 -9.12
CA PRO A 76 -22.64 -24.72 -9.34
C PRO A 76 -22.17 -24.07 -10.65
N PRO A 77 -20.89 -23.65 -10.76
CA PRO A 77 -20.38 -23.00 -11.97
C PRO A 77 -20.46 -23.93 -13.18
N GLY A 78 -21.01 -23.43 -14.28
CA GLY A 78 -21.19 -24.26 -15.46
C GLY A 78 -22.56 -24.92 -15.50
N TRP A 79 -23.20 -25.06 -14.34
CA TRP A 79 -24.55 -25.65 -14.27
C TRP A 79 -25.62 -24.56 -14.34
N GLU A 80 -26.72 -24.84 -15.05
CA GLU A 80 -27.82 -23.90 -15.15
C GLU A 80 -29.14 -24.64 -14.93
N MET A 81 -30.13 -23.93 -14.39
CA MET A 81 -31.41 -24.53 -14.08
C MET A 81 -32.55 -23.69 -14.66
N LYS A 82 -33.41 -24.28 -15.49
CA LYS A 82 -34.51 -23.56 -16.11
C LYS A 82 -35.70 -24.50 -16.26
N TYR A 83 -36.91 -23.94 -16.36
CA TYR A 83 -38.12 -24.75 -16.49
C TYR A 83 -38.62 -24.73 -17.94
N THR A 84 -39.28 -25.80 -18.35
CA THR A 84 -39.88 -25.86 -19.68
C THR A 84 -41.19 -25.07 -19.70
N SER A 85 -41.92 -25.12 -20.82
CA SER A 85 -43.18 -24.38 -20.95
C SER A 85 -44.21 -24.83 -19.91
N GLU A 86 -44.27 -26.12 -19.64
CA GLU A 86 -45.22 -26.67 -18.64
C GLU A 86 -44.61 -26.61 -17.24
N GLY A 87 -43.46 -25.97 -17.11
CA GLY A 87 -42.82 -25.84 -15.82
C GLY A 87 -42.07 -27.10 -15.40
N VAL A 88 -41.63 -27.89 -16.37
CA VAL A 88 -40.84 -29.08 -16.07
C VAL A 88 -39.39 -28.68 -15.85
N ARG A 89 -38.77 -29.28 -14.85
CA ARG A 89 -37.40 -28.93 -14.47
C ARG A 89 -36.35 -29.67 -15.31
N TYR A 90 -35.49 -28.93 -15.98
CA TYR A 90 -34.39 -29.52 -16.73
C TYR A 90 -33.11 -28.76 -16.41
N PHE A 91 -31.95 -29.39 -16.58
CA PHE A 91 -30.68 -28.75 -16.28
C PHE A 91 -29.85 -28.60 -17.54
N VAL A 92 -29.03 -27.56 -17.58
CA VAL A 92 -28.16 -27.29 -18.73
C VAL A 92 -26.69 -27.44 -18.36
N ASP A 93 -26.07 -28.52 -18.83
CA ASP A 93 -24.63 -28.73 -18.59
C ASP A 93 -23.83 -27.85 -19.57
N HIS A 94 -23.40 -26.67 -19.14
CA HIS A 94 -22.62 -25.80 -20.03
C HIS A 94 -21.21 -26.34 -20.22
N ASN A 95 -20.81 -27.28 -19.37
CA ASN A 95 -19.46 -27.84 -19.42
C ASN A 95 -19.31 -28.82 -20.59
N THR A 96 -20.37 -29.56 -20.89
CA THR A 96 -20.35 -30.51 -22.00
C THR A 96 -21.30 -30.08 -23.11
N ARG A 97 -22.00 -28.97 -22.85
CA ARG A 97 -22.96 -28.40 -23.80
C ARG A 97 -24.06 -29.38 -24.13
N THR A 98 -24.95 -29.55 -23.18
CA THR A 98 -26.05 -30.47 -23.30
C THR A 98 -27.16 -30.15 -22.31
N THR A 99 -28.24 -30.89 -22.37
CA THR A 99 -29.35 -30.75 -21.45
C THR A 99 -29.60 -32.09 -20.75
N THR A 100 -30.01 -32.07 -19.49
CA THR A 100 -30.23 -33.31 -18.76
C THR A 100 -31.29 -33.14 -17.68
N PHE A 101 -31.88 -34.25 -17.28
CA PHE A 101 -32.91 -34.24 -16.25
C PHE A 101 -32.40 -34.88 -14.97
N LYS A 102 -32.06 -34.05 -13.99
CA LYS A 102 -31.60 -34.56 -12.72
C LYS A 102 -32.30 -33.85 -11.57
N ASP A 103 -33.36 -34.44 -11.08
CA ASP A 103 -34.10 -33.90 -9.94
C ASP A 103 -34.09 -34.92 -8.81
N PRO A 104 -33.91 -34.44 -7.56
CA PRO A 104 -33.87 -35.32 -6.38
C PRO A 104 -35.17 -36.09 -6.15
N ARG A 105 -36.25 -35.68 -6.80
CA ARG A 105 -37.52 -36.38 -6.66
C ARG A 105 -37.73 -37.37 -7.81
N PRO A 106 -37.67 -38.69 -7.56
CA PRO A 106 -37.86 -39.68 -8.62
C PRO A 106 -39.35 -39.89 -8.93
N GLY A 107 -39.72 -39.60 -10.17
CA GLY A 107 -41.11 -39.73 -10.59
C GLY A 107 -41.96 -38.54 -10.16
N PHE A 108 -41.57 -37.91 -9.04
CA PHE A 108 -42.28 -36.72 -8.50
C PHE A 108 -43.68 -37.11 -8.00
N GLU A 109 -43.93 -38.42 -7.99
CA GLU A 109 -45.20 -38.97 -7.55
C GLU A 109 -45.05 -40.48 -7.36
N GLY A 1 20.30 31.16 0.39
CA GLY A 1 21.29 31.73 1.34
C GLY A 1 22.01 30.64 2.11
N SER A 2 23.16 30.19 1.59
CA SER A 2 23.97 29.12 2.19
C SER A 2 23.28 27.75 2.03
N HIS A 3 22.07 27.64 2.55
CA HIS A 3 21.31 26.40 2.45
C HIS A 3 20.11 26.60 1.54
N MET A 4 19.45 25.51 1.20
CA MET A 4 18.23 25.53 0.41
C MET A 4 17.19 24.68 1.13
N GLN A 5 15.98 25.19 1.24
CA GLN A 5 14.93 24.52 2.00
C GLN A 5 14.44 23.26 1.30
N TYR A 6 14.33 22.19 2.08
CA TYR A 6 13.77 20.94 1.60
C TYR A 6 12.70 20.47 2.58
N LYS A 7 11.64 19.87 2.08
CA LYS A 7 10.57 19.40 2.93
C LYS A 7 10.15 17.99 2.58
N LEU A 8 9.56 17.31 3.56
CA LEU A 8 9.07 15.95 3.38
C LEU A 8 7.66 15.84 3.95
N ILE A 9 6.79 15.17 3.23
CA ILE A 9 5.43 14.95 3.67
C ILE A 9 5.20 13.46 3.88
N LEU A 10 4.84 13.09 5.10
CA LEU A 10 4.60 11.69 5.38
C LEU A 10 3.14 11.37 5.10
N ASN A 11 2.94 10.61 4.04
CA ASN A 11 1.61 10.18 3.68
C ASN A 11 1.43 8.74 4.10
N GLY A 12 1.02 8.53 5.33
CA GLY A 12 0.79 7.19 5.80
C GLY A 12 -0.20 7.15 6.93
N LYS A 13 -1.04 6.11 6.92
CA LYS A 13 -2.09 5.91 7.92
C LYS A 13 -1.56 5.96 9.36
N THR A 14 -0.30 5.62 9.55
CA THR A 14 0.29 5.62 10.88
C THR A 14 0.94 6.97 11.21
N LEU A 15 1.36 7.69 10.16
CA LEU A 15 2.06 8.96 10.34
C LEU A 15 1.75 9.93 9.20
N LYS A 16 0.87 10.88 9.45
CA LYS A 16 0.58 11.91 8.45
C LYS A 16 1.07 13.26 8.97
N GLY A 17 1.98 13.87 8.24
CA GLY A 17 2.58 15.11 8.67
C GLY A 17 3.64 15.57 7.71
N GLU A 18 4.42 16.54 8.14
CA GLU A 18 5.46 17.09 7.29
C GLU A 18 6.44 17.90 8.12
N THR A 19 7.65 18.04 7.61
CA THR A 19 8.70 18.79 8.29
C THR A 19 9.66 19.37 7.27
N THR A 20 10.57 20.22 7.73
CA THR A 20 11.52 20.86 6.83
C THR A 20 12.95 20.79 7.36
N THR A 21 13.91 20.92 6.45
CA THR A 21 15.31 20.94 6.81
C THR A 21 16.09 21.78 5.80
N GLU A 22 17.15 22.43 6.26
CA GLU A 22 17.96 23.27 5.38
C GLU A 22 19.17 22.49 4.88
N ALA A 23 19.13 22.05 3.64
CA ALA A 23 20.23 21.22 3.10
C ALA A 23 21.06 22.03 2.09
N VAL A 24 22.31 21.61 1.87
CA VAL A 24 23.17 22.28 0.90
C VAL A 24 23.33 21.46 -0.38
N ASP A 25 22.56 20.38 -0.48
CA ASP A 25 22.61 19.50 -1.65
C ASP A 25 21.33 18.68 -1.70
N ALA A 26 21.09 18.03 -2.83
CA ALA A 26 19.84 17.28 -3.02
C ALA A 26 19.88 15.93 -2.31
N ALA A 27 20.86 15.10 -2.66
CA ALA A 27 20.98 13.76 -2.10
C ALA A 27 21.16 13.79 -0.59
N THR A 28 21.66 14.91 -0.08
CA THR A 28 21.86 15.07 1.36
C THR A 28 20.52 15.13 2.10
N ALA A 29 19.47 15.60 1.41
CA ALA A 29 18.15 15.72 2.01
C ALA A 29 17.51 14.34 2.15
N GLU A 30 17.78 13.49 1.17
CA GLU A 30 17.27 12.13 1.15
C GLU A 30 17.82 11.36 2.35
N LYS A 31 19.14 11.25 2.40
CA LYS A 31 19.86 10.50 3.44
C LYS A 31 19.39 10.84 4.86
N VAL A 32 19.16 12.12 5.14
CA VAL A 32 18.75 12.53 6.47
C VAL A 32 17.28 12.19 6.74
N PHE A 33 16.40 12.57 5.82
CA PHE A 33 14.97 12.32 5.99
C PHE A 33 14.67 10.81 5.98
N LYS A 34 15.58 10.01 5.42
CA LYS A 34 15.40 8.57 5.39
C LYS A 34 15.56 8.00 6.79
N GLN A 35 16.55 8.52 7.51
CA GLN A 35 16.77 8.15 8.90
C GLN A 35 15.58 8.64 9.74
N TYR A 36 15.04 9.78 9.32
CA TYR A 36 13.89 10.39 9.98
C TYR A 36 12.65 9.50 9.82
N ALA A 37 12.34 9.14 8.58
CA ALA A 37 11.18 8.29 8.29
C ALA A 37 11.38 6.90 8.86
N ASN A 38 12.63 6.48 8.93
CA ASN A 38 12.99 5.15 9.45
C ASN A 38 12.64 5.04 10.94
N ASP A 39 12.60 6.19 11.62
CA ASP A 39 12.30 6.23 13.05
C ASP A 39 10.80 6.13 13.32
N ASN A 40 9.97 6.65 12.42
CA ASN A 40 8.53 6.59 12.63
C ASN A 40 7.93 5.35 11.98
N GLY A 41 8.76 4.62 11.24
CA GLY A 41 8.35 3.38 10.64
C GLY A 41 7.48 3.56 9.41
N VAL A 42 7.75 4.62 8.65
CA VAL A 42 7.01 4.86 7.43
C VAL A 42 7.87 4.54 6.22
N ASP A 43 7.39 3.62 5.40
CA ASP A 43 8.12 3.22 4.20
C ASP A 43 7.16 3.18 3.01
N GLY A 44 7.61 3.67 1.88
CA GLY A 44 6.77 3.72 0.70
C GLY A 44 7.50 4.35 -0.46
N GLU A 45 6.77 4.62 -1.54
CA GLU A 45 7.36 5.23 -2.73
C GLU A 45 7.96 6.60 -2.40
N TRP A 46 9.08 6.92 -3.04
CA TRP A 46 9.79 8.17 -2.79
C TRP A 46 9.68 9.09 -4.00
N THR A 47 8.78 10.05 -3.92
CA THR A 47 8.54 11.00 -4.99
C THR A 47 9.18 12.35 -4.69
N TYR A 48 9.39 13.16 -5.72
CA TYR A 48 10.03 14.47 -5.55
C TYR A 48 9.50 15.47 -6.57
N ASP A 49 9.34 16.72 -6.13
CA ASP A 49 8.90 17.79 -7.02
C ASP A 49 9.89 18.94 -6.95
N ASP A 50 10.13 19.61 -8.06
CA ASP A 50 11.15 20.66 -8.09
C ASP A 50 10.57 22.01 -7.73
N ALA A 51 9.26 22.16 -7.86
CA ALA A 51 8.62 23.43 -7.59
C ALA A 51 8.62 23.77 -6.11
N THR A 52 8.47 22.75 -5.27
CA THR A 52 8.41 22.96 -3.84
C THR A 52 9.55 22.28 -3.08
N LYS A 53 10.48 21.65 -3.82
CA LYS A 53 11.62 20.94 -3.18
C LYS A 53 11.10 20.00 -2.11
N THR A 54 10.09 19.24 -2.46
CA THR A 54 9.43 18.37 -1.51
C THR A 54 9.66 16.90 -1.81
N TYR A 55 10.23 16.20 -0.85
CA TYR A 55 10.34 14.75 -0.92
C TYR A 55 9.05 14.18 -0.32
N THR A 56 8.42 13.26 -1.02
CA THR A 56 7.16 12.72 -0.53
C THR A 56 7.20 11.19 -0.44
N VAL A 57 6.88 10.68 0.74
CA VAL A 57 6.83 9.23 0.96
C VAL A 57 5.38 8.84 1.24
N THR A 58 4.81 8.07 0.33
CA THR A 58 3.41 7.73 0.42
C THR A 58 3.19 6.23 0.56
N GLU A 59 2.40 5.86 1.57
CA GLU A 59 2.07 4.45 1.81
C GLU A 59 0.95 4.03 0.85
N GLY A 60 0.86 2.75 0.54
CA GLY A 60 -0.19 2.27 -0.34
C GLY A 60 0.27 1.10 -1.18
N SER A 61 -0.67 0.46 -1.88
CA SER A 61 -0.35 -0.69 -2.70
C SER A 61 -0.38 -0.30 -4.18
N GLY A 62 -1.30 0.59 -4.53
CA GLY A 62 -1.41 1.04 -5.90
C GLY A 62 -2.20 0.07 -6.76
N GLY A 63 -1.72 -1.17 -6.86
CA GLY A 63 -2.42 -2.16 -7.66
C GLY A 63 -3.70 -2.63 -6.98
N ALA A 64 -3.63 -2.83 -5.67
CA ALA A 64 -4.79 -3.22 -4.91
C ALA A 64 -5.60 -1.99 -4.51
N GLY A 65 -6.66 -1.71 -5.24
CA GLY A 65 -7.48 -0.55 -4.95
C GLY A 65 -8.91 -0.73 -5.39
N GLY A 66 -9.42 -1.94 -5.19
CA GLY A 66 -10.80 -2.23 -5.58
C GLY A 66 -11.77 -1.89 -4.48
N GLN A 67 -11.26 -1.83 -3.24
CA GLN A 67 -12.06 -1.50 -2.07
C GLN A 67 -13.13 -2.55 -1.81
N GLY A 68 -14.11 -2.21 -0.97
CA GLY A 68 -15.16 -3.14 -0.65
C GLY A 68 -15.63 -2.96 0.78
N MET A 69 -15.52 -3.99 1.61
CA MET A 69 -15.91 -3.90 3.00
C MET A 69 -15.05 -4.83 3.84
N ILE A 70 -15.06 -4.64 5.15
CA ILE A 70 -14.25 -5.45 6.05
C ILE A 70 -15.07 -5.80 7.28
N GLN A 71 -15.69 -6.97 7.27
CA GLN A 71 -16.51 -7.43 8.40
C GLN A 71 -15.95 -8.71 8.95
N GLU A 72 -14.79 -9.08 8.43
CA GLU A 72 -14.10 -10.28 8.83
C GLU A 72 -13.40 -10.06 10.17
N PRO A 73 -13.22 -11.13 10.95
CA PRO A 73 -12.57 -11.07 12.26
C PRO A 73 -11.11 -10.62 12.20
N ALA A 74 -10.49 -10.58 13.36
CA ALA A 74 -9.11 -10.17 13.46
C ALA A 74 -8.29 -11.20 14.23
N LEU A 75 -7.00 -10.90 14.41
CA LEU A 75 -6.10 -11.80 15.11
C LEU A 75 -6.22 -11.61 16.63
N PRO A 76 -6.26 -12.70 17.40
CA PRO A 76 -6.26 -12.64 18.87
C PRO A 76 -4.94 -12.07 19.38
N PRO A 77 -4.89 -11.54 20.62
CA PRO A 77 -3.66 -10.97 21.17
C PRO A 77 -2.55 -12.02 21.24
N GLY A 78 -1.40 -11.69 20.70
CA GLY A 78 -0.30 -12.63 20.66
C GLY A 78 -0.15 -13.28 19.30
N TRP A 79 -1.25 -13.42 18.56
CA TRP A 79 -1.19 -14.01 17.22
C TRP A 79 -0.92 -12.91 16.19
N GLU A 80 0.16 -13.03 15.42
CA GLU A 80 0.47 -12.02 14.42
C GLU A 80 0.27 -12.55 13.01
N MET A 81 -0.09 -11.66 12.10
CA MET A 81 -0.33 -12.03 10.71
C MET A 81 0.61 -11.24 9.78
N LYS A 82 1.35 -11.95 8.94
CA LYS A 82 2.33 -11.31 8.05
C LYS A 82 2.34 -12.03 6.69
N TYR A 83 2.81 -11.35 5.64
CA TYR A 83 2.83 -11.95 4.29
C TYR A 83 4.25 -12.23 3.82
N THR A 84 4.36 -13.10 2.80
CA THR A 84 5.63 -13.34 2.14
C THR A 84 5.61 -12.58 0.81
N SER A 85 6.71 -12.59 0.07
CA SER A 85 6.77 -11.85 -1.19
C SER A 85 6.11 -12.61 -2.34
N GLU A 86 5.44 -13.71 -2.03
CA GLU A 86 4.77 -14.52 -3.05
C GLU A 86 3.26 -14.37 -2.90
N GLY A 87 2.86 -13.59 -1.90
CA GLY A 87 1.45 -13.39 -1.63
C GLY A 87 0.91 -14.42 -0.64
N VAL A 88 1.82 -15.22 -0.07
CA VAL A 88 1.42 -16.25 0.87
C VAL A 88 1.23 -15.67 2.27
N ARG A 89 0.19 -16.15 2.94
CA ARG A 89 -0.18 -15.68 4.27
C ARG A 89 0.34 -16.63 5.34
N TYR A 90 1.25 -16.17 6.20
CA TYR A 90 1.77 -17.01 7.28
C TYR A 90 1.50 -16.31 8.63
N PHE A 91 1.44 -17.07 9.71
CA PHE A 91 1.13 -16.49 11.01
C PHE A 91 2.23 -16.73 12.01
N VAL A 92 2.32 -15.84 12.97
CA VAL A 92 3.36 -15.89 13.98
C VAL A 92 2.73 -16.06 15.35
N ASP A 93 2.81 -17.27 15.89
CA ASP A 93 2.32 -17.52 17.24
C ASP A 93 3.40 -17.02 18.21
N HIS A 94 3.05 -16.13 19.13
CA HIS A 94 4.06 -15.50 19.96
C HIS A 94 4.38 -16.30 21.23
N ASN A 95 3.58 -17.30 21.58
CA ASN A 95 3.86 -18.06 22.80
C ASN A 95 4.79 -19.25 22.52
N THR A 96 4.63 -19.89 21.36
CA THR A 96 5.50 -20.99 20.99
C THR A 96 6.71 -20.46 20.22
N ARG A 97 6.56 -19.25 19.69
CA ARG A 97 7.65 -18.59 18.94
C ARG A 97 8.02 -19.42 17.74
N THR A 98 6.96 -19.89 17.10
CA THR A 98 7.07 -20.75 15.91
C THR A 98 6.10 -20.23 14.84
N THR A 99 6.49 -20.28 13.57
CA THR A 99 5.62 -19.82 12.49
C THR A 99 4.71 -20.96 12.01
N THR A 100 3.46 -20.63 11.67
CA THR A 100 2.54 -21.64 11.20
C THR A 100 1.51 -21.03 10.24
N PHE A 101 0.96 -21.87 9.37
CA PHE A 101 -0.07 -21.44 8.43
C PHE A 101 -1.45 -21.83 8.97
N LYS A 102 -2.14 -20.87 9.56
CA LYS A 102 -3.43 -21.15 10.17
C LYS A 102 -4.49 -20.14 9.74
N ASP A 103 -5.38 -20.56 8.86
CA ASP A 103 -6.45 -19.68 8.38
C ASP A 103 -7.75 -19.99 9.13
N PRO A 104 -8.51 -18.95 9.50
CA PRO A 104 -9.76 -19.10 10.25
C PRO A 104 -10.89 -19.76 9.45
N ARG A 105 -10.82 -19.73 8.12
CA ARG A 105 -11.87 -20.33 7.30
C ARG A 105 -11.58 -21.81 7.12
N PRO A 106 -12.55 -22.71 7.40
CA PRO A 106 -12.33 -24.15 7.26
C PRO A 106 -12.32 -24.61 5.80
N GLY A 107 -11.19 -25.15 5.37
CA GLY A 107 -11.05 -25.65 4.01
C GLY A 107 -10.84 -24.55 2.98
N PHE A 108 -11.34 -23.33 3.29
CA PHE A 108 -11.27 -22.16 2.36
C PHE A 108 -11.56 -22.58 0.91
N GLU A 109 -12.48 -23.52 0.77
CA GLU A 109 -12.86 -24.07 -0.53
C GLU A 109 -14.32 -24.48 -0.48
N GLY A 1 28.67 28.65 0.69
CA GLY A 1 27.63 27.73 0.22
C GLY A 1 26.28 28.05 0.84
N SER A 2 25.24 28.07 0.02
CA SER A 2 23.89 28.35 0.50
C SER A 2 23.18 27.06 0.88
N HIS A 3 22.31 27.14 1.87
CA HIS A 3 21.56 25.97 2.31
C HIS A 3 20.09 26.12 1.92
N MET A 4 19.51 25.10 1.29
CA MET A 4 18.13 25.18 0.83
C MET A 4 17.20 24.43 1.78
N GLN A 5 16.05 25.01 2.06
CA GLN A 5 15.08 24.39 2.94
C GLN A 5 14.22 23.39 2.18
N TYR A 6 14.30 22.13 2.57
CA TYR A 6 13.51 21.08 1.91
C TYR A 6 12.29 20.74 2.74
N LYS A 7 11.24 20.27 2.08
CA LYS A 7 9.99 19.93 2.74
C LYS A 7 9.70 18.44 2.59
N LEU A 8 9.28 17.80 3.67
CA LEU A 8 8.89 16.39 3.59
C LEU A 8 7.42 16.24 3.97
N ILE A 9 6.74 15.34 3.27
CA ILE A 9 5.35 15.05 3.56
C ILE A 9 5.21 13.55 3.82
N LEU A 10 4.88 13.19 5.05
CA LEU A 10 4.71 11.78 5.37
C LEU A 10 3.29 11.38 5.06
N ASN A 11 3.12 10.59 4.03
CA ASN A 11 1.80 10.13 3.64
C ASN A 11 1.63 8.69 4.08
N GLY A 12 1.17 8.51 5.31
CA GLY A 12 1.00 7.17 5.83
C GLY A 12 -0.40 6.90 6.32
N LYS A 13 -0.56 5.75 6.94
CA LYS A 13 -1.85 5.30 7.44
C LYS A 13 -2.20 5.94 8.78
N THR A 14 -1.37 5.70 9.79
CA THR A 14 -1.60 6.28 11.11
C THR A 14 -0.83 7.59 11.26
N LEU A 15 0.26 7.72 10.52
CA LEU A 15 1.13 8.87 10.64
C LEU A 15 1.23 9.64 9.34
N LYS A 16 0.59 10.80 9.29
CA LYS A 16 0.70 11.68 8.15
C LYS A 16 0.93 13.09 8.65
N GLY A 17 1.83 13.81 8.00
CA GLY A 17 2.19 15.15 8.45
C GLY A 17 3.28 15.75 7.59
N GLU A 18 3.94 16.79 8.09
CA GLU A 18 5.01 17.45 7.36
C GLU A 18 6.17 17.76 8.29
N THR A 19 7.31 18.06 7.69
CA THR A 19 8.51 18.45 8.42
C THR A 19 9.47 19.16 7.46
N THR A 20 10.50 19.78 8.00
CA THR A 20 11.44 20.55 7.19
C THR A 20 12.88 20.32 7.64
N THR A 21 13.82 20.47 6.71
CA THR A 21 15.24 20.33 7.02
C THR A 21 16.06 21.14 6.02
N GLU A 22 17.26 21.52 6.43
CA GLU A 22 18.15 22.28 5.55
C GLU A 22 19.17 21.33 4.91
N ALA A 23 19.46 21.55 3.62
CA ALA A 23 20.45 20.73 2.93
C ALA A 23 21.05 21.50 1.76
N VAL A 24 22.30 21.20 1.39
CA VAL A 24 22.94 21.85 0.26
C VAL A 24 22.83 21.00 -1.02
N ASP A 25 22.35 19.77 -0.87
CA ASP A 25 22.21 18.85 -2.01
C ASP A 25 20.89 18.13 -1.92
N ALA A 26 20.42 17.62 -3.04
CA ALA A 26 19.17 16.86 -3.07
C ALA A 26 19.41 15.47 -2.47
N ALA A 27 20.52 14.86 -2.85
CA ALA A 27 20.89 13.54 -2.36
C ALA A 27 21.03 13.54 -0.84
N THR A 28 21.62 14.60 -0.31
CA THR A 28 21.83 14.74 1.13
C THR A 28 20.51 14.91 1.88
N ALA A 29 19.51 15.48 1.21
CA ALA A 29 18.22 15.73 1.83
C ALA A 29 17.48 14.42 2.02
N GLU A 30 17.63 13.56 1.02
CA GLU A 30 17.03 12.24 1.04
C GLU A 30 17.57 11.46 2.24
N LYS A 31 18.91 11.35 2.31
CA LYS A 31 19.60 10.60 3.35
C LYS A 31 19.13 10.97 4.77
N VAL A 32 18.98 12.26 5.03
CA VAL A 32 18.59 12.71 6.37
C VAL A 32 17.13 12.39 6.66
N PHE A 33 16.26 12.70 5.71
CA PHE A 33 14.84 12.45 5.87
C PHE A 33 14.52 10.96 5.88
N LYS A 34 15.41 10.15 5.31
CA LYS A 34 15.19 8.72 5.29
C LYS A 34 15.36 8.13 6.69
N GLN A 35 16.37 8.62 7.40
CA GLN A 35 16.56 8.23 8.79
C GLN A 35 15.41 8.78 9.63
N TYR A 36 14.91 9.94 9.24
CA TYR A 36 13.79 10.59 9.91
C TYR A 36 12.52 9.74 9.78
N ALA A 37 12.22 9.34 8.55
CA ALA A 37 11.05 8.52 8.28
C ALA A 37 11.23 7.13 8.87
N ASN A 38 12.49 6.68 8.86
CA ASN A 38 12.85 5.37 9.42
C ASN A 38 12.50 5.30 10.90
N ASP A 39 12.83 6.35 11.64
CA ASP A 39 12.57 6.40 13.08
C ASP A 39 11.07 6.48 13.36
N ASN A 40 10.32 6.98 12.38
CA ASN A 40 8.88 7.13 12.54
C ASN A 40 8.15 5.85 12.10
N GLY A 41 8.85 5.02 11.33
CA GLY A 41 8.26 3.78 10.86
C GLY A 41 7.55 3.94 9.52
N VAL A 42 7.83 5.03 8.83
CA VAL A 42 7.23 5.27 7.54
C VAL A 42 8.20 4.98 6.43
N ASP A 43 7.82 4.08 5.54
CA ASP A 43 8.66 3.71 4.40
C ASP A 43 7.79 3.42 3.19
N GLY A 44 8.22 3.87 2.03
CA GLY A 44 7.45 3.71 0.82
C GLY A 44 8.16 4.34 -0.36
N GLU A 45 7.47 4.43 -1.50
CA GLU A 45 8.06 5.05 -2.67
C GLU A 45 8.43 6.51 -2.39
N TRP A 46 9.45 7.00 -3.07
CA TRP A 46 9.96 8.34 -2.82
C TRP A 46 9.75 9.25 -4.02
N THR A 47 8.82 10.17 -3.89
CA THR A 47 8.53 11.12 -4.96
C THR A 47 9.19 12.46 -4.66
N TYR A 48 9.45 13.24 -5.70
CA TYR A 48 10.11 14.53 -5.54
C TYR A 48 9.79 15.45 -6.71
N ASP A 49 9.86 16.74 -6.47
CA ASP A 49 9.65 17.72 -7.54
C ASP A 49 10.74 18.78 -7.46
N ASP A 50 11.27 19.20 -8.59
CA ASP A 50 12.40 20.14 -8.60
C ASP A 50 11.92 21.58 -8.63
N ALA A 51 10.62 21.79 -8.55
CA ALA A 51 10.09 23.14 -8.49
C ALA A 51 9.95 23.64 -7.05
N THR A 52 9.52 22.77 -6.14
CA THR A 52 9.30 23.19 -4.77
C THR A 52 10.26 22.53 -3.77
N LYS A 53 11.12 21.62 -4.24
CA LYS A 53 12.09 20.93 -3.37
C LYS A 53 11.36 20.10 -2.31
N THR A 54 10.16 19.65 -2.64
CA THR A 54 9.36 18.89 -1.70
C THR A 54 9.50 17.39 -1.94
N TYR A 55 9.90 16.67 -0.89
CA TYR A 55 9.99 15.21 -0.95
C TYR A 55 8.74 14.61 -0.32
N THR A 56 8.34 13.44 -0.80
CA THR A 56 7.17 12.78 -0.27
C THR A 56 7.36 11.28 -0.19
N VAL A 57 7.13 10.72 1.00
CA VAL A 57 7.20 9.27 1.17
C VAL A 57 5.78 8.74 1.31
N THR A 58 5.36 7.97 0.32
CA THR A 58 3.99 7.49 0.25
C THR A 58 3.89 6.01 0.64
N GLU A 59 3.01 5.74 1.60
CA GLU A 59 2.75 4.37 2.04
C GLU A 59 1.50 3.87 1.30
N GLY A 60 1.65 2.87 0.43
CA GLY A 60 0.52 2.39 -0.33
C GLY A 60 0.68 2.70 -1.80
N SER A 61 0.92 1.66 -2.59
CA SER A 61 1.16 1.83 -4.01
C SER A 61 0.22 0.98 -4.85
N GLY A 62 0.23 1.21 -6.15
CA GLY A 62 -0.58 0.43 -7.05
C GLY A 62 -1.87 1.13 -7.45
N GLY A 63 -2.53 0.59 -8.46
CA GLY A 63 -3.79 1.15 -8.91
C GLY A 63 -4.84 0.08 -9.07
N ALA A 64 -4.51 -1.14 -8.64
CA ALA A 64 -5.39 -2.31 -8.72
C ALA A 64 -5.53 -2.82 -10.15
N GLY A 65 -6.12 -2.01 -11.02
CA GLY A 65 -6.31 -2.40 -12.40
C GLY A 65 -7.43 -1.62 -13.06
N GLY A 66 -7.77 -1.98 -14.29
CA GLY A 66 -8.81 -1.27 -15.00
C GLY A 66 -10.08 -2.10 -15.16
N GLN A 67 -9.91 -3.38 -15.46
CA GLN A 67 -11.05 -4.28 -15.62
C GLN A 67 -10.81 -5.58 -14.85
N GLY A 68 -11.52 -5.73 -13.76
CA GLY A 68 -11.39 -6.93 -12.94
C GLY A 68 -12.51 -7.08 -11.96
N MET A 69 -13.74 -6.95 -12.45
CA MET A 69 -14.91 -7.08 -11.59
C MET A 69 -16.08 -7.69 -12.38
N ILE A 70 -16.09 -9.02 -12.45
CA ILE A 70 -17.15 -9.75 -13.14
C ILE A 70 -17.46 -11.03 -12.36
N GLN A 71 -18.47 -11.00 -11.51
CA GLN A 71 -18.82 -12.19 -10.73
C GLN A 71 -20.28 -12.55 -10.92
N GLU A 72 -20.90 -11.89 -11.89
CA GLU A 72 -22.31 -12.12 -12.17
C GLU A 72 -22.46 -13.19 -13.24
N PRO A 73 -23.53 -14.00 -13.16
CA PRO A 73 -23.77 -15.09 -14.11
C PRO A 73 -24.15 -14.60 -15.50
N ALA A 74 -24.31 -15.56 -16.41
CA ALA A 74 -24.70 -15.27 -17.77
C ALA A 74 -25.33 -16.50 -18.41
N LEU A 75 -25.76 -16.38 -19.65
CA LEU A 75 -26.37 -17.49 -20.38
C LEU A 75 -25.32 -18.20 -21.22
N PRO A 76 -25.45 -19.53 -21.45
CA PRO A 76 -24.49 -20.28 -22.27
C PRO A 76 -24.65 -19.93 -23.75
N PRO A 77 -23.57 -20.09 -24.55
CA PRO A 77 -23.60 -19.80 -25.98
C PRO A 77 -24.78 -20.46 -26.70
N GLY A 78 -25.56 -19.64 -27.38
CA GLY A 78 -26.73 -20.15 -28.09
C GLY A 78 -28.03 -20.05 -27.30
N TRP A 79 -27.95 -20.03 -25.97
CA TRP A 79 -29.16 -19.91 -25.15
C TRP A 79 -29.51 -18.44 -24.94
N GLU A 80 -30.79 -18.10 -25.03
CA GLU A 80 -31.24 -16.72 -24.84
C GLU A 80 -32.43 -16.67 -23.88
N MET A 81 -32.34 -15.82 -22.88
CA MET A 81 -33.42 -15.61 -21.94
C MET A 81 -34.27 -14.42 -22.40
N LYS A 82 -35.58 -14.60 -22.47
CA LYS A 82 -36.46 -13.56 -23.01
C LYS A 82 -37.79 -13.54 -22.24
N TYR A 83 -38.48 -12.41 -22.27
CA TYR A 83 -39.78 -12.27 -21.60
C TYR A 83 -40.88 -12.03 -22.63
N THR A 84 -42.08 -12.54 -22.37
CA THR A 84 -43.22 -12.24 -23.23
C THR A 84 -43.82 -10.89 -22.82
N SER A 85 -44.93 -10.53 -23.45
CA SER A 85 -45.62 -9.27 -23.19
C SER A 85 -46.02 -9.12 -21.72
N GLU A 86 -46.63 -10.16 -21.16
CA GLU A 86 -47.07 -10.13 -19.74
C GLU A 86 -45.94 -10.51 -18.78
N GLY A 87 -44.73 -10.62 -19.31
CA GLY A 87 -43.58 -10.92 -18.47
C GLY A 87 -43.40 -12.40 -18.20
N VAL A 88 -43.89 -13.25 -19.09
CA VAL A 88 -43.71 -14.68 -18.94
C VAL A 88 -42.31 -15.08 -19.44
N ARG A 89 -41.56 -15.73 -18.57
CA ARG A 89 -40.19 -16.12 -18.87
C ARG A 89 -40.14 -17.31 -19.82
N TYR A 90 -39.56 -17.12 -21.00
CA TYR A 90 -39.39 -18.22 -21.94
C TYR A 90 -37.95 -18.23 -22.44
N PHE A 91 -37.46 -19.39 -22.86
CA PHE A 91 -36.09 -19.49 -23.32
C PHE A 91 -36.04 -19.78 -24.82
N VAL A 92 -35.03 -19.23 -25.46
CA VAL A 92 -34.87 -19.35 -26.89
C VAL A 92 -33.61 -20.16 -27.25
N ASP A 93 -33.81 -21.34 -27.82
CA ASP A 93 -32.69 -22.15 -28.30
C ASP A 93 -32.29 -21.60 -29.68
N HIS A 94 -31.35 -20.68 -29.73
CA HIS A 94 -30.95 -20.03 -30.97
C HIS A 94 -30.06 -20.96 -31.80
N ASN A 95 -29.92 -22.19 -31.33
CA ASN A 95 -29.09 -23.19 -32.02
C ASN A 95 -29.94 -23.98 -33.02
N THR A 96 -31.07 -24.52 -32.56
CA THR A 96 -31.94 -25.32 -33.43
C THR A 96 -33.20 -24.55 -33.82
N ARG A 97 -33.26 -23.28 -33.42
CA ARG A 97 -34.43 -22.44 -33.70
C ARG A 97 -35.70 -23.02 -33.10
N THR A 98 -35.81 -22.83 -31.80
CA THR A 98 -36.91 -23.39 -31.04
C THR A 98 -37.15 -22.56 -29.77
N THR A 99 -38.35 -22.63 -29.21
CA THR A 99 -38.67 -21.90 -27.99
C THR A 99 -39.15 -22.88 -26.91
N THR A 100 -38.62 -22.77 -25.69
CA THR A 100 -39.00 -23.71 -24.63
C THR A 100 -39.18 -22.99 -23.29
N PHE A 101 -39.92 -23.63 -22.40
CA PHE A 101 -40.16 -23.09 -21.08
C PHE A 101 -39.41 -23.91 -20.03
N LYS A 102 -38.25 -23.40 -19.61
CA LYS A 102 -37.45 -24.10 -18.63
C LYS A 102 -36.86 -23.11 -17.64
N ASP A 103 -37.31 -23.19 -16.40
CA ASP A 103 -36.79 -22.34 -15.34
C ASP A 103 -35.86 -23.16 -14.46
N PRO A 104 -34.78 -22.55 -13.93
CA PRO A 104 -33.84 -23.23 -13.03
C PRO A 104 -34.54 -24.00 -11.92
N ARG A 105 -35.62 -23.44 -11.38
CA ARG A 105 -36.38 -24.09 -10.33
C ARG A 105 -37.74 -24.56 -10.84
N PRO A 106 -37.97 -25.87 -10.94
CA PRO A 106 -39.23 -26.40 -11.48
C PRO A 106 -40.36 -26.37 -10.45
N GLY A 107 -41.52 -25.88 -10.87
CA GLY A 107 -42.69 -25.86 -10.02
C GLY A 107 -42.76 -24.63 -9.12
N PHE A 108 -41.59 -24.13 -8.69
CA PHE A 108 -41.49 -22.94 -7.78
C PHE A 108 -42.53 -22.96 -6.65
N GLU A 109 -42.91 -24.18 -6.23
CA GLU A 109 -43.89 -24.39 -5.16
C GLU A 109 -45.23 -23.72 -5.50
N GLY A 1 28.35 25.84 1.59
CA GLY A 1 27.91 27.02 0.79
C GLY A 1 26.43 27.30 0.95
N SER A 2 26.06 27.89 2.09
CA SER A 2 24.67 28.27 2.37
C SER A 2 23.80 27.02 2.56
N HIS A 3 22.53 27.25 2.89
CA HIS A 3 21.57 26.17 3.08
C HIS A 3 20.42 26.30 2.09
N MET A 4 19.67 25.22 1.91
CA MET A 4 18.48 25.23 1.06
C MET A 4 17.37 24.47 1.79
N GLN A 5 16.17 25.03 1.80
CA GLN A 5 15.06 24.42 2.52
C GLN A 5 14.44 23.28 1.73
N TYR A 6 14.19 22.18 2.42
CA TYR A 6 13.53 21.01 1.84
C TYR A 6 12.35 20.63 2.71
N LYS A 7 11.34 20.01 2.11
CA LYS A 7 10.12 19.63 2.83
C LYS A 7 9.74 18.19 2.51
N LEU A 8 9.44 17.41 3.54
CA LEU A 8 8.95 16.05 3.34
C LEU A 8 7.53 15.92 3.86
N ILE A 9 6.72 15.16 3.15
CA ILE A 9 5.35 14.91 3.55
C ILE A 9 5.17 13.42 3.80
N LEU A 10 4.73 13.07 4.99
CA LEU A 10 4.54 11.66 5.32
C LEU A 10 3.12 11.26 5.03
N ASN A 11 2.95 10.50 3.96
CA ASN A 11 1.64 9.97 3.62
C ASN A 11 1.54 8.56 4.14
N GLY A 12 1.11 8.44 5.39
CA GLY A 12 0.96 7.15 6.01
C GLY A 12 -0.38 7.00 6.68
N LYS A 13 -0.50 5.98 7.50
CA LYS A 13 -1.74 5.71 8.23
C LYS A 13 -1.74 6.42 9.60
N THR A 14 -0.75 6.13 10.46
CA THR A 14 -0.68 6.75 11.77
C THR A 14 0.34 7.89 11.79
N LEU A 15 0.88 8.18 10.62
CA LEU A 15 1.86 9.24 10.46
C LEU A 15 1.52 10.06 9.22
N LYS A 16 0.87 11.18 9.45
CA LYS A 16 0.49 12.09 8.38
C LYS A 16 0.85 13.51 8.77
N GLY A 17 1.84 14.08 8.10
CA GLY A 17 2.32 15.41 8.45
C GLY A 17 3.47 15.84 7.58
N GLU A 18 4.18 16.90 7.99
CA GLU A 18 5.29 17.43 7.22
C GLU A 18 6.45 17.81 8.13
N THR A 19 7.60 18.07 7.52
CA THR A 19 8.77 18.54 8.24
C THR A 19 9.78 19.12 7.25
N THR A 20 10.55 20.10 7.71
CA THR A 20 11.53 20.77 6.86
C THR A 20 12.96 20.53 7.38
N THR A 21 13.95 20.78 6.54
CA THR A 21 15.35 20.64 6.94
C THR A 21 16.23 21.47 6.01
N GLU A 22 17.39 21.90 6.51
CA GLU A 22 18.29 22.72 5.73
C GLU A 22 19.39 21.86 5.12
N ALA A 23 19.32 21.62 3.82
CA ALA A 23 20.33 20.81 3.14
C ALA A 23 20.86 21.57 1.93
N VAL A 24 22.10 21.30 1.53
CA VAL A 24 22.68 21.97 0.40
C VAL A 24 22.68 21.06 -0.84
N ASP A 25 22.13 19.86 -0.68
CA ASP A 25 22.14 18.87 -1.76
C ASP A 25 20.88 18.02 -1.73
N ALA A 26 20.55 17.44 -2.88
CA ALA A 26 19.34 16.65 -3.01
C ALA A 26 19.51 15.26 -2.40
N ALA A 27 20.67 14.66 -2.60
CA ALA A 27 20.95 13.33 -2.05
C ALA A 27 21.14 13.43 -0.54
N THR A 28 21.73 14.54 -0.11
CA THR A 28 21.90 14.79 1.31
C THR A 28 20.54 14.96 2.00
N ALA A 29 19.55 15.45 1.24
CA ALA A 29 18.23 15.67 1.78
C ALA A 29 17.52 14.33 1.95
N GLU A 30 17.74 13.44 1.00
CA GLU A 30 17.18 12.11 1.04
C GLU A 30 17.67 11.38 2.27
N LYS A 31 18.99 11.33 2.42
CA LYS A 31 19.64 10.62 3.52
C LYS A 31 19.13 11.06 4.90
N VAL A 32 19.00 12.36 5.12
CA VAL A 32 18.55 12.89 6.40
C VAL A 32 17.08 12.52 6.67
N PHE A 33 16.23 12.76 5.67
CA PHE A 33 14.80 12.49 5.79
C PHE A 33 14.48 10.99 5.82
N LYS A 34 15.39 10.17 5.30
CA LYS A 34 15.16 8.73 5.30
C LYS A 34 15.42 8.17 6.68
N GLN A 35 16.46 8.69 7.32
CA GLN A 35 16.78 8.36 8.71
C GLN A 35 15.63 8.84 9.57
N TYR A 36 15.11 10.01 9.20
CA TYR A 36 13.95 10.60 9.84
C TYR A 36 12.72 9.69 9.70
N ALA A 37 12.41 9.34 8.45
CA ALA A 37 11.25 8.47 8.17
C ALA A 37 11.44 7.11 8.84
N ASN A 38 12.69 6.74 9.03
CA ASN A 38 13.04 5.47 9.67
C ASN A 38 12.65 5.51 11.16
N ASP A 39 12.62 6.69 11.73
CA ASP A 39 12.25 6.86 13.14
C ASP A 39 10.74 6.70 13.34
N ASN A 40 9.96 7.05 12.32
CA ASN A 40 8.52 6.96 12.43
C ASN A 40 8.01 5.71 11.72
N GLY A 41 8.95 4.91 11.21
CA GLY A 41 8.62 3.65 10.57
C GLY A 41 7.79 3.80 9.30
N VAL A 42 8.07 4.84 8.53
CA VAL A 42 7.36 5.06 7.29
C VAL A 42 8.29 4.85 6.11
N ASP A 43 8.06 3.77 5.39
CA ASP A 43 8.85 3.46 4.21
C ASP A 43 7.90 3.15 3.04
N GLY A 44 8.24 3.65 1.86
CA GLY A 44 7.38 3.50 0.71
C GLY A 44 7.98 4.20 -0.50
N GLU A 45 7.22 4.28 -1.58
CA GLU A 45 7.67 4.95 -2.79
C GLU A 45 7.99 6.42 -2.51
N TRP A 46 9.03 6.92 -3.17
CA TRP A 46 9.47 8.30 -2.99
C TRP A 46 9.25 9.13 -4.26
N THR A 47 8.84 10.38 -4.07
CA THR A 47 8.63 11.31 -5.17
C THR A 47 9.21 12.67 -4.80
N TYR A 48 9.49 13.50 -5.81
CA TYR A 48 10.08 14.81 -5.55
C TYR A 48 9.55 15.86 -6.52
N ASP A 49 9.13 17.00 -5.97
CA ASP A 49 8.70 18.13 -6.80
C ASP A 49 9.77 19.20 -6.69
N ASP A 50 10.21 19.75 -7.80
CA ASP A 50 11.36 20.66 -7.78
C ASP A 50 10.92 22.09 -7.46
N ALA A 51 9.68 22.42 -7.76
CA ALA A 51 9.17 23.76 -7.50
C ALA A 51 9.00 24.01 -6.01
N THR A 52 8.71 22.96 -5.26
CA THR A 52 8.48 23.09 -3.82
C THR A 52 9.60 22.44 -2.99
N LYS A 53 10.53 21.73 -3.65
CA LYS A 53 11.61 21.02 -2.93
C LYS A 53 11.02 20.05 -1.92
N THR A 54 9.87 19.52 -2.27
CA THR A 54 9.12 18.64 -1.40
C THR A 54 9.28 17.16 -1.79
N TYR A 55 9.90 16.40 -0.91
CA TYR A 55 9.98 14.94 -1.04
C TYR A 55 8.72 14.34 -0.43
N THR A 56 8.18 13.33 -1.07
CA THR A 56 7.00 12.68 -0.55
C THR A 56 7.19 11.17 -0.43
N VAL A 57 6.85 10.62 0.72
CA VAL A 57 6.96 9.18 0.94
C VAL A 57 5.55 8.60 1.11
N THR A 58 5.17 7.74 0.19
CA THR A 58 3.84 7.17 0.19
C THR A 58 3.85 5.74 0.74
N GLU A 59 3.11 5.53 1.82
CA GLU A 59 3.02 4.23 2.46
C GLU A 59 1.98 3.37 1.72
N GLY A 60 2.42 2.34 1.01
CA GLY A 60 1.49 1.48 0.31
C GLY A 60 2.12 0.16 -0.07
N SER A 61 1.35 -0.91 0.01
CA SER A 61 1.80 -2.24 -0.32
C SER A 61 0.93 -2.84 -1.43
N GLY A 62 1.58 -3.46 -2.42
CA GLY A 62 0.84 -4.05 -3.52
C GLY A 62 0.98 -5.56 -3.54
N GLY A 63 2.17 -6.06 -3.24
CA GLY A 63 2.41 -7.49 -3.22
C GLY A 63 2.24 -8.08 -1.83
N ALA A 64 1.37 -7.45 -1.04
CA ALA A 64 1.07 -7.87 0.34
C ALA A 64 2.23 -7.59 1.27
N GLY A 65 1.94 -7.51 2.57
CA GLY A 65 2.99 -7.25 3.54
C GLY A 65 2.53 -7.55 4.95
N GLY A 66 3.03 -8.64 5.51
CA GLY A 66 2.66 -9.03 6.86
C GLY A 66 3.88 -9.26 7.74
N GLN A 67 5.06 -9.27 7.12
CA GLN A 67 6.34 -9.46 7.82
C GLN A 67 6.44 -10.86 8.43
N GLY A 68 5.71 -11.10 9.52
CA GLY A 68 5.74 -12.40 10.16
C GLY A 68 5.88 -12.32 11.67
N MET A 69 6.55 -11.28 12.15
CA MET A 69 6.76 -11.12 13.58
C MET A 69 5.78 -10.11 14.16
N ILE A 70 5.15 -10.45 15.28
CA ILE A 70 4.18 -9.55 15.92
C ILE A 70 4.41 -9.49 17.43
N GLN A 71 4.46 -10.64 18.08
CA GLN A 71 4.64 -10.70 19.53
C GLN A 71 6.09 -11.01 19.89
N GLU A 72 6.99 -10.81 18.94
CA GLU A 72 8.40 -11.09 19.16
C GLU A 72 9.17 -9.83 19.53
N PRO A 73 9.90 -9.85 20.64
CA PRO A 73 10.70 -8.71 21.10
C PRO A 73 12.01 -8.57 20.34
N ALA A 74 12.78 -7.57 20.73
CA ALA A 74 14.06 -7.33 20.10
C ALA A 74 15.12 -6.97 21.14
N LEU A 75 16.24 -7.65 21.08
CA LEU A 75 17.35 -7.37 22.00
C LEU A 75 18.27 -6.32 21.39
N PRO A 76 18.62 -5.25 22.15
CA PRO A 76 19.50 -4.20 21.64
C PRO A 76 20.89 -4.74 21.32
N PRO A 77 21.55 -4.17 20.30
CA PRO A 77 22.90 -4.59 19.89
C PRO A 77 23.83 -4.78 21.08
N GLY A 78 24.46 -5.94 21.14
CA GLY A 78 25.34 -6.23 22.25
C GLY A 78 24.68 -7.07 23.35
N TRP A 79 23.35 -6.99 23.46
CA TRP A 79 22.62 -7.75 24.49
C TRP A 79 22.19 -9.12 23.96
N GLU A 80 22.28 -10.16 24.81
CA GLU A 80 21.82 -11.49 24.46
C GLU A 80 20.84 -11.98 25.50
N MET A 81 19.92 -12.84 25.08
CA MET A 81 18.91 -13.40 25.98
C MET A 81 18.90 -14.92 25.83
N LYS A 82 18.92 -15.63 26.97
CA LYS A 82 19.00 -17.09 26.94
C LYS A 82 18.21 -17.68 28.12
N TYR A 83 17.79 -18.95 27.98
CA TYR A 83 17.01 -19.63 29.03
C TYR A 83 17.84 -20.71 29.72
N THR A 84 17.49 -21.01 30.97
CA THR A 84 18.12 -22.08 31.71
C THR A 84 17.35 -23.40 31.51
N SER A 85 17.70 -24.42 32.30
CA SER A 85 17.08 -25.73 32.19
C SER A 85 15.57 -25.69 32.49
N GLU A 86 15.21 -25.05 33.59
CA GLU A 86 13.79 -24.99 34.03
C GLU A 86 13.04 -23.87 33.32
N GLY A 87 13.66 -23.27 32.32
CA GLY A 87 13.01 -22.21 31.56
C GLY A 87 13.14 -20.84 32.21
N VAL A 88 14.11 -20.68 33.09
CA VAL A 88 14.34 -19.40 33.73
C VAL A 88 15.14 -18.49 32.79
N ARG A 89 14.58 -17.33 32.50
CA ARG A 89 15.19 -16.39 31.58
C ARG A 89 16.23 -15.51 32.28
N TYR A 90 17.41 -15.42 31.68
CA TYR A 90 18.48 -14.58 32.21
C TYR A 90 19.12 -13.80 31.05
N PHE A 91 19.83 -12.71 31.36
CA PHE A 91 20.39 -11.87 30.31
C PHE A 91 21.92 -11.91 30.29
N VAL A 92 22.49 -11.70 29.12
CA VAL A 92 23.92 -11.77 28.93
C VAL A 92 24.44 -10.58 28.10
N ASP A 93 25.49 -9.93 28.58
CA ASP A 93 26.13 -8.84 27.81
C ASP A 93 27.23 -9.45 26.94
N HIS A 94 27.13 -9.32 25.61
CA HIS A 94 28.10 -9.94 24.70
C HIS A 94 29.40 -9.14 24.66
N ASN A 95 29.33 -7.87 25.05
CA ASN A 95 30.48 -6.98 25.00
C ASN A 95 31.42 -7.24 26.18
N THR A 96 30.87 -7.34 27.38
CA THR A 96 31.66 -7.61 28.56
C THR A 96 31.73 -9.12 28.83
N ARG A 97 30.89 -9.87 28.11
CA ARG A 97 30.85 -11.34 28.20
C ARG A 97 30.46 -11.75 29.61
N THR A 98 29.59 -10.96 30.19
CA THR A 98 29.16 -11.18 31.56
C THR A 98 27.71 -11.65 31.61
N THR A 99 27.31 -12.23 32.73
CA THR A 99 25.94 -12.65 32.92
C THR A 99 25.30 -11.73 33.96
N THR A 100 24.03 -11.39 33.81
CA THR A 100 23.38 -10.51 34.76
C THR A 100 21.94 -10.97 35.00
N PHE A 101 21.56 -11.02 36.27
CA PHE A 101 20.21 -11.45 36.64
C PHE A 101 19.40 -10.26 37.13
N LYS A 102 18.59 -9.71 36.24
CA LYS A 102 17.71 -8.61 36.57
C LYS A 102 16.30 -8.93 36.11
N ASP A 103 15.32 -8.60 36.92
CA ASP A 103 13.94 -8.86 36.58
C ASP A 103 13.31 -7.65 35.90
N PRO A 104 12.97 -7.80 34.61
CA PRO A 104 12.31 -6.75 33.84
C PRO A 104 10.82 -6.66 34.17
N ARG A 105 10.33 -7.65 34.90
CA ARG A 105 8.93 -7.67 35.31
C ARG A 105 8.85 -7.46 36.80
N PRO A 106 8.37 -6.28 37.27
CA PRO A 106 8.21 -6.03 38.71
C PRO A 106 7.40 -7.13 39.40
N GLY A 107 8.02 -7.79 40.37
CA GLY A 107 7.37 -8.88 41.07
C GLY A 107 7.64 -10.24 40.42
N PHE A 108 7.87 -10.26 39.10
CA PHE A 108 8.15 -11.49 38.31
C PHE A 108 7.30 -12.68 38.75
N GLU A 109 6.02 -12.43 38.98
CA GLU A 109 5.05 -13.45 39.38
C GLU A 109 5.42 -14.10 40.72
N GLY A 1 27.53 28.73 3.91
CA GLY A 1 26.07 28.92 3.72
C GLY A 1 25.50 28.02 2.64
N SER A 2 24.72 28.61 1.75
CA SER A 2 24.10 27.88 0.63
C SER A 2 23.09 26.84 1.11
N HIS A 3 22.43 27.12 2.23
CA HIS A 3 21.39 26.24 2.75
C HIS A 3 20.10 26.46 1.95
N MET A 4 19.33 25.41 1.72
CA MET A 4 18.04 25.56 1.05
C MET A 4 17.01 24.83 1.88
N GLN A 5 15.75 25.13 1.64
CA GLN A 5 14.68 24.52 2.41
C GLN A 5 14.09 23.32 1.68
N TYR A 6 14.37 22.13 2.20
CA TYR A 6 13.78 20.93 1.63
C TYR A 6 12.63 20.49 2.53
N LYS A 7 11.49 20.20 1.93
CA LYS A 7 10.31 19.84 2.70
C LYS A 7 9.97 18.37 2.54
N LEU A 8 9.41 17.80 3.58
CA LEU A 8 9.03 16.39 3.58
C LEU A 8 7.56 16.24 3.92
N ILE A 9 6.88 15.38 3.19
CA ILE A 9 5.48 15.09 3.44
C ILE A 9 5.31 13.61 3.72
N LEU A 10 4.90 13.27 4.93
CA LEU A 10 4.71 11.88 5.29
C LEU A 10 3.28 11.50 4.99
N ASN A 11 3.07 10.56 4.08
CA ASN A 11 1.74 10.11 3.81
C ASN A 11 1.64 8.62 4.13
N GLY A 12 1.40 8.36 5.40
CA GLY A 12 1.18 7.01 5.86
C GLY A 12 0.08 6.97 6.90
N LYS A 13 -0.57 5.83 6.99
CA LYS A 13 -1.70 5.60 7.87
C LYS A 13 -1.41 6.07 9.30
N THR A 14 -0.19 5.81 9.76
CA THR A 14 0.19 6.11 11.13
C THR A 14 1.00 7.41 11.22
N LEU A 15 1.16 8.09 10.09
CA LEU A 15 1.97 9.30 10.04
C LEU A 15 1.64 10.12 8.80
N LYS A 16 0.81 11.13 8.99
CA LYS A 16 0.43 12.03 7.91
C LYS A 16 0.65 13.47 8.36
N GLY A 17 1.65 14.10 7.78
CA GLY A 17 2.03 15.46 8.16
C GLY A 17 3.25 15.90 7.38
N GLU A 18 3.85 17.03 7.77
CA GLU A 18 5.02 17.51 7.06
C GLU A 18 6.10 18.02 8.03
N THR A 19 7.28 18.20 7.48
CA THR A 19 8.42 18.72 8.22
C THR A 19 9.41 19.36 7.24
N THR A 20 10.47 19.97 7.76
CA THR A 20 11.43 20.66 6.91
C THR A 20 12.86 20.44 7.38
N THR A 21 13.82 20.64 6.48
CA THR A 21 15.24 20.52 6.83
C THR A 21 16.08 21.42 5.94
N GLU A 22 17.26 21.79 6.42
CA GLU A 22 18.17 22.63 5.65
C GLU A 22 19.34 21.78 5.14
N ALA A 23 19.49 21.69 3.82
CA ALA A 23 20.59 20.92 3.25
C ALA A 23 21.16 21.67 2.05
N VAL A 24 22.40 21.37 1.67
CA VAL A 24 23.02 22.04 0.53
C VAL A 24 22.96 21.19 -0.73
N ASP A 25 22.24 20.08 -0.64
CA ASP A 25 22.07 19.18 -1.78
C ASP A 25 20.77 18.42 -1.63
N ALA A 26 20.22 17.96 -2.73
CA ALA A 26 18.96 17.23 -2.71
C ALA A 26 19.16 15.80 -2.24
N ALA A 27 20.25 15.19 -2.70
CA ALA A 27 20.54 13.81 -2.36
C ALA A 27 20.83 13.67 -0.86
N THR A 28 21.45 14.68 -0.30
CA THR A 28 21.80 14.68 1.12
C THR A 28 20.55 14.78 1.99
N ALA A 29 19.52 15.43 1.45
CA ALA A 29 18.28 15.62 2.18
C ALA A 29 17.54 14.30 2.26
N GLU A 30 17.63 13.54 1.18
CA GLU A 30 17.01 12.24 1.08
C GLU A 30 17.57 11.29 2.15
N LYS A 31 18.91 11.23 2.22
CA LYS A 31 19.59 10.31 3.13
C LYS A 31 19.26 10.60 4.59
N VAL A 32 19.15 11.88 4.93
CA VAL A 32 18.83 12.28 6.30
C VAL A 32 17.37 12.02 6.64
N PHE A 33 16.48 12.45 5.75
CA PHE A 33 15.05 12.30 5.99
C PHE A 33 14.59 10.83 5.89
N LYS A 34 15.35 10.00 5.18
CA LYS A 34 15.00 8.59 5.08
C LYS A 34 15.29 7.87 6.38
N GLN A 35 16.31 8.34 7.09
CA GLN A 35 16.63 7.80 8.41
C GLN A 35 15.61 8.37 9.40
N TYR A 36 15.16 9.59 9.12
CA TYR A 36 14.15 10.25 9.92
C TYR A 36 12.81 9.52 9.82
N ALA A 37 12.39 9.25 8.58
CA ALA A 37 11.16 8.53 8.33
C ALA A 37 11.27 7.10 8.85
N ASN A 38 12.50 6.58 8.81
CA ASN A 38 12.79 5.24 9.32
C ASN A 38 12.44 5.14 10.80
N ASP A 39 12.88 6.13 11.57
CA ASP A 39 12.64 6.15 13.00
C ASP A 39 11.18 6.43 13.32
N ASN A 40 10.42 6.82 12.30
CA ASN A 40 8.99 7.06 12.45
C ASN A 40 8.18 5.86 11.96
N GLY A 41 8.89 4.87 11.44
CA GLY A 41 8.24 3.65 10.96
C GLY A 41 7.57 3.83 9.61
N VAL A 42 7.94 4.87 8.88
CA VAL A 42 7.34 5.13 7.59
C VAL A 42 8.26 4.70 6.46
N ASP A 43 7.79 3.75 5.67
CA ASP A 43 8.57 3.24 4.54
C ASP A 43 7.66 3.10 3.31
N GLY A 44 8.03 3.75 2.20
CA GLY A 44 7.21 3.71 1.01
C GLY A 44 7.88 4.41 -0.16
N GLU A 45 7.14 4.59 -1.25
CA GLU A 45 7.67 5.26 -2.43
C GLU A 45 8.11 6.68 -2.11
N TRP A 46 9.19 7.11 -2.75
CA TRP A 46 9.74 8.44 -2.52
C TRP A 46 9.65 9.28 -3.79
N THR A 47 8.83 10.32 -3.73
CA THR A 47 8.64 11.22 -4.85
C THR A 47 9.33 12.57 -4.59
N TYR A 48 9.70 13.26 -5.65
CA TYR A 48 10.40 14.53 -5.53
C TYR A 48 10.09 15.43 -6.73
N ASP A 49 10.13 16.74 -6.51
CA ASP A 49 9.92 17.72 -7.59
C ASP A 49 10.91 18.87 -7.37
N ASP A 50 11.68 19.23 -8.40
CA ASP A 50 12.74 20.22 -8.24
C ASP A 50 12.20 21.65 -8.19
N ALA A 51 10.91 21.83 -8.48
CA ALA A 51 10.32 23.17 -8.44
C ALA A 51 9.97 23.58 -7.01
N THR A 52 9.47 22.64 -6.21
CA THR A 52 9.08 22.95 -4.83
C THR A 52 10.07 22.39 -3.81
N LYS A 53 11.03 21.58 -4.27
CA LYS A 53 12.02 20.93 -3.38
C LYS A 53 11.31 20.06 -2.36
N THR A 54 10.23 19.43 -2.79
CA THR A 54 9.41 18.62 -1.90
C THR A 54 9.67 17.12 -2.07
N TYR A 55 9.91 16.45 -0.96
CA TYR A 55 10.04 15.00 -0.94
C TYR A 55 8.83 14.41 -0.22
N THR A 56 8.25 13.37 -0.78
CA THR A 56 7.09 12.74 -0.18
C THR A 56 7.26 11.23 -0.09
N VAL A 57 6.94 10.67 1.08
CA VAL A 57 6.98 9.23 1.26
C VAL A 57 5.56 8.73 1.45
N THR A 58 5.12 7.86 0.55
CA THR A 58 3.76 7.38 0.55
C THR A 58 3.68 5.89 0.85
N GLU A 59 2.75 5.51 1.71
CA GLU A 59 2.55 4.10 2.06
C GLU A 59 1.54 3.44 1.10
N GLY A 60 1.64 2.13 0.94
CA GLY A 60 0.69 1.41 0.12
C GLY A 60 -0.34 0.74 0.99
N SER A 61 -1.57 1.23 0.94
CA SER A 61 -2.62 0.72 1.80
C SER A 61 -3.32 -0.50 1.18
N GLY A 62 -4.19 -0.27 0.21
CA GLY A 62 -4.93 -1.35 -0.39
C GLY A 62 -4.43 -1.71 -1.77
N GLY A 63 -3.28 -2.37 -1.81
CA GLY A 63 -2.71 -2.77 -3.10
C GLY A 63 -2.32 -4.24 -3.13
N ALA A 64 -2.22 -4.87 -1.96
CA ALA A 64 -1.81 -6.26 -1.85
C ALA A 64 -2.49 -6.95 -0.67
N GLY A 65 -2.69 -8.25 -0.80
CA GLY A 65 -3.30 -9.00 0.28
C GLY A 65 -4.50 -9.81 -0.19
N GLY A 66 -4.34 -11.13 -0.25
CA GLY A 66 -5.42 -12.00 -0.66
C GLY A 66 -6.29 -12.42 0.52
N GLN A 67 -5.78 -12.15 1.73
CA GLN A 67 -6.49 -12.42 2.99
C GLN A 67 -6.55 -13.92 3.32
N GLY A 68 -5.94 -14.73 2.46
CA GLY A 68 -5.84 -16.17 2.70
C GLY A 68 -7.09 -16.95 2.33
N MET A 69 -8.26 -16.37 2.62
CA MET A 69 -9.56 -17.02 2.37
C MET A 69 -9.74 -18.21 3.32
N ILE A 70 -10.45 -18.01 4.43
CA ILE A 70 -10.59 -19.05 5.44
C ILE A 70 -12.05 -19.24 5.88
N GLN A 71 -12.88 -18.27 5.56
CA GLN A 71 -14.29 -18.29 5.98
C GLN A 71 -15.16 -18.84 4.86
N GLU A 72 -14.51 -19.56 3.96
CA GLU A 72 -15.18 -20.06 2.78
C GLU A 72 -15.59 -21.51 2.98
N PRO A 73 -16.76 -21.89 2.46
CA PRO A 73 -17.25 -23.27 2.53
C PRO A 73 -16.58 -24.17 1.49
N ALA A 74 -16.99 -25.44 1.48
CA ALA A 74 -16.46 -26.43 0.55
C ALA A 74 -14.96 -26.62 0.73
N LEU A 75 -14.35 -27.32 -0.20
CA LEU A 75 -12.91 -27.54 -0.17
C LEU A 75 -12.18 -26.30 -0.68
N PRO A 76 -11.17 -25.81 0.08
CA PRO A 76 -10.37 -24.67 -0.35
C PRO A 76 -9.52 -25.02 -1.57
N PRO A 77 -8.83 -24.04 -2.15
CA PRO A 77 -8.01 -24.24 -3.34
C PRO A 77 -6.88 -25.23 -3.11
N GLY A 78 -6.77 -26.21 -3.99
CA GLY A 78 -5.74 -27.22 -3.84
C GLY A 78 -6.11 -28.36 -2.89
N TRP A 79 -7.15 -28.16 -2.07
CA TRP A 79 -7.56 -29.22 -1.13
C TRP A 79 -8.52 -30.19 -1.83
N GLU A 80 -8.32 -31.49 -1.63
CA GLU A 80 -9.14 -32.50 -2.28
C GLU A 80 -9.79 -33.42 -1.25
N MET A 81 -11.08 -33.65 -1.41
CA MET A 81 -11.81 -34.59 -0.58
C MET A 81 -12.08 -35.84 -1.41
N LYS A 82 -11.56 -36.98 -0.99
CA LYS A 82 -11.63 -38.19 -1.82
C LYS A 82 -11.92 -39.40 -0.94
N TYR A 83 -12.46 -40.46 -1.54
CA TYR A 83 -12.77 -41.67 -0.81
C TYR A 83 -11.80 -42.77 -1.19
N THR A 84 -11.53 -43.67 -0.25
CA THR A 84 -10.69 -44.81 -0.54
C THR A 84 -11.54 -45.88 -1.23
N SER A 85 -10.96 -47.03 -1.53
CA SER A 85 -11.71 -48.10 -2.19
C SER A 85 -12.58 -48.86 -1.19
N GLU A 86 -12.64 -48.36 0.03
CA GLU A 86 -13.36 -49.03 1.11
C GLU A 86 -14.56 -48.19 1.53
N GLY A 87 -14.71 -47.02 0.91
CA GLY A 87 -15.80 -46.12 1.24
C GLY A 87 -15.46 -45.17 2.38
N VAL A 88 -14.18 -44.95 2.62
CA VAL A 88 -13.73 -44.09 3.71
C VAL A 88 -13.19 -42.77 3.19
N ARG A 89 -13.72 -41.67 3.72
CA ARG A 89 -13.32 -40.33 3.34
C ARG A 89 -11.92 -39.99 3.83
N TYR A 90 -11.15 -39.28 2.99
CA TYR A 90 -9.85 -38.77 3.37
C TYR A 90 -9.57 -37.49 2.59
N PHE A 91 -8.65 -36.66 3.07
CA PHE A 91 -8.36 -35.42 2.38
C PHE A 91 -6.91 -35.38 1.95
N VAL A 92 -6.64 -34.70 0.85
CA VAL A 92 -5.29 -34.56 0.34
C VAL A 92 -4.80 -33.15 0.54
N ASP A 93 -3.76 -32.97 1.33
CA ASP A 93 -3.16 -31.64 1.47
C ASP A 93 -2.21 -31.43 0.32
N HIS A 94 -2.27 -30.28 -0.33
CA HIS A 94 -1.47 -30.03 -1.51
C HIS A 94 -0.10 -29.41 -1.17
N ASN A 95 0.04 -28.79 0.01
CA ASN A 95 1.27 -28.06 0.33
C ASN A 95 2.36 -29.02 0.83
N THR A 96 1.98 -30.04 1.58
CA THR A 96 2.93 -31.02 2.07
C THR A 96 2.85 -32.29 1.23
N ARG A 97 1.79 -32.36 0.42
CA ARG A 97 1.50 -33.52 -0.42
C ARG A 97 1.38 -34.77 0.44
N THR A 98 0.26 -34.86 1.12
CA THR A 98 0.01 -35.96 2.03
C THR A 98 -1.46 -36.39 1.98
N THR A 99 -1.75 -37.51 2.60
CA THR A 99 -3.11 -38.01 2.68
C THR A 99 -3.52 -37.98 4.16
N THR A 100 -4.31 -36.98 4.55
CA THR A 100 -4.61 -36.79 5.95
C THR A 100 -6.11 -36.90 6.23
N PHE A 101 -6.43 -37.30 7.45
CA PHE A 101 -7.81 -37.40 7.88
C PHE A 101 -8.12 -36.25 8.83
N LYS A 102 -8.74 -35.20 8.32
CA LYS A 102 -9.09 -34.06 9.15
C LYS A 102 -10.60 -33.92 9.26
N ASP A 103 -11.07 -33.76 10.49
CA ASP A 103 -12.45 -33.58 10.78
C ASP A 103 -12.78 -32.10 10.98
N PRO A 104 -13.83 -31.60 10.29
CA PRO A 104 -14.26 -30.20 10.42
C PRO A 104 -14.72 -29.88 11.84
N ARG A 105 -15.30 -30.87 12.49
CA ARG A 105 -15.76 -30.72 13.86
C ARG A 105 -14.86 -31.54 14.77
N PRO A 106 -13.99 -30.89 15.58
CA PRO A 106 -13.07 -31.59 16.48
C PRO A 106 -13.74 -32.67 17.31
N GLY A 107 -13.28 -33.91 17.13
CA GLY A 107 -13.80 -35.03 17.87
C GLY A 107 -15.05 -35.63 17.24
N PHE A 108 -15.89 -34.79 16.62
CA PHE A 108 -17.14 -35.25 15.98
C PHE A 108 -17.96 -36.09 16.95
N GLU A 109 -18.04 -35.61 18.20
CA GLU A 109 -18.76 -36.30 19.28
C GLU A 109 -18.03 -37.58 19.67
N GLY A 1 27.84 30.51 2.31
CA GLY A 1 27.18 29.24 2.69
C GLY A 1 25.68 29.40 2.80
N SER A 2 24.96 28.89 1.81
CA SER A 2 23.52 28.97 1.80
C SER A 2 22.89 27.59 1.99
N HIS A 3 21.99 27.48 2.94
CA HIS A 3 21.29 26.22 3.18
C HIS A 3 20.02 26.18 2.33
N MET A 4 19.69 25.03 1.76
CA MET A 4 18.50 24.92 0.93
C MET A 4 17.37 24.30 1.73
N GLN A 5 16.18 24.87 1.63
CA GLN A 5 15.04 24.37 2.38
C GLN A 5 14.28 23.33 1.58
N TYR A 6 14.19 22.13 2.13
CA TYR A 6 13.43 21.05 1.49
C TYR A 6 12.30 20.65 2.43
N LYS A 7 11.14 20.34 1.86
CA LYS A 7 10.00 19.94 2.66
C LYS A 7 9.66 18.49 2.41
N LEU A 8 9.16 17.82 3.44
CA LEU A 8 8.80 16.41 3.32
C LEU A 8 7.40 16.19 3.85
N ILE A 9 6.66 15.30 3.20
CA ILE A 9 5.32 14.96 3.61
C ILE A 9 5.23 13.46 3.81
N LEU A 10 4.83 13.05 4.99
CA LEU A 10 4.70 11.63 5.28
C LEU A 10 3.28 11.20 5.02
N ASN A 11 3.01 10.70 3.81
CA ASN A 11 1.68 10.22 3.49
C ASN A 11 1.59 8.76 3.86
N GLY A 12 1.25 8.52 5.11
CA GLY A 12 1.08 7.19 5.60
C GLY A 12 0.11 7.18 6.75
N LYS A 13 -0.81 6.22 6.75
CA LYS A 13 -1.79 6.12 7.83
C LYS A 13 -1.11 5.97 9.20
N THR A 14 0.16 5.54 9.19
CA THR A 14 0.91 5.34 10.41
C THR A 14 1.42 6.69 10.96
N LEU A 15 1.67 7.63 10.06
CA LEU A 15 2.19 8.93 10.44
C LEU A 15 1.93 9.96 9.35
N LYS A 16 0.89 10.75 9.50
CA LYS A 16 0.61 11.82 8.55
C LYS A 16 1.03 13.16 9.13
N GLY A 17 1.95 13.81 8.44
CA GLY A 17 2.47 15.07 8.89
C GLY A 17 3.52 15.60 7.93
N GLU A 18 3.96 16.82 8.14
CA GLU A 18 4.96 17.42 7.28
C GLU A 18 6.06 18.05 8.12
N THR A 19 7.22 18.29 7.51
CA THR A 19 8.35 18.88 8.20
C THR A 19 9.33 19.48 7.19
N THR A 20 10.36 20.17 7.71
CA THR A 20 11.36 20.82 6.88
C THR A 20 12.75 20.51 7.42
N THR A 21 13.78 20.70 6.59
CA THR A 21 15.15 20.47 7.01
C THR A 21 16.11 21.30 6.16
N GLU A 22 17.29 21.59 6.70
CA GLU A 22 18.30 22.34 5.99
C GLU A 22 19.30 21.38 5.34
N ALA A 23 19.40 21.42 4.02
CA ALA A 23 20.35 20.57 3.31
C ALA A 23 21.04 21.38 2.22
N VAL A 24 22.26 21.00 1.84
CA VAL A 24 22.98 21.73 0.79
C VAL A 24 23.04 20.91 -0.50
N ASP A 25 22.30 19.81 -0.54
CA ASP A 25 22.28 18.93 -1.70
C ASP A 25 20.98 18.13 -1.68
N ALA A 26 20.60 17.63 -2.84
CA ALA A 26 19.35 16.87 -2.97
C ALA A 26 19.47 15.49 -2.37
N ALA A 27 20.52 14.76 -2.75
CA ALA A 27 20.72 13.40 -2.27
C ALA A 27 20.99 13.40 -0.77
N THR A 28 21.53 14.51 -0.30
CA THR A 28 21.83 14.69 1.11
C THR A 28 20.55 14.87 1.91
N ALA A 29 19.52 15.43 1.27
CA ALA A 29 18.24 15.65 1.94
C ALA A 29 17.53 14.32 2.10
N GLU A 30 17.68 13.47 1.09
CA GLU A 30 17.11 12.13 1.12
C GLU A 30 17.68 11.36 2.30
N LYS A 31 19.00 11.22 2.33
CA LYS A 31 19.71 10.48 3.38
C LYS A 31 19.27 10.90 4.79
N VAL A 32 19.09 12.21 5.00
CA VAL A 32 18.70 12.73 6.31
C VAL A 32 17.24 12.40 6.62
N PHE A 33 16.34 12.75 5.70
CA PHE A 33 14.91 12.52 5.90
C PHE A 33 14.58 11.03 5.92
N LYS A 34 15.42 10.20 5.30
CA LYS A 34 15.19 8.77 5.32
C LYS A 34 15.42 8.23 6.71
N GLN A 35 16.45 8.75 7.38
CA GLN A 35 16.72 8.39 8.77
C GLN A 35 15.59 8.91 9.65
N TYR A 36 15.01 10.03 9.21
CA TYR A 36 13.89 10.67 9.89
C TYR A 36 12.62 9.82 9.75
N ALA A 37 12.32 9.45 8.51
CA ALA A 37 11.15 8.63 8.21
C ALA A 37 11.32 7.24 8.79
N ASN A 38 12.55 6.73 8.73
CA ASN A 38 12.88 5.40 9.23
C ASN A 38 12.63 5.32 10.73
N ASP A 39 12.93 6.41 11.44
CA ASP A 39 12.72 6.49 12.88
C ASP A 39 11.24 6.48 13.23
N ASN A 40 10.41 6.95 12.29
CA ASN A 40 8.97 7.01 12.50
C ASN A 40 8.31 5.71 12.03
N GLY A 41 9.03 4.94 11.24
CA GLY A 41 8.50 3.68 10.74
C GLY A 41 7.80 3.84 9.40
N VAL A 42 7.94 5.00 8.78
CA VAL A 42 7.30 5.26 7.51
C VAL A 42 8.27 4.98 6.37
N ASP A 43 7.92 4.00 5.56
CA ASP A 43 8.72 3.64 4.41
C ASP A 43 7.79 3.35 3.23
N GLY A 44 8.14 3.86 2.06
CA GLY A 44 7.28 3.70 0.90
C GLY A 44 7.88 4.38 -0.30
N GLU A 45 7.10 4.49 -1.37
CA GLU A 45 7.55 5.12 -2.61
C GLU A 45 8.07 6.53 -2.33
N TRP A 46 9.15 6.91 -3.01
CA TRP A 46 9.71 8.23 -2.84
C TRP A 46 9.53 9.04 -4.11
N THR A 47 8.88 10.17 -3.99
CA THR A 47 8.64 11.06 -5.11
C THR A 47 9.18 12.45 -4.79
N TYR A 48 9.45 13.23 -5.83
CA TYR A 48 9.99 14.57 -5.65
C TYR A 48 9.56 15.49 -6.78
N ASP A 49 9.44 16.78 -6.47
CA ASP A 49 9.07 17.77 -7.48
C ASP A 49 10.07 18.94 -7.41
N ASP A 50 10.52 19.41 -8.57
CA ASP A 50 11.57 20.44 -8.62
C ASP A 50 11.01 21.82 -8.32
N ALA A 51 9.75 22.03 -8.64
CA ALA A 51 9.12 23.33 -8.45
C ALA A 51 8.82 23.60 -6.98
N THR A 52 8.50 22.57 -6.22
CA THR A 52 8.14 22.75 -4.82
C THR A 52 9.24 22.33 -3.85
N LYS A 53 10.27 21.65 -4.35
CA LYS A 53 11.38 21.14 -3.50
C LYS A 53 10.81 20.23 -2.42
N THR A 54 9.73 19.54 -2.75
CA THR A 54 9.04 18.68 -1.81
C THR A 54 9.42 17.21 -2.01
N TYR A 55 9.92 16.60 -0.95
CA TYR A 55 10.16 15.16 -0.92
C TYR A 55 8.93 14.50 -0.32
N THR A 56 8.44 13.44 -0.94
CA THR A 56 7.26 12.77 -0.43
C THR A 56 7.45 11.26 -0.34
N VAL A 57 7.09 10.70 0.80
CA VAL A 57 7.13 9.26 1.00
C VAL A 57 5.71 8.76 1.21
N THR A 58 5.29 7.82 0.39
CA THR A 58 3.90 7.36 0.41
C THR A 58 3.78 5.88 0.76
N GLU A 59 2.96 5.59 1.77
CA GLU A 59 2.64 4.20 2.11
C GLU A 59 1.63 3.70 1.06
N GLY A 60 2.10 2.98 0.03
CA GLY A 60 1.20 2.56 -1.04
C GLY A 60 0.05 1.70 -0.55
N SER A 61 -1.15 2.24 -0.62
CA SER A 61 -2.35 1.53 -0.21
C SER A 61 -2.59 0.33 -1.14
N GLY A 62 -2.17 -0.84 -0.68
CA GLY A 62 -2.33 -2.05 -1.45
C GLY A 62 -3.31 -3.00 -0.79
N GLY A 63 -4.55 -2.57 -0.68
CA GLY A 63 -5.56 -3.38 -0.05
C GLY A 63 -6.21 -4.35 -1.03
N ALA A 64 -5.42 -4.78 -2.02
CA ALA A 64 -5.87 -5.73 -3.04
C ALA A 64 -7.04 -5.18 -3.86
N GLY A 65 -7.21 -3.87 -3.85
CA GLY A 65 -8.29 -3.26 -4.60
C GLY A 65 -8.09 -1.77 -4.80
N GLY A 66 -8.76 -1.23 -5.81
CA GLY A 66 -8.65 0.17 -6.13
C GLY A 66 -9.71 1.00 -5.43
N GLN A 67 -10.04 0.60 -4.21
CA GLN A 67 -11.06 1.29 -3.41
C GLN A 67 -10.68 2.76 -3.16
N GLY A 68 -11.32 3.65 -3.91
CA GLY A 68 -11.06 5.06 -3.77
C GLY A 68 -11.19 5.78 -5.10
N MET A 69 -11.61 7.05 -5.07
CA MET A 69 -11.76 7.84 -6.30
C MET A 69 -12.66 7.12 -7.30
N ILE A 70 -13.79 6.63 -6.83
CA ILE A 70 -14.69 5.85 -7.67
C ILE A 70 -15.82 6.74 -8.15
N GLN A 71 -15.48 7.64 -9.05
CA GLN A 71 -16.45 8.57 -9.60
C GLN A 71 -16.36 8.58 -11.12
N GLU A 72 -15.73 7.56 -11.66
CA GLU A 72 -15.57 7.43 -13.10
C GLU A 72 -16.56 6.41 -13.65
N PRO A 73 -17.26 6.74 -14.75
CA PRO A 73 -18.27 5.85 -15.34
C PRO A 73 -17.65 4.66 -16.05
N ALA A 74 -18.51 3.72 -16.41
CA ALA A 74 -18.10 2.51 -17.11
C ALA A 74 -19.33 1.73 -17.53
N LEU A 75 -19.15 0.72 -18.37
CA LEU A 75 -20.26 -0.10 -18.83
C LEU A 75 -20.68 -1.08 -17.72
N PRO A 76 -21.97 -1.45 -17.64
CA PRO A 76 -22.45 -2.40 -16.62
C PRO A 76 -21.98 -3.82 -16.94
N PRO A 77 -21.75 -4.65 -15.91
CA PRO A 77 -21.35 -6.05 -16.09
C PRO A 77 -22.21 -6.78 -17.12
N GLY A 78 -21.56 -7.34 -18.11
CA GLY A 78 -22.26 -8.01 -19.18
C GLY A 78 -22.39 -7.14 -20.43
N TRP A 79 -22.46 -5.82 -20.25
CA TRP A 79 -22.55 -4.89 -21.38
C TRP A 79 -21.15 -4.42 -21.75
N GLU A 80 -20.90 -4.22 -23.05
CA GLU A 80 -19.62 -3.67 -23.46
C GLU A 80 -19.82 -2.72 -24.63
N MET A 81 -18.86 -1.83 -24.82
CA MET A 81 -18.92 -0.84 -25.87
C MET A 81 -17.71 -0.98 -26.79
N LYS A 82 -17.94 -0.98 -28.10
CA LYS A 82 -16.86 -1.12 -29.08
C LYS A 82 -17.20 -0.34 -30.34
N TYR A 83 -16.17 0.05 -31.10
CA TYR A 83 -16.36 0.75 -32.38
C TYR A 83 -16.14 -0.23 -33.54
N THR A 84 -16.88 -0.05 -34.64
CA THR A 84 -16.68 -0.86 -35.82
C THR A 84 -15.44 -0.37 -36.57
N SER A 85 -15.09 -1.00 -37.68
CA SER A 85 -13.92 -0.61 -38.47
C SER A 85 -14.19 0.65 -39.29
N GLU A 86 -15.31 1.29 -38.99
CA GLU A 86 -15.76 2.50 -39.69
C GLU A 86 -15.90 3.64 -38.68
N GLY A 87 -15.66 3.32 -37.41
CA GLY A 87 -15.78 4.30 -36.35
C GLY A 87 -17.20 4.44 -35.81
N VAL A 88 -18.02 3.41 -36.02
CA VAL A 88 -19.41 3.44 -35.57
C VAL A 88 -19.56 2.74 -34.21
N ARG A 89 -20.42 3.28 -33.36
CA ARG A 89 -20.64 2.76 -32.01
C ARG A 89 -21.68 1.65 -31.98
N TYR A 90 -21.29 0.49 -31.45
CA TYR A 90 -22.24 -0.60 -31.28
C TYR A 90 -22.11 -1.21 -29.88
N PHE A 91 -23.18 -1.82 -29.36
CA PHE A 91 -23.14 -2.41 -28.02
C PHE A 91 -23.12 -3.92 -28.09
N VAL A 92 -22.35 -4.53 -27.20
CA VAL A 92 -22.22 -5.98 -27.17
C VAL A 92 -22.78 -6.55 -25.88
N ASP A 93 -23.77 -7.43 -25.98
CA ASP A 93 -24.31 -8.11 -24.80
C ASP A 93 -23.51 -9.42 -24.61
N HIS A 94 -22.77 -9.54 -23.51
CA HIS A 94 -21.90 -10.71 -23.30
C HIS A 94 -22.67 -11.93 -22.80
N ASN A 95 -23.93 -11.77 -22.52
CA ASN A 95 -24.71 -12.88 -22.00
C ASN A 95 -25.41 -13.66 -23.13
N THR A 96 -25.84 -12.96 -24.18
CA THR A 96 -26.46 -13.60 -25.32
C THR A 96 -25.53 -13.62 -26.53
N ARG A 97 -24.41 -12.90 -26.41
CA ARG A 97 -23.37 -12.83 -27.47
C ARG A 97 -23.93 -12.22 -28.75
N THR A 98 -24.87 -11.35 -28.54
CA THR A 98 -25.53 -10.62 -29.61
C THR A 98 -25.03 -9.18 -29.67
N THR A 99 -25.14 -8.54 -30.84
CA THR A 99 -24.73 -7.15 -30.99
C THR A 99 -25.95 -6.26 -31.24
N THR A 100 -26.38 -5.50 -30.22
CA THR A 100 -27.54 -4.65 -30.38
C THR A 100 -27.11 -3.23 -30.72
N PHE A 101 -27.92 -2.54 -31.51
CA PHE A 101 -27.61 -1.18 -31.93
C PHE A 101 -28.65 -0.23 -31.37
N LYS A 102 -28.26 0.55 -30.38
CA LYS A 102 -29.16 1.51 -29.77
C LYS A 102 -28.48 2.87 -29.62
N ASP A 103 -28.77 3.77 -30.54
CA ASP A 103 -28.24 5.11 -30.49
C ASP A 103 -29.40 6.09 -30.33
N PRO A 104 -29.27 7.07 -29.43
CA PRO A 104 -30.32 8.05 -29.16
C PRO A 104 -30.71 8.90 -30.39
N ARG A 105 -29.84 8.95 -31.39
CA ARG A 105 -30.15 9.71 -32.60
C ARG A 105 -30.46 8.75 -33.74
N PRO A 106 -31.71 8.71 -34.24
CA PRO A 106 -32.09 7.76 -35.28
C PRO A 106 -31.45 8.10 -36.62
N GLY A 107 -30.83 7.12 -37.24
CA GLY A 107 -30.18 7.32 -38.52
C GLY A 107 -28.78 7.89 -38.40
N PHE A 108 -28.47 8.56 -37.27
CA PHE A 108 -27.15 9.20 -37.03
C PHE A 108 -26.59 9.87 -38.28
N GLU A 109 -27.48 10.53 -39.02
CA GLU A 109 -27.10 11.23 -40.25
C GLU A 109 -27.78 12.59 -40.27
N GLY A 1 22.92 33.10 0.61
CA GLY A 1 21.99 31.96 0.78
C GLY A 1 22.60 30.66 0.31
N SER A 2 23.15 29.90 1.25
CA SER A 2 23.79 28.64 0.92
C SER A 2 22.82 27.47 1.06
N HIS A 3 22.37 27.22 2.29
CA HIS A 3 21.46 26.10 2.56
C HIS A 3 20.15 26.26 1.77
N MET A 4 19.59 25.15 1.32
CA MET A 4 18.35 25.19 0.55
C MET A 4 17.24 24.51 1.34
N GLN A 5 16.06 25.10 1.32
CA GLN A 5 14.91 24.56 2.04
C GLN A 5 14.33 23.34 1.34
N TYR A 6 14.41 22.19 1.99
CA TYR A 6 13.81 20.96 1.46
C TYR A 6 12.64 20.57 2.34
N LYS A 7 11.58 20.04 1.74
CA LYS A 7 10.39 19.71 2.52
C LYS A 7 10.12 18.22 2.49
N LEU A 8 9.29 17.78 3.42
CA LEU A 8 8.92 16.38 3.51
C LEU A 8 7.49 16.22 3.99
N ILE A 9 6.68 15.49 3.23
CA ILE A 9 5.32 15.18 3.62
C ILE A 9 5.21 13.68 3.86
N LEU A 10 4.85 13.28 5.08
CA LEU A 10 4.74 11.87 5.41
C LEU A 10 3.31 11.42 5.19
N ASN A 11 3.11 10.60 4.17
CA ASN A 11 1.78 10.09 3.84
C ASN A 11 1.67 8.64 4.30
N GLY A 12 1.24 8.47 5.53
CA GLY A 12 1.05 7.15 6.08
C GLY A 12 -0.24 7.08 6.88
N LYS A 13 -1.07 6.10 6.54
CA LYS A 13 -2.40 5.91 7.16
C LYS A 13 -2.38 5.96 8.68
N THR A 14 -1.28 5.55 9.29
CA THR A 14 -1.20 5.56 10.75
C THR A 14 -0.54 6.83 11.27
N LEU A 15 0.52 7.25 10.59
CA LEU A 15 1.25 8.45 10.99
C LEU A 15 1.44 9.37 9.79
N LYS A 16 0.75 10.50 9.79
CA LYS A 16 0.91 11.49 8.74
C LYS A 16 1.52 12.74 9.35
N GLY A 17 2.19 13.54 8.53
CA GLY A 17 2.84 14.73 9.03
C GLY A 17 3.58 15.46 7.94
N GLU A 18 4.33 16.48 8.33
CA GLU A 18 5.12 17.27 7.39
C GLU A 18 6.14 18.11 8.13
N THR A 19 7.26 18.39 7.46
CA THR A 19 8.35 19.15 8.08
C THR A 19 9.32 19.68 7.01
N THR A 20 10.34 20.40 7.45
CA THR A 20 11.31 20.99 6.55
C THR A 20 12.74 20.85 7.10
N THR A 21 13.73 20.95 6.21
CA THR A 21 15.13 20.89 6.63
C THR A 21 15.98 21.74 5.69
N GLU A 22 17.13 22.16 6.18
CA GLU A 22 18.04 22.97 5.39
C GLU A 22 19.24 22.14 4.92
N ALA A 23 19.31 21.85 3.63
CA ALA A 23 20.39 21.04 3.09
C ALA A 23 20.87 21.64 1.78
N VAL A 24 22.08 21.31 1.33
CA VAL A 24 22.60 21.84 0.08
C VAL A 24 22.67 20.77 -1.01
N ASP A 25 22.12 19.59 -0.73
CA ASP A 25 22.15 18.49 -1.70
C ASP A 25 20.87 17.68 -1.63
N ALA A 26 20.42 17.19 -2.79
CA ALA A 26 19.23 16.36 -2.86
C ALA A 26 19.45 15.05 -2.11
N ALA A 27 20.61 14.44 -2.33
CA ALA A 27 20.97 13.19 -1.68
C ALA A 27 21.00 13.36 -0.16
N THR A 28 21.54 14.48 0.28
CA THR A 28 21.63 14.75 1.72
C THR A 28 20.25 14.92 2.35
N ALA A 29 19.32 15.48 1.58
CA ALA A 29 17.96 15.70 2.07
C ALA A 29 17.28 14.35 2.23
N GLU A 30 17.58 13.46 1.29
CA GLU A 30 17.05 12.11 1.31
C GLU A 30 17.62 11.37 2.52
N LYS A 31 18.94 11.29 2.59
CA LYS A 31 19.65 10.55 3.64
C LYS A 31 19.16 10.89 5.06
N VAL A 32 19.03 12.18 5.35
CA VAL A 32 18.62 12.60 6.69
C VAL A 32 17.15 12.29 6.95
N PHE A 33 16.31 12.63 5.99
CA PHE A 33 14.88 12.39 6.13
C PHE A 33 14.53 10.90 6.08
N LYS A 34 15.38 10.10 5.45
CA LYS A 34 15.15 8.67 5.38
C LYS A 34 15.26 8.04 6.76
N GLN A 35 16.31 8.39 7.49
CA GLN A 35 16.51 7.90 8.84
C GLN A 35 15.37 8.42 9.72
N TYR A 36 14.92 9.64 9.38
CA TYR A 36 13.81 10.29 10.08
C TYR A 36 12.51 9.50 9.87
N ALA A 37 12.18 9.26 8.60
CA ALA A 37 10.97 8.53 8.25
C ALA A 37 11.05 7.08 8.69
N ASN A 38 12.23 6.49 8.52
CA ASN A 38 12.47 5.09 8.86
C ASN A 38 12.27 4.87 10.35
N ASP A 39 12.63 5.87 11.15
CA ASP A 39 12.47 5.79 12.60
C ASP A 39 10.99 5.75 12.98
N ASN A 40 10.18 6.53 12.28
CA ASN A 40 8.73 6.56 12.52
C ASN A 40 8.07 5.31 11.94
N GLY A 41 8.81 4.59 11.12
CA GLY A 41 8.28 3.39 10.49
C GLY A 41 7.72 3.65 9.11
N VAL A 42 7.99 4.84 8.57
CA VAL A 42 7.51 5.20 7.26
C VAL A 42 8.57 4.97 6.21
N ASP A 43 8.44 3.86 5.52
CA ASP A 43 9.36 3.51 4.45
C ASP A 43 8.56 3.16 3.19
N GLY A 44 8.47 4.09 2.26
CA GLY A 44 7.69 3.87 1.06
C GLY A 44 8.32 4.51 -0.14
N GLU A 45 7.61 4.52 -1.25
CA GLU A 45 8.12 5.12 -2.49
C GLU A 45 8.32 6.61 -2.32
N TRP A 46 9.33 7.14 -2.99
CA TRP A 46 9.67 8.56 -2.87
C TRP A 46 9.35 9.32 -4.15
N THR A 47 8.68 10.44 -3.98
CA THR A 47 8.35 11.32 -5.11
C THR A 47 8.92 12.71 -4.82
N TYR A 48 9.49 13.36 -5.81
CA TYR A 48 10.12 14.65 -5.61
C TYR A 48 9.75 15.64 -6.72
N ASP A 49 9.78 16.92 -6.38
CA ASP A 49 9.52 17.99 -7.36
C ASP A 49 10.61 19.03 -7.22
N ASP A 50 11.21 19.43 -8.33
CA ASP A 50 12.38 20.31 -8.25
C ASP A 50 11.95 21.77 -8.22
N ALA A 51 10.69 22.02 -8.52
CA ALA A 51 10.16 23.37 -8.52
C ALA A 51 9.94 23.88 -7.09
N THR A 52 9.59 22.97 -6.18
CA THR A 52 9.33 23.35 -4.80
C THR A 52 10.29 22.72 -3.79
N LYS A 53 11.11 21.74 -4.22
CA LYS A 53 12.05 21.03 -3.33
C LYS A 53 11.30 20.20 -2.28
N THR A 54 10.07 19.84 -2.61
CA THR A 54 9.23 19.05 -1.73
C THR A 54 9.43 17.56 -1.97
N TYR A 55 9.80 16.82 -0.93
CA TYR A 55 9.92 15.37 -1.02
C TYR A 55 8.70 14.75 -0.35
N THR A 56 8.14 13.73 -0.97
CA THR A 56 6.99 13.06 -0.42
C THR A 56 7.22 11.56 -0.36
N VAL A 57 7.00 10.99 0.82
CA VAL A 57 7.14 9.55 1.01
C VAL A 57 5.76 8.94 1.19
N THR A 58 5.39 8.07 0.26
CA THR A 58 4.06 7.48 0.27
C THR A 58 4.10 6.04 0.74
N GLU A 59 3.31 5.75 1.77
CA GLU A 59 3.20 4.40 2.30
C GLU A 59 2.26 3.59 1.38
N GLY A 60 2.76 2.51 0.80
CA GLY A 60 1.93 1.76 -0.13
C GLY A 60 1.60 0.38 0.38
N SER A 61 0.34 0.19 0.75
CA SER A 61 -0.11 -1.09 1.25
C SER A 61 -0.62 -1.96 0.10
N GLY A 62 -0.76 -1.36 -1.07
CA GLY A 62 -1.23 -2.10 -2.23
C GLY A 62 -2.34 -1.36 -2.96
N GLY A 63 -2.92 -2.00 -3.96
CA GLY A 63 -3.98 -1.37 -4.73
C GLY A 63 -5.36 -1.79 -4.24
N ALA A 64 -5.49 -3.07 -3.92
CA ALA A 64 -6.76 -3.59 -3.42
C ALA A 64 -6.51 -4.56 -2.28
N GLY A 65 -5.57 -5.47 -2.48
CA GLY A 65 -5.22 -6.42 -1.46
C GLY A 65 -5.80 -7.80 -1.73
N GLY A 66 -5.87 -8.62 -0.68
CA GLY A 66 -6.35 -9.98 -0.82
C GLY A 66 -7.84 -10.10 -0.56
N GLN A 67 -8.60 -9.07 -0.91
CA GLN A 67 -10.05 -9.10 -0.75
C GLN A 67 -10.66 -9.86 -1.92
N GLY A 68 -11.06 -11.11 -1.69
CA GLY A 68 -11.61 -11.90 -2.76
C GLY A 68 -12.47 -13.05 -2.28
N MET A 69 -13.54 -13.35 -3.02
CA MET A 69 -14.46 -14.43 -2.66
C MET A 69 -14.66 -15.37 -3.85
N ILE A 70 -13.87 -15.12 -4.89
CA ILE A 70 -13.97 -15.89 -6.12
C ILE A 70 -12.56 -16.14 -6.68
N GLN A 71 -12.02 -17.33 -6.48
CA GLN A 71 -10.68 -17.63 -6.97
C GLN A 71 -10.72 -18.69 -8.06
N GLU A 72 -11.93 -19.00 -8.49
CA GLU A 72 -12.15 -19.99 -9.55
C GLU A 72 -11.64 -19.46 -10.89
N PRO A 73 -10.94 -20.30 -11.67
CA PRO A 73 -10.44 -19.94 -12.99
C PRO A 73 -11.46 -20.24 -14.09
N ALA A 74 -11.29 -19.63 -15.25
CA ALA A 74 -12.16 -19.87 -16.39
C ALA A 74 -11.56 -20.88 -17.34
N LEU A 75 -12.31 -21.23 -18.39
CA LEU A 75 -11.85 -22.21 -19.37
C LEU A 75 -10.66 -21.66 -20.17
N PRO A 76 -9.60 -22.46 -20.41
CA PRO A 76 -8.47 -22.02 -21.23
C PRO A 76 -8.87 -21.92 -22.70
N PRO A 77 -8.28 -20.97 -23.45
CA PRO A 77 -8.57 -20.81 -24.89
C PRO A 77 -8.50 -22.13 -25.64
N GLY A 78 -9.57 -22.43 -26.36
CA GLY A 78 -9.63 -23.70 -27.06
C GLY A 78 -10.47 -24.75 -26.34
N TRP A 79 -10.57 -24.64 -25.02
CA TRP A 79 -11.42 -25.56 -24.25
C TRP A 79 -12.83 -24.98 -24.14
N GLU A 80 -13.86 -25.83 -24.31
CA GLU A 80 -15.22 -25.38 -24.19
C GLU A 80 -15.97 -26.18 -23.14
N MET A 81 -16.85 -25.49 -22.43
CA MET A 81 -17.63 -26.11 -21.38
C MET A 81 -19.10 -26.09 -21.80
N LYS A 82 -19.67 -27.25 -22.06
CA LYS A 82 -21.05 -27.30 -22.52
C LYS A 82 -21.81 -28.42 -21.81
N TYR A 83 -23.13 -28.29 -21.73
CA TYR A 83 -23.95 -29.27 -21.03
C TYR A 83 -24.99 -29.83 -21.98
N THR A 84 -25.41 -31.06 -21.72
CA THR A 84 -26.49 -31.64 -22.49
C THR A 84 -27.83 -31.23 -21.85
N SER A 85 -28.94 -31.53 -22.49
CA SER A 85 -30.24 -31.12 -22.00
C SER A 85 -30.75 -32.04 -20.87
N GLU A 86 -29.83 -32.82 -20.31
CA GLU A 86 -30.17 -33.77 -19.24
C GLU A 86 -29.34 -33.49 -18.00
N GLY A 87 -28.48 -32.48 -18.08
CA GLY A 87 -27.62 -32.15 -16.97
C GLY A 87 -26.28 -32.86 -17.05
N VAL A 88 -25.98 -33.45 -18.19
CA VAL A 88 -24.71 -34.14 -18.38
C VAL A 88 -23.67 -33.16 -18.91
N ARG A 89 -22.54 -33.09 -18.23
CA ARG A 89 -21.49 -32.15 -18.57
C ARG A 89 -20.44 -32.79 -19.47
N TYR A 90 -20.21 -32.21 -20.66
CA TYR A 90 -19.19 -32.73 -21.55
C TYR A 90 -18.24 -31.60 -21.95
N PHE A 91 -16.99 -31.94 -22.25
CA PHE A 91 -16.02 -30.92 -22.61
C PHE A 91 -15.52 -31.18 -24.03
N VAL A 92 -15.24 -30.10 -24.74
CA VAL A 92 -14.81 -30.20 -26.12
C VAL A 92 -13.36 -29.73 -26.28
N ASP A 93 -12.47 -30.66 -26.60
CA ASP A 93 -11.07 -30.32 -26.88
C ASP A 93 -10.98 -29.81 -28.31
N HIS A 94 -11.11 -28.49 -28.51
CA HIS A 94 -11.10 -27.95 -29.86
C HIS A 94 -9.68 -27.92 -30.42
N ASN A 95 -8.72 -28.30 -29.59
CA ASN A 95 -7.32 -28.35 -30.02
C ASN A 95 -7.09 -29.55 -30.93
N THR A 96 -7.56 -30.71 -30.50
CA THR A 96 -7.41 -31.94 -31.26
C THR A 96 -8.74 -32.33 -31.92
N ARG A 97 -9.78 -31.60 -31.56
CA ARG A 97 -11.14 -31.84 -32.08
C ARG A 97 -11.68 -33.18 -31.61
N THR A 98 -12.10 -33.20 -30.37
CA THR A 98 -12.64 -34.40 -29.75
C THR A 98 -13.51 -34.02 -28.56
N THR A 99 -14.21 -34.98 -27.99
CA THR A 99 -15.07 -34.73 -26.84
C THR A 99 -14.66 -35.63 -25.67
N THR A 100 -14.73 -35.12 -24.45
CA THR A 100 -14.34 -35.90 -23.29
C THR A 100 -15.20 -35.52 -22.09
N PHE A 101 -15.30 -36.44 -21.13
CA PHE A 101 -16.06 -36.19 -19.91
C PHE A 101 -15.10 -36.17 -18.72
N LYS A 102 -14.70 -34.98 -18.32
CA LYS A 102 -13.82 -34.84 -17.17
C LYS A 102 -14.15 -33.60 -16.38
N ASP A 103 -14.44 -33.78 -15.10
CA ASP A 103 -14.73 -32.67 -14.21
C ASP A 103 -13.56 -32.48 -13.24
N PRO A 104 -13.04 -31.26 -13.12
CA PRO A 104 -11.88 -30.98 -12.25
C PRO A 104 -12.23 -30.90 -10.76
N ARG A 105 -13.52 -30.99 -10.42
CA ARG A 105 -13.93 -30.93 -9.02
C ARG A 105 -14.41 -32.30 -8.51
N PRO A 106 -13.61 -32.97 -7.65
CA PRO A 106 -14.01 -34.26 -7.08
C PRO A 106 -15.31 -34.14 -6.29
N GLY A 107 -16.31 -34.91 -6.70
CA GLY A 107 -17.59 -34.90 -6.00
C GLY A 107 -18.62 -33.97 -6.61
N PHE A 108 -18.17 -32.80 -7.13
CA PHE A 108 -19.06 -31.77 -7.73
C PHE A 108 -20.41 -31.64 -7.01
N GLU A 109 -20.37 -31.74 -5.68
CA GLU A 109 -21.57 -31.65 -4.86
C GLU A 109 -21.20 -31.11 -3.49
N GLY A 1 28.01 27.08 0.39
CA GLY A 1 27.24 28.35 0.39
C GLY A 1 26.07 28.29 1.35
N SER A 2 24.98 28.93 0.97
CA SER A 2 23.77 28.94 1.78
C SER A 2 23.04 27.60 1.68
N HIS A 3 21.98 27.45 2.43
CA HIS A 3 21.21 26.21 2.40
C HIS A 3 19.95 26.39 1.58
N MET A 4 19.27 25.30 1.31
CA MET A 4 18.00 25.37 0.61
C MET A 4 16.97 24.71 1.50
N GLN A 5 15.74 25.15 1.40
CA GLN A 5 14.69 24.62 2.25
C GLN A 5 14.08 23.39 1.63
N TYR A 6 14.46 22.22 2.13
CA TYR A 6 13.88 20.98 1.64
C TYR A 6 12.65 20.64 2.46
N LYS A 7 11.65 20.12 1.79
CA LYS A 7 10.35 19.86 2.40
C LYS A 7 10.03 18.37 2.30
N LEU A 8 9.33 17.85 3.29
CA LEU A 8 8.92 16.43 3.26
C LEU A 8 7.52 16.27 3.84
N ILE A 9 6.75 15.37 3.24
CA ILE A 9 5.41 15.05 3.70
C ILE A 9 5.32 13.56 3.95
N LEU A 10 4.92 13.18 5.16
CA LEU A 10 4.80 11.76 5.47
C LEU A 10 3.40 11.30 5.19
N ASN A 11 3.21 10.68 4.04
CA ASN A 11 1.91 10.16 3.69
C ASN A 11 1.79 8.75 4.26
N GLY A 12 1.37 8.68 5.51
CA GLY A 12 1.21 7.40 6.18
C GLY A 12 -0.16 7.28 6.84
N LYS A 13 -0.90 6.26 6.46
CA LYS A 13 -2.27 6.04 6.94
C LYS A 13 -2.42 6.21 8.46
N THR A 14 -1.45 5.71 9.21
CA THR A 14 -1.54 5.79 10.66
C THR A 14 -1.05 7.15 11.18
N LEU A 15 0.05 7.65 10.62
CA LEU A 15 0.61 8.92 11.04
C LEU A 15 0.96 9.77 9.82
N LYS A 16 0.28 10.91 9.67
CA LYS A 16 0.56 11.83 8.58
C LYS A 16 1.07 13.13 9.14
N GLY A 17 1.94 13.80 8.40
CA GLY A 17 2.51 15.04 8.85
C GLY A 17 3.49 15.60 7.84
N GLU A 18 4.19 16.66 8.21
CA GLU A 18 5.17 17.27 7.32
C GLU A 18 6.18 18.09 8.09
N THR A 19 7.37 18.24 7.51
CA THR A 19 8.45 18.97 8.16
C THR A 19 9.40 19.56 7.11
N THR A 20 10.45 20.23 7.57
CA THR A 20 11.42 20.87 6.71
C THR A 20 12.84 20.70 7.27
N THR A 21 13.85 20.94 6.44
CA THR A 21 15.24 20.87 6.91
C THR A 21 16.13 21.72 6.01
N GLU A 22 17.27 22.15 6.56
CA GLU A 22 18.24 22.94 5.81
C GLU A 22 19.31 22.04 5.21
N ALA A 23 19.19 21.73 3.93
CA ALA A 23 20.17 20.86 3.27
C ALA A 23 20.73 21.57 2.03
N VAL A 24 21.91 21.16 1.58
CA VAL A 24 22.53 21.80 0.42
C VAL A 24 22.52 20.89 -0.81
N ASP A 25 21.85 19.75 -0.72
CA ASP A 25 21.84 18.81 -1.83
C ASP A 25 20.65 17.86 -1.74
N ALA A 26 20.31 17.25 -2.87
CA ALA A 26 19.18 16.32 -2.96
C ALA A 26 19.49 15.01 -2.25
N ALA A 27 20.68 14.47 -2.49
CA ALA A 27 21.06 13.20 -1.90
C ALA A 27 21.14 13.32 -0.37
N THR A 28 21.61 14.46 0.09
CA THR A 28 21.72 14.74 1.52
C THR A 28 20.33 14.80 2.16
N ALA A 29 19.36 15.32 1.40
CA ALA A 29 18.00 15.48 1.90
C ALA A 29 17.36 14.11 2.07
N GLU A 30 17.61 13.24 1.11
CA GLU A 30 17.09 11.89 1.13
C GLU A 30 17.63 11.15 2.35
N LYS A 31 18.96 11.05 2.42
CA LYS A 31 19.66 10.35 3.50
C LYS A 31 19.15 10.74 4.88
N VAL A 32 19.02 12.04 5.14
CA VAL A 32 18.60 12.51 6.46
C VAL A 32 17.14 12.18 6.75
N PHE A 33 16.26 12.47 5.78
CA PHE A 33 14.83 12.22 5.96
C PHE A 33 14.51 10.72 5.95
N LYS A 34 15.39 9.91 5.38
CA LYS A 34 15.18 8.48 5.35
C LYS A 34 15.34 7.90 6.75
N GLN A 35 16.36 8.37 7.45
CA GLN A 35 16.60 7.99 8.84
C GLN A 35 15.44 8.50 9.67
N TYR A 36 15.07 9.72 9.35
CA TYR A 36 13.96 10.41 9.98
C TYR A 36 12.65 9.61 9.84
N ALA A 37 12.35 9.22 8.62
CA ALA A 37 11.14 8.45 8.33
C ALA A 37 11.26 7.04 8.89
N ASN A 38 12.48 6.50 8.86
CA ASN A 38 12.74 5.14 9.33
C ASN A 38 12.41 5.02 10.82
N ASP A 39 12.76 6.05 11.58
CA ASP A 39 12.50 6.06 13.02
C ASP A 39 11.00 6.10 13.30
N ASN A 40 10.24 6.67 12.37
CA ASN A 40 8.80 6.80 12.52
C ASN A 40 8.09 5.58 11.93
N GLY A 41 8.88 4.70 11.32
CA GLY A 41 8.35 3.48 10.74
C GLY A 41 7.74 3.69 9.37
N VAL A 42 8.00 4.82 8.74
CA VAL A 42 7.45 5.10 7.44
C VAL A 42 8.39 4.62 6.34
N ASP A 43 7.86 3.76 5.49
CA ASP A 43 8.61 3.21 4.36
C ASP A 43 7.68 3.17 3.14
N GLY A 44 8.17 3.63 2.00
CA GLY A 44 7.32 3.70 0.82
C GLY A 44 8.06 4.29 -0.36
N GLU A 45 7.33 4.56 -1.44
CA GLU A 45 7.91 5.14 -2.64
C GLU A 45 8.26 6.60 -2.41
N TRP A 46 9.27 7.07 -3.12
CA TRP A 46 9.76 8.44 -2.96
C TRP A 46 9.53 9.26 -4.22
N THR A 47 9.10 10.50 -4.02
CA THR A 47 8.85 11.43 -5.11
C THR A 47 9.43 12.80 -4.78
N TYR A 48 9.58 13.66 -5.79
CA TYR A 48 10.20 14.97 -5.60
C TYR A 48 9.70 15.95 -6.66
N ASP A 49 9.60 17.23 -6.30
CA ASP A 49 9.16 18.25 -7.25
C ASP A 49 10.27 19.28 -7.38
N ASP A 50 10.34 19.95 -8.52
CA ASP A 50 11.44 20.87 -8.79
C ASP A 50 11.16 22.31 -8.33
N ALA A 51 9.90 22.63 -8.09
CA ALA A 51 9.55 24.00 -7.72
C ALA A 51 9.67 24.24 -6.21
N THR A 52 9.09 23.37 -5.40
CA THR A 52 9.11 23.58 -3.96
C THR A 52 10.09 22.66 -3.24
N LYS A 53 10.71 21.73 -3.99
CA LYS A 53 11.67 20.78 -3.42
C LYS A 53 10.97 19.91 -2.36
N THR A 54 9.72 19.60 -2.63
CA THR A 54 8.92 18.80 -1.73
C THR A 54 9.17 17.30 -1.93
N TYR A 55 9.85 16.68 -0.96
CA TYR A 55 10.07 15.23 -0.98
C TYR A 55 8.84 14.54 -0.41
N THR A 56 8.32 13.59 -1.15
CA THR A 56 7.14 12.87 -0.71
C THR A 56 7.43 11.39 -0.54
N VAL A 57 7.21 10.89 0.68
CA VAL A 57 7.33 9.46 0.95
C VAL A 57 5.94 8.90 1.17
N THR A 58 5.50 8.08 0.22
CA THR A 58 4.14 7.58 0.23
C THR A 58 4.07 6.13 0.70
N GLU A 59 3.45 5.94 1.85
CA GLU A 59 3.23 4.61 2.40
C GLU A 59 2.12 3.93 1.56
N GLY A 60 2.49 3.00 0.70
CA GLY A 60 1.47 2.37 -0.11
C GLY A 60 1.63 0.87 -0.19
N SER A 61 0.74 0.18 0.50
CA SER A 61 0.70 -1.26 0.46
C SER A 61 -0.73 -1.67 0.11
N GLY A 62 -1.68 -1.14 0.88
CA GLY A 62 -3.08 -1.37 0.60
C GLY A 62 -3.53 -2.79 0.86
N GLY A 63 -4.78 -3.09 0.51
CA GLY A 63 -5.31 -4.42 0.68
C GLY A 63 -5.97 -4.93 -0.57
N ALA A 64 -5.58 -4.37 -1.70
CA ALA A 64 -6.16 -4.77 -2.98
C ALA A 64 -5.32 -5.88 -3.62
N GLY A 65 -6.00 -6.82 -4.27
CA GLY A 65 -5.30 -7.91 -4.91
C GLY A 65 -4.87 -8.99 -3.93
N GLY A 66 -5.68 -9.20 -2.91
CA GLY A 66 -5.39 -10.22 -1.92
C GLY A 66 -5.80 -11.59 -2.39
N GLN A 67 -6.75 -11.62 -3.32
CA GLN A 67 -7.26 -12.85 -3.90
C GLN A 67 -7.90 -13.74 -2.83
N GLY A 68 -9.17 -13.50 -2.57
CA GLY A 68 -9.85 -14.23 -1.53
C GLY A 68 -11.10 -14.93 -2.02
N MET A 69 -11.60 -15.85 -1.20
CA MET A 69 -12.80 -16.62 -1.54
C MET A 69 -14.00 -16.02 -0.78
N ILE A 70 -14.96 -15.46 -1.50
CA ILE A 70 -16.12 -14.81 -0.87
C ILE A 70 -17.42 -15.45 -1.33
N GLN A 71 -17.45 -15.87 -2.59
CA GLN A 71 -18.64 -16.48 -3.19
C GLN A 71 -18.79 -17.95 -2.79
N GLU A 72 -18.19 -18.30 -1.65
CA GLU A 72 -18.19 -19.68 -1.16
C GLU A 72 -19.62 -20.22 -1.00
N PRO A 73 -19.82 -21.49 -1.37
CA PRO A 73 -21.11 -22.15 -1.24
C PRO A 73 -21.41 -22.56 0.20
N ALA A 74 -22.62 -23.03 0.43
CA ALA A 74 -23.03 -23.45 1.76
C ALA A 74 -24.38 -24.16 1.71
N LEU A 75 -24.64 -24.97 2.73
CA LEU A 75 -25.91 -25.68 2.84
C LEU A 75 -26.90 -24.80 3.61
N PRO A 76 -28.23 -24.92 3.35
CA PRO A 76 -29.22 -24.17 4.14
C PRO A 76 -29.08 -24.50 5.63
N PRO A 77 -29.28 -23.52 6.51
CA PRO A 77 -29.18 -23.70 7.95
C PRO A 77 -29.92 -24.94 8.45
N GLY A 78 -29.20 -25.80 9.14
CA GLY A 78 -29.80 -27.02 9.66
C GLY A 78 -29.63 -28.22 8.73
N TRP A 79 -29.46 -27.98 7.44
CA TRP A 79 -29.29 -29.08 6.47
C TRP A 79 -27.81 -29.49 6.37
N GLU A 80 -27.54 -30.79 6.50
CA GLU A 80 -26.19 -31.32 6.42
C GLU A 80 -26.01 -32.11 5.13
N MET A 81 -24.86 -31.94 4.51
CA MET A 81 -24.54 -32.67 3.29
C MET A 81 -23.38 -33.61 3.58
N LYS A 82 -23.51 -34.88 3.20
CA LYS A 82 -22.48 -35.87 3.50
C LYS A 82 -22.45 -36.94 2.40
N TYR A 83 -21.30 -37.61 2.26
CA TYR A 83 -21.13 -38.64 1.23
C TYR A 83 -20.99 -40.02 1.88
N THR A 84 -21.29 -41.06 1.12
CA THR A 84 -21.08 -42.42 1.58
C THR A 84 -19.68 -42.85 1.15
N SER A 85 -19.19 -43.97 1.66
CA SER A 85 -17.85 -44.44 1.35
C SER A 85 -17.73 -45.05 -0.05
N GLU A 86 -18.75 -44.83 -0.87
CA GLU A 86 -18.80 -45.37 -2.22
C GLU A 86 -18.90 -44.23 -3.23
N GLY A 87 -18.99 -43.01 -2.72
CA GLY A 87 -19.12 -41.86 -3.59
C GLY A 87 -20.55 -41.42 -3.80
N VAL A 88 -21.48 -42.02 -3.07
CA VAL A 88 -22.89 -41.68 -3.19
C VAL A 88 -23.21 -40.50 -2.24
N ARG A 89 -24.12 -39.63 -2.65
CA ARG A 89 -24.43 -38.43 -1.88
C ARG A 89 -25.77 -38.58 -1.16
N TYR A 90 -25.82 -38.17 0.10
CA TYR A 90 -27.05 -38.22 0.88
C TYR A 90 -27.11 -37.00 1.80
N PHE A 91 -28.31 -36.63 2.26
CA PHE A 91 -28.45 -35.46 3.10
C PHE A 91 -28.90 -35.82 4.50
N VAL A 92 -28.56 -34.98 5.46
CA VAL A 92 -28.87 -35.22 6.85
C VAL A 92 -29.60 -34.02 7.45
N ASP A 93 -30.80 -34.24 7.96
CA ASP A 93 -31.55 -33.16 8.62
C ASP A 93 -31.11 -33.07 10.08
N HIS A 94 -30.30 -32.06 10.44
CA HIS A 94 -29.76 -31.96 11.80
C HIS A 94 -30.83 -31.58 12.83
N ASN A 95 -32.06 -31.43 12.37
CA ASN A 95 -33.17 -31.07 13.25
C ASN A 95 -33.84 -32.32 13.81
N THR A 96 -34.19 -33.26 12.94
CA THR A 96 -34.84 -34.48 13.38
C THR A 96 -33.84 -35.63 13.45
N ARG A 97 -32.63 -35.39 12.95
CA ARG A 97 -31.53 -36.37 13.00
C ARG A 97 -31.84 -37.55 12.10
N THR A 98 -32.55 -37.26 11.04
CA THR A 98 -32.96 -38.26 10.07
C THR A 98 -32.02 -38.26 8.85
N THR A 99 -31.96 -39.38 8.14
CA THR A 99 -31.13 -39.48 6.95
C THR A 99 -32.00 -39.50 5.69
N THR A 100 -32.06 -38.39 4.95
CA THR A 100 -32.93 -38.31 3.79
C THR A 100 -32.11 -38.30 2.50
N PHE A 101 -32.76 -38.69 1.40
CA PHE A 101 -32.10 -38.72 0.12
C PHE A 101 -32.71 -37.67 -0.81
N LYS A 102 -32.04 -36.54 -0.93
CA LYS A 102 -32.50 -35.48 -1.80
C LYS A 102 -31.32 -34.92 -2.59
N ASP A 103 -31.22 -35.34 -3.84
CA ASP A 103 -30.10 -34.94 -4.69
C ASP A 103 -30.50 -33.78 -5.59
N PRO A 104 -29.57 -32.87 -5.90
CA PRO A 104 -29.81 -31.74 -6.81
C PRO A 104 -30.38 -32.20 -8.15
N ARG A 105 -30.09 -33.44 -8.52
CA ARG A 105 -30.63 -34.04 -9.74
C ARG A 105 -31.95 -34.75 -9.43
N PRO A 106 -33.11 -34.20 -9.85
CA PRO A 106 -34.38 -34.87 -9.63
C PRO A 106 -34.62 -36.00 -10.63
N GLY A 107 -34.97 -37.17 -10.13
CA GLY A 107 -35.31 -38.29 -10.99
C GLY A 107 -34.15 -38.92 -11.76
N PHE A 108 -32.90 -38.65 -11.36
CA PHE A 108 -31.75 -39.24 -12.07
C PHE A 108 -31.81 -40.76 -12.00
N GLU A 109 -32.37 -41.26 -10.89
CA GLU A 109 -32.54 -42.70 -10.68
C GLU A 109 -31.19 -43.41 -10.53
N GLY A 1 28.23 29.98 0.82
CA GLY A 1 26.95 29.96 0.09
C GLY A 1 25.76 29.82 1.02
N SER A 2 24.58 29.65 0.45
CA SER A 2 23.37 29.53 1.24
C SER A 2 22.94 28.07 1.33
N HIS A 3 21.83 27.82 2.00
CA HIS A 3 21.30 26.47 2.13
C HIS A 3 20.00 26.34 1.35
N MET A 4 19.57 25.12 1.09
CA MET A 4 18.30 24.88 0.42
C MET A 4 17.30 24.32 1.43
N GLN A 5 16.08 24.82 1.40
CA GLN A 5 15.06 24.35 2.31
C GLN A 5 14.26 23.23 1.65
N TYR A 6 14.34 22.04 2.22
CA TYR A 6 13.59 20.92 1.69
C TYR A 6 12.38 20.65 2.57
N LYS A 7 11.41 19.96 2.02
CA LYS A 7 10.15 19.70 2.74
C LYS A 7 9.71 18.26 2.50
N LEU A 8 9.31 17.59 3.57
CA LEU A 8 8.87 16.19 3.48
C LEU A 8 7.43 16.05 3.95
N ILE A 9 6.68 15.18 3.27
CA ILE A 9 5.31 14.88 3.66
C ILE A 9 5.21 13.39 3.95
N LEU A 10 4.83 13.05 5.17
CA LEU A 10 4.69 11.65 5.52
C LEU A 10 3.26 11.21 5.33
N ASN A 11 3.02 10.53 4.21
CA ASN A 11 1.69 10.02 3.93
C ASN A 11 1.62 8.57 4.38
N GLY A 12 1.29 8.37 5.63
CA GLY A 12 1.18 7.04 6.18
C GLY A 12 0.12 7.00 7.26
N LYS A 13 -0.79 6.05 7.18
CA LYS A 13 -1.92 5.95 8.11
C LYS A 13 -1.47 5.99 9.57
N THR A 14 -0.30 5.45 9.85
CA THR A 14 0.22 5.38 11.21
C THR A 14 0.91 6.68 11.64
N LEU A 15 1.32 7.50 10.67
CA LEU A 15 2.02 8.73 10.96
C LEU A 15 1.85 9.71 9.80
N LYS A 16 1.01 10.71 10.00
CA LYS A 16 0.72 11.69 8.97
C LYS A 16 1.11 13.09 9.43
N GLY A 17 1.95 13.74 8.64
CA GLY A 17 2.41 15.06 8.98
C GLY A 17 3.41 15.59 7.97
N GLU A 18 4.03 16.71 8.28
CA GLU A 18 5.03 17.32 7.41
C GLU A 18 6.23 17.78 8.22
N THR A 19 7.33 18.03 7.54
CA THR A 19 8.52 18.52 8.21
C THR A 19 9.48 19.16 7.20
N THR A 20 10.44 19.92 7.69
CA THR A 20 11.39 20.62 6.83
C THR A 20 12.80 20.45 7.36
N THR A 21 13.78 20.70 6.50
CA THR A 21 15.17 20.65 6.91
C THR A 21 16.02 21.47 5.93
N GLU A 22 17.04 22.15 6.45
CA GLU A 22 17.94 22.93 5.62
C GLU A 22 19.15 22.10 5.26
N ALA A 23 19.39 21.91 3.97
CA ALA A 23 20.54 21.14 3.49
C ALA A 23 21.09 21.78 2.21
N VAL A 24 22.35 21.49 1.89
CA VAL A 24 22.95 22.06 0.69
C VAL A 24 23.07 21.04 -0.44
N ASP A 25 22.56 19.84 -0.23
CA ASP A 25 22.63 18.79 -1.24
C ASP A 25 21.26 18.12 -1.39
N ALA A 26 20.90 17.74 -2.61
CA ALA A 26 19.63 17.06 -2.84
C ALA A 26 19.69 15.64 -2.28
N ALA A 27 20.85 15.02 -2.42
CA ALA A 27 21.06 13.66 -1.96
C ALA A 27 21.13 13.58 -0.43
N THR A 28 21.74 14.59 0.18
CA THR A 28 21.88 14.63 1.63
C THR A 28 20.52 14.78 2.32
N ALA A 29 19.60 15.51 1.68
CA ALA A 29 18.28 15.72 2.25
C ALA A 29 17.50 14.42 2.21
N GLU A 30 17.72 13.67 1.15
CA GLU A 30 17.08 12.38 0.95
C GLU A 30 17.50 11.42 2.05
N LYS A 31 18.81 11.22 2.18
CA LYS A 31 19.39 10.30 3.16
C LYS A 31 18.98 10.65 4.60
N VAL A 32 19.01 11.92 4.95
CA VAL A 32 18.67 12.34 6.32
C VAL A 32 17.19 12.11 6.61
N PHE A 33 16.35 12.49 5.65
CA PHE A 33 14.90 12.35 5.81
C PHE A 33 14.46 10.88 5.78
N LYS A 34 15.28 10.01 5.19
CA LYS A 34 14.93 8.60 5.15
C LYS A 34 15.18 7.97 6.50
N GLN A 35 16.20 8.44 7.19
CA GLN A 35 16.46 7.99 8.55
C GLN A 35 15.43 8.63 9.49
N TYR A 36 14.99 9.83 9.13
CA TYR A 36 13.94 10.51 9.86
C TYR A 36 12.65 9.71 9.77
N ALA A 37 12.28 9.35 8.55
CA ALA A 37 11.09 8.56 8.30
C ALA A 37 11.24 7.17 8.92
N ASN A 38 12.48 6.70 8.97
CA ASN A 38 12.80 5.39 9.56
C ASN A 38 12.39 5.35 11.02
N ASP A 39 12.63 6.45 11.73
CA ASP A 39 12.30 6.55 13.15
C ASP A 39 10.79 6.54 13.36
N ASN A 40 10.04 6.87 12.31
CA ASN A 40 8.59 6.90 12.41
C ASN A 40 7.99 5.65 11.75
N GLY A 41 8.86 4.77 11.27
CA GLY A 41 8.43 3.53 10.64
C GLY A 41 7.77 3.76 9.29
N VAL A 42 8.09 4.88 8.65
CA VAL A 42 7.51 5.20 7.36
C VAL A 42 8.55 5.07 6.26
N ASP A 43 8.29 4.18 5.32
CA ASP A 43 9.19 3.97 4.20
C ASP A 43 8.38 3.51 2.99
N GLY A 44 8.05 4.44 2.11
CA GLY A 44 7.24 4.13 0.96
C GLY A 44 7.84 4.67 -0.31
N GLU A 45 7.08 4.63 -1.38
CA GLU A 45 7.53 5.14 -2.67
C GLU A 45 7.99 6.59 -2.53
N TRP A 46 9.19 6.87 -3.03
CA TRP A 46 9.78 8.21 -2.93
C TRP A 46 9.62 8.99 -4.24
N THR A 47 8.84 10.06 -4.17
CA THR A 47 8.62 10.93 -5.32
C THR A 47 9.18 12.33 -5.03
N TYR A 48 9.43 13.12 -6.08
CA TYR A 48 10.01 14.45 -5.90
C TYR A 48 9.44 15.44 -6.92
N ASP A 49 9.51 16.71 -6.58
CA ASP A 49 9.02 17.81 -7.45
C ASP A 49 10.05 18.94 -7.42
N ASP A 50 10.48 19.42 -8.59
CA ASP A 50 11.59 20.38 -8.67
C ASP A 50 11.14 21.80 -8.34
N ALA A 51 9.86 22.08 -8.51
CA ALA A 51 9.34 23.43 -8.26
C ALA A 51 9.15 23.68 -6.76
N THR A 52 8.71 22.67 -6.04
CA THR A 52 8.44 22.82 -4.62
C THR A 52 9.59 22.34 -3.73
N LYS A 53 10.53 21.59 -4.33
CA LYS A 53 11.69 21.02 -3.61
C LYS A 53 11.22 20.02 -2.55
N THR A 54 9.96 19.66 -2.65
CA THR A 54 9.34 18.76 -1.69
C THR A 54 9.58 17.30 -2.03
N TYR A 55 9.99 16.53 -1.02
CA TYR A 55 10.12 15.09 -1.15
C TYR A 55 8.85 14.45 -0.61
N THR A 56 8.26 13.56 -1.36
CA THR A 56 7.01 12.96 -0.96
C THR A 56 7.16 11.44 -0.75
N VAL A 57 7.06 11.00 0.50
CA VAL A 57 7.16 9.57 0.79
C VAL A 57 5.75 9.01 1.04
N THR A 58 5.29 8.19 0.12
CA THR A 58 3.92 7.70 0.16
C THR A 58 3.85 6.23 0.51
N GLU A 59 3.12 5.92 1.57
CA GLU A 59 2.88 4.53 1.98
C GLU A 59 1.92 3.88 0.99
N GLY A 60 1.99 2.56 0.82
CA GLY A 60 1.12 1.89 -0.11
C GLY A 60 1.71 0.59 -0.62
N SER A 61 0.90 -0.46 -0.60
CA SER A 61 1.33 -1.77 -1.05
C SER A 61 0.11 -2.62 -1.41
N GLY A 62 -0.91 -2.55 -0.58
CA GLY A 62 -2.13 -3.29 -0.82
C GLY A 62 -3.21 -2.42 -1.41
N GLY A 63 -2.91 -1.79 -2.54
CA GLY A 63 -3.89 -0.92 -3.17
C GLY A 63 -4.74 -1.64 -4.18
N ALA A 64 -4.66 -2.97 -4.16
CA ALA A 64 -5.41 -3.80 -5.08
C ALA A 64 -5.79 -5.11 -4.41
N GLY A 65 -6.44 -6.00 -5.16
CA GLY A 65 -6.84 -7.28 -4.61
C GLY A 65 -5.88 -8.39 -5.01
N GLY A 66 -4.92 -8.66 -4.14
CA GLY A 66 -3.93 -9.69 -4.42
C GLY A 66 -4.39 -11.07 -3.99
N GLN A 67 -5.70 -11.25 -3.95
CA GLN A 67 -6.32 -12.51 -3.55
C GLN A 67 -7.82 -12.43 -3.80
N GLY A 68 -8.46 -11.40 -3.25
CA GLY A 68 -9.88 -11.22 -3.44
C GLY A 68 -10.69 -12.08 -2.47
N MET A 69 -10.10 -12.37 -1.32
CA MET A 69 -10.73 -13.19 -0.29
C MET A 69 -10.95 -14.61 -0.82
N ILE A 70 -11.82 -15.35 -0.13
CA ILE A 70 -12.16 -16.71 -0.52
C ILE A 70 -10.90 -17.60 -0.50
N GLN A 71 -10.13 -17.49 0.57
CA GLN A 71 -8.92 -18.28 0.72
C GLN A 71 -9.15 -19.36 1.76
N GLU A 72 -10.41 -19.57 2.10
CA GLU A 72 -10.80 -20.60 3.06
C GLU A 72 -10.37 -21.98 2.55
N PRO A 73 -9.78 -22.79 3.43
CA PRO A 73 -9.28 -24.12 3.05
C PRO A 73 -10.36 -25.18 2.97
N ALA A 74 -9.95 -26.33 2.45
CA ALA A 74 -10.80 -27.49 2.33
C ALA A 74 -9.94 -28.71 2.07
N LEU A 75 -10.24 -29.82 2.71
CA LEU A 75 -9.43 -31.02 2.55
C LEU A 75 -10.07 -31.99 1.55
N PRO A 76 -9.32 -32.43 0.53
CA PRO A 76 -9.81 -33.43 -0.43
C PRO A 76 -10.07 -34.77 0.25
N PRO A 77 -10.98 -35.59 -0.31
CA PRO A 77 -11.30 -36.91 0.23
C PRO A 77 -10.06 -37.74 0.52
N GLY A 78 -9.89 -38.10 1.78
CA GLY A 78 -8.73 -38.86 2.19
C GLY A 78 -7.67 -38.02 2.87
N TRP A 79 -7.58 -36.73 2.55
CA TRP A 79 -6.60 -35.86 3.19
C TRP A 79 -7.14 -35.36 4.53
N GLU A 80 -6.40 -35.55 5.61
CA GLU A 80 -6.83 -35.11 6.92
C GLU A 80 -5.84 -34.13 7.52
N MET A 81 -6.35 -33.06 8.11
CA MET A 81 -5.52 -32.09 8.78
C MET A 81 -5.65 -32.28 10.29
N LYS A 82 -4.53 -32.47 10.97
CA LYS A 82 -4.55 -32.73 12.41
C LYS A 82 -3.36 -32.02 13.07
N TYR A 83 -3.50 -31.69 14.35
CA TYR A 83 -2.48 -30.92 15.05
C TYR A 83 -1.89 -31.69 16.22
N THR A 84 -0.69 -31.31 16.64
CA THR A 84 -0.05 -31.92 17.79
C THR A 84 -0.35 -31.07 19.02
N SER A 85 -0.01 -31.56 20.20
CA SER A 85 -0.28 -30.84 21.45
C SER A 85 0.72 -29.69 21.68
N GLU A 86 1.45 -29.34 20.63
CA GLU A 86 2.47 -28.29 20.72
C GLU A 86 2.17 -27.19 19.72
N GLY A 87 1.05 -27.33 19.02
CA GLY A 87 0.67 -26.35 18.02
C GLY A 87 1.36 -26.60 16.69
N VAL A 88 1.84 -27.83 16.50
CA VAL A 88 2.52 -28.19 15.26
C VAL A 88 1.52 -28.83 14.31
N ARG A 89 1.68 -28.55 13.03
CA ARG A 89 0.77 -29.03 12.00
C ARG A 89 1.31 -30.27 11.31
N TYR A 90 0.50 -31.31 11.17
CA TYR A 90 0.89 -32.47 10.40
C TYR A 90 -0.31 -32.95 9.59
N PHE A 91 -0.07 -33.56 8.44
CA PHE A 91 -1.16 -34.01 7.59
C PHE A 91 -1.18 -35.53 7.51
N VAL A 92 -2.38 -36.07 7.41
CA VAL A 92 -2.55 -37.52 7.39
C VAL A 92 -3.13 -37.98 6.05
N ASP A 93 -2.31 -38.68 5.28
CA ASP A 93 -2.79 -39.29 4.03
C ASP A 93 -3.63 -40.51 4.43
N HIS A 94 -4.92 -40.33 4.69
CA HIS A 94 -5.75 -41.41 5.21
C HIS A 94 -6.10 -42.42 4.13
N ASN A 95 -5.66 -42.15 2.91
CA ASN A 95 -5.89 -43.07 1.80
C ASN A 95 -4.94 -44.27 1.92
N THR A 96 -3.68 -43.99 2.26
CA THR A 96 -2.69 -45.04 2.45
C THR A 96 -2.43 -45.23 3.95
N ARG A 97 -2.91 -44.26 4.73
CA ARG A 97 -2.72 -44.23 6.18
C ARG A 97 -1.25 -44.04 6.53
N THR A 98 -0.79 -42.85 6.24
CA THR A 98 0.58 -42.44 6.50
C THR A 98 0.60 -40.97 6.94
N THR A 99 1.63 -40.56 7.67
CA THR A 99 1.71 -39.19 8.16
C THR A 99 2.76 -38.38 7.39
N THR A 100 2.50 -37.11 7.12
CA THR A 100 3.43 -36.27 6.38
C THR A 100 3.28 -34.81 6.81
N PHE A 101 4.32 -34.01 6.57
CA PHE A 101 4.29 -32.60 6.92
C PHE A 101 4.20 -31.75 5.65
N LYS A 102 3.05 -31.14 5.43
CA LYS A 102 2.82 -30.33 4.24
C LYS A 102 2.04 -29.07 4.57
N ASP A 103 2.74 -27.95 4.70
CA ASP A 103 2.08 -26.68 4.93
C ASP A 103 1.93 -25.93 3.61
N PRO A 104 0.86 -25.13 3.45
CA PRO A 104 0.56 -24.43 2.20
C PRO A 104 1.61 -23.38 1.81
N ARG A 105 2.26 -22.79 2.78
CA ARG A 105 3.25 -21.75 2.49
C ARG A 105 4.68 -22.32 2.49
N PRO A 106 5.51 -21.97 1.48
CA PRO A 106 6.89 -22.44 1.44
C PRO A 106 7.73 -21.79 2.54
N GLY A 107 8.28 -22.62 3.42
CA GLY A 107 9.06 -22.12 4.53
C GLY A 107 8.20 -21.69 5.71
N PHE A 108 6.97 -21.23 5.42
CA PHE A 108 6.02 -20.77 6.46
C PHE A 108 6.63 -19.65 7.29
N GLU A 109 7.48 -18.84 6.64
CA GLU A 109 8.13 -17.70 7.26
C GLU A 109 9.15 -18.17 8.32
N GLY A 1 27.81 25.34 0.14
CA GLY A 1 27.90 26.81 0.31
C GLY A 1 26.59 27.42 0.74
N SER A 2 25.61 27.40 -0.15
CA SER A 2 24.31 27.98 0.15
C SER A 2 23.36 26.90 0.68
N HIS A 3 22.62 27.24 1.73
CA HIS A 3 21.69 26.31 2.34
C HIS A 3 20.31 26.48 1.68
N MET A 4 19.77 25.43 1.08
CA MET A 4 18.47 25.53 0.42
C MET A 4 17.43 24.77 1.24
N GLN A 5 16.24 25.36 1.38
CA GLN A 5 15.17 24.75 2.15
C GLN A 5 14.59 23.53 1.43
N TYR A 6 14.40 22.46 2.19
CA TYR A 6 13.78 21.23 1.69
C TYR A 6 12.58 20.88 2.55
N LYS A 7 11.64 20.16 1.99
CA LYS A 7 10.43 19.79 2.70
C LYS A 7 10.07 18.34 2.46
N LEU A 8 9.37 17.75 3.42
CA LEU A 8 8.93 16.36 3.33
C LEU A 8 7.53 16.20 3.91
N ILE A 9 6.72 15.41 3.23
CA ILE A 9 5.38 15.09 3.70
C ILE A 9 5.28 13.59 3.90
N LEU A 10 4.90 13.18 5.10
CA LEU A 10 4.78 11.76 5.39
C LEU A 10 3.37 11.31 5.07
N ASN A 11 3.22 10.59 3.97
CA ASN A 11 1.92 10.12 3.60
C ASN A 11 1.80 8.65 3.96
N GLY A 12 1.40 8.41 5.20
CA GLY A 12 1.15 7.06 5.68
C GLY A 12 -0.05 7.07 6.60
N LYS A 13 -1.05 6.27 6.28
CA LYS A 13 -2.33 6.25 7.01
C LYS A 13 -2.18 6.35 8.54
N THR A 14 -1.22 5.64 9.10
CA THR A 14 -1.03 5.66 10.55
C THR A 14 -0.28 6.92 11.02
N LEU A 15 0.60 7.45 10.19
CA LEU A 15 1.41 8.58 10.56
C LEU A 15 1.42 9.62 9.44
N LYS A 16 0.71 10.71 9.65
CA LYS A 16 0.60 11.74 8.64
C LYS A 16 1.00 13.11 9.20
N GLY A 17 1.89 13.77 8.49
CA GLY A 17 2.42 15.05 8.92
C GLY A 17 3.46 15.57 7.95
N GLU A 18 4.17 16.62 8.32
CA GLU A 18 5.21 17.19 7.46
C GLU A 18 6.26 17.93 8.28
N THR A 19 7.41 18.19 7.66
CA THR A 19 8.48 18.90 8.33
C THR A 19 9.45 19.46 7.28
N THR A 20 10.30 20.38 7.68
CA THR A 20 11.26 20.98 6.76
C THR A 20 12.67 20.94 7.33
N THR A 21 13.67 21.03 6.45
CA THR A 21 15.07 21.05 6.86
C THR A 21 15.89 21.73 5.77
N GLU A 22 17.05 22.25 6.14
CA GLU A 22 17.93 22.92 5.20
C GLU A 22 19.08 22.00 4.80
N ALA A 23 19.43 22.00 3.51
CA ALA A 23 20.51 21.15 3.02
C ALA A 23 21.19 21.80 1.81
N VAL A 24 22.40 21.35 1.46
CA VAL A 24 23.09 21.88 0.29
C VAL A 24 23.00 20.92 -0.91
N ASP A 25 22.51 19.70 -0.67
CA ASP A 25 22.41 18.71 -1.75
C ASP A 25 21.08 17.98 -1.65
N ALA A 26 20.59 17.49 -2.79
CA ALA A 26 19.33 16.77 -2.82
C ALA A 26 19.46 15.41 -2.16
N ALA A 27 20.59 14.76 -2.39
CA ALA A 27 20.85 13.45 -1.81
C ALA A 27 20.96 13.53 -0.30
N THR A 28 21.52 14.61 0.21
CA THR A 28 21.69 14.80 1.64
C THR A 28 20.34 14.96 2.33
N ALA A 29 19.38 15.57 1.64
CA ALA A 29 18.05 15.77 2.20
C ALA A 29 17.33 14.43 2.28
N GLU A 30 17.62 13.59 1.32
CA GLU A 30 17.07 12.25 1.28
C GLU A 30 17.62 11.44 2.44
N LYS A 31 18.95 11.36 2.53
CA LYS A 31 19.63 10.58 3.55
C LYS A 31 19.13 10.91 4.97
N VAL A 32 18.94 12.19 5.26
CA VAL A 32 18.51 12.61 6.59
C VAL A 32 17.05 12.24 6.85
N PHE A 33 16.17 12.60 5.92
CA PHE A 33 14.75 12.31 6.07
C PHE A 33 14.45 10.82 6.04
N LYS A 34 15.34 10.03 5.43
CA LYS A 34 15.15 8.60 5.35
C LYS A 34 15.34 7.96 6.72
N GLN A 35 16.37 8.42 7.43
CA GLN A 35 16.60 7.97 8.80
C GLN A 35 15.49 8.50 9.70
N TYR A 36 14.98 9.66 9.32
CA TYR A 36 13.88 10.32 10.02
C TYR A 36 12.58 9.50 9.87
N ALA A 37 12.29 9.10 8.64
CA ALA A 37 11.11 8.30 8.34
C ALA A 37 11.28 6.88 8.87
N ASN A 38 12.52 6.43 8.89
CA ASN A 38 12.87 5.10 9.39
C ASN A 38 12.47 4.96 10.86
N ASP A 39 12.82 5.97 11.64
CA ASP A 39 12.51 6.00 13.08
C ASP A 39 11.00 6.02 13.32
N ASN A 40 10.25 6.49 12.32
CA ASN A 40 8.81 6.59 12.43
C ASN A 40 8.15 5.36 11.82
N GLY A 41 8.95 4.52 11.18
CA GLY A 41 8.44 3.30 10.58
C GLY A 41 7.69 3.54 9.29
N VAL A 42 8.04 4.62 8.58
CA VAL A 42 7.44 4.90 7.30
C VAL A 42 8.41 4.51 6.19
N ASP A 43 7.97 3.61 5.34
CA ASP A 43 8.82 3.07 4.28
C ASP A 43 7.95 2.84 3.04
N GLY A 44 7.98 3.77 2.10
CA GLY A 44 7.14 3.69 0.93
C GLY A 44 7.77 4.36 -0.27
N GLU A 45 7.00 4.52 -1.34
CA GLU A 45 7.48 5.16 -2.57
C GLU A 45 7.94 6.60 -2.31
N TRP A 46 8.98 7.01 -3.02
CA TRP A 46 9.54 8.36 -2.87
C TRP A 46 9.34 9.20 -4.13
N THR A 47 8.56 10.26 -4.00
CA THR A 47 8.34 11.18 -5.10
C THR A 47 9.04 12.50 -4.81
N TYR A 48 9.31 13.29 -5.85
CA TYR A 48 10.02 14.56 -5.68
C TYR A 48 9.63 15.56 -6.76
N ASP A 49 9.47 16.83 -6.37
CA ASP A 49 9.17 17.89 -7.32
C ASP A 49 10.38 18.83 -7.41
N ASP A 50 10.55 19.44 -8.56
CA ASP A 50 11.78 20.18 -8.85
C ASP A 50 11.83 21.55 -8.19
N ALA A 51 10.86 22.41 -8.54
CA ALA A 51 10.87 23.80 -8.11
C ALA A 51 10.72 23.97 -6.60
N THR A 52 9.89 23.16 -5.97
CA THR A 52 9.63 23.33 -4.54
C THR A 52 10.44 22.39 -3.65
N LYS A 53 11.13 21.42 -4.28
CA LYS A 53 12.00 20.48 -3.54
C LYS A 53 11.22 19.73 -2.46
N THR A 54 9.99 19.35 -2.80
CA THR A 54 9.15 18.65 -1.86
C THR A 54 9.33 17.13 -1.95
N TYR A 55 9.98 16.55 -0.94
CA TYR A 55 10.11 15.10 -0.89
C TYR A 55 8.85 14.53 -0.26
N THR A 56 8.25 13.56 -0.92
CA THR A 56 7.06 12.93 -0.39
C THR A 56 7.22 11.41 -0.31
N VAL A 57 7.08 10.87 0.89
CA VAL A 57 7.16 9.42 1.06
C VAL A 57 5.75 8.89 1.26
N THR A 58 5.29 8.11 0.28
CA THR A 58 3.95 7.60 0.29
C THR A 58 3.92 6.10 0.57
N GLU A 59 3.18 5.72 1.60
CA GLU A 59 3.04 4.30 1.96
C GLU A 59 2.33 3.54 0.83
N GLY A 60 2.69 2.27 0.64
CA GLY A 60 2.06 1.48 -0.39
C GLY A 60 0.77 0.87 0.08
N SER A 61 0.30 -0.16 -0.60
CA SER A 61 -0.95 -0.79 -0.24
C SER A 61 -0.89 -2.30 -0.45
N GLY A 62 -0.60 -2.70 -1.68
CA GLY A 62 -0.56 -4.12 -1.99
C GLY A 62 -1.95 -4.64 -2.29
N GLY A 63 -2.47 -4.26 -3.46
CA GLY A 63 -3.80 -4.67 -3.86
C GLY A 63 -3.89 -6.17 -4.14
N ALA A 64 -2.75 -6.77 -4.50
CA ALA A 64 -2.67 -8.18 -4.82
C ALA A 64 -3.47 -8.51 -6.08
N GLY A 65 -3.69 -9.80 -6.35
CA GLY A 65 -4.45 -10.18 -7.52
C GLY A 65 -4.25 -11.64 -7.88
N GLY A 66 -4.61 -12.52 -6.97
CA GLY A 66 -4.44 -13.95 -7.21
C GLY A 66 -5.78 -14.66 -7.38
N GLN A 67 -6.79 -13.93 -7.83
CA GLN A 67 -8.11 -14.51 -8.03
C GLN A 67 -8.26 -15.02 -9.47
N GLY A 68 -8.45 -14.09 -10.41
CA GLY A 68 -8.62 -14.47 -11.80
C GLY A 68 -10.08 -14.71 -12.15
N MET A 69 -10.33 -15.46 -13.23
CA MET A 69 -11.70 -15.77 -13.63
C MET A 69 -11.79 -17.15 -14.28
N ILE A 70 -11.95 -18.17 -13.44
CA ILE A 70 -12.09 -19.55 -13.90
C ILE A 70 -13.27 -20.21 -13.18
N GLN A 71 -14.47 -20.00 -13.70
CA GLN A 71 -15.67 -20.56 -13.06
C GLN A 71 -16.55 -21.28 -14.08
N GLU A 72 -16.00 -21.55 -15.25
CA GLU A 72 -16.74 -22.25 -16.28
C GLU A 72 -16.24 -23.69 -16.38
N PRO A 73 -17.14 -24.65 -16.64
CA PRO A 73 -16.80 -26.07 -16.69
C PRO A 73 -15.93 -26.44 -17.88
N ALA A 74 -15.52 -27.70 -17.89
CA ALA A 74 -14.71 -28.23 -18.96
C ALA A 74 -14.86 -29.75 -19.04
N LEU A 75 -14.39 -30.33 -20.13
CA LEU A 75 -14.47 -31.77 -20.32
C LEU A 75 -13.13 -32.42 -19.98
N PRO A 76 -13.11 -33.72 -19.65
CA PRO A 76 -11.86 -34.43 -19.36
C PRO A 76 -11.12 -34.76 -20.66
N PRO A 77 -9.90 -35.28 -20.55
CA PRO A 77 -9.09 -35.62 -21.73
C PRO A 77 -9.73 -36.73 -22.56
N GLY A 78 -9.87 -36.48 -23.85
CA GLY A 78 -10.47 -37.46 -24.73
C GLY A 78 -12.00 -37.46 -24.74
N TRP A 79 -12.65 -36.71 -23.85
CA TRP A 79 -14.12 -36.67 -23.82
C TRP A 79 -14.65 -35.43 -24.56
N GLU A 80 -15.36 -35.63 -25.67
CA GLU A 80 -15.96 -34.53 -26.40
C GLU A 80 -17.47 -34.54 -26.14
N MET A 81 -18.07 -33.35 -26.04
CA MET A 81 -19.48 -33.24 -25.73
C MET A 81 -20.14 -32.20 -26.65
N LYS A 82 -21.29 -32.53 -27.22
CA LYS A 82 -22.02 -31.61 -28.09
C LYS A 82 -23.48 -32.04 -28.20
N TYR A 83 -24.36 -31.10 -28.56
CA TYR A 83 -25.79 -31.38 -28.65
C TYR A 83 -26.22 -31.55 -30.11
N THR A 84 -27.23 -32.39 -30.33
CA THR A 84 -27.74 -32.65 -31.67
C THR A 84 -28.80 -31.62 -32.05
N SER A 85 -29.37 -31.75 -33.24
CA SER A 85 -30.38 -30.81 -33.73
C SER A 85 -31.67 -30.84 -32.90
N GLU A 86 -32.07 -32.02 -32.46
CA GLU A 86 -33.31 -32.19 -31.69
C GLU A 86 -33.07 -31.93 -30.20
N GLY A 87 -31.89 -31.43 -29.87
CA GLY A 87 -31.58 -31.07 -28.49
C GLY A 87 -31.09 -32.24 -27.65
N VAL A 88 -30.69 -33.33 -28.31
CA VAL A 88 -30.21 -34.50 -27.60
C VAL A 88 -28.71 -34.36 -27.34
N ARG A 89 -28.30 -34.68 -26.13
CA ARG A 89 -26.91 -34.59 -25.72
C ARG A 89 -26.21 -35.93 -25.91
N TYR A 90 -25.09 -35.93 -26.62
CA TYR A 90 -24.36 -37.17 -26.84
C TYR A 90 -22.87 -36.96 -26.55
N PHE A 91 -22.15 -38.03 -26.21
CA PHE A 91 -20.74 -37.93 -25.90
C PHE A 91 -19.90 -38.66 -26.92
N VAL A 92 -18.72 -38.12 -27.18
CA VAL A 92 -17.79 -38.71 -28.13
C VAL A 92 -16.49 -39.06 -27.44
N ASP A 93 -16.28 -40.35 -27.16
CA ASP A 93 -15.03 -40.80 -26.56
C ASP A 93 -13.96 -40.77 -27.65
N HIS A 94 -13.24 -39.65 -27.76
CA HIS A 94 -12.26 -39.48 -28.82
C HIS A 94 -11.03 -40.36 -28.57
N ASN A 95 -10.93 -40.90 -27.36
CA ASN A 95 -9.81 -41.76 -27.00
C ASN A 95 -9.96 -43.13 -27.66
N THR A 96 -11.20 -43.60 -27.81
CA THR A 96 -11.45 -44.89 -28.45
C THR A 96 -12.17 -44.70 -29.79
N ARG A 97 -12.60 -43.48 -30.05
CA ARG A 97 -13.36 -43.14 -31.27
C ARG A 97 -14.67 -43.91 -31.33
N THR A 98 -15.57 -43.49 -30.47
CA THR A 98 -16.87 -44.13 -30.31
C THR A 98 -17.91 -43.10 -29.88
N THR A 99 -19.18 -43.37 -30.14
CA THR A 99 -20.25 -42.47 -29.72
C THR A 99 -21.10 -43.14 -28.64
N THR A 100 -21.29 -42.48 -27.49
CA THR A 100 -22.07 -43.08 -26.43
C THR A 100 -23.09 -42.09 -25.88
N PHE A 101 -24.15 -42.62 -25.28
CA PHE A 101 -25.20 -41.80 -24.71
C PHE A 101 -25.21 -41.92 -23.20
N LYS A 102 -24.62 -40.95 -22.54
CA LYS A 102 -24.59 -40.88 -21.09
C LYS A 102 -24.88 -39.46 -20.64
N ASP A 103 -26.13 -39.24 -20.22
CA ASP A 103 -26.59 -37.91 -19.81
C ASP A 103 -26.85 -37.87 -18.31
N PRO A 104 -26.58 -36.73 -17.65
CA PRO A 104 -26.77 -36.56 -16.20
C PRO A 104 -28.23 -36.67 -15.76
N ARG A 105 -29.18 -36.45 -16.67
CA ARG A 105 -30.59 -36.55 -16.31
C ARG A 105 -30.97 -38.02 -16.08
N PRO A 106 -31.79 -38.32 -15.05
CA PRO A 106 -32.15 -39.71 -14.72
C PRO A 106 -33.06 -40.35 -15.77
N GLY A 107 -32.58 -41.44 -16.39
CA GLY A 107 -33.36 -42.16 -17.37
C GLY A 107 -33.43 -41.47 -18.73
N PHE A 108 -33.39 -40.13 -18.74
CA PHE A 108 -33.53 -39.35 -19.98
C PHE A 108 -34.83 -39.77 -20.68
N GLU A 109 -35.94 -39.52 -20.00
CA GLU A 109 -37.25 -39.88 -20.51
C GLU A 109 -38.15 -38.66 -20.46
N GLY A 1 21.99 32.75 0.61
CA GLY A 1 22.06 31.65 1.59
C GLY A 1 22.89 30.49 1.07
N SER A 2 23.53 29.77 1.98
CA SER A 2 24.36 28.63 1.59
C SER A 2 23.56 27.32 1.66
N HIS A 3 22.33 27.39 2.17
CA HIS A 3 21.50 26.20 2.29
C HIS A 3 20.20 26.38 1.50
N MET A 4 19.54 25.27 1.21
CA MET A 4 18.25 25.30 0.52
C MET A 4 17.22 24.62 1.41
N GLN A 5 16.03 25.20 1.50
CA GLN A 5 15.00 24.64 2.38
C GLN A 5 14.24 23.52 1.67
N TYR A 6 14.35 22.32 2.21
CA TYR A 6 13.66 21.17 1.66
C TYR A 6 12.53 20.77 2.58
N LYS A 7 11.53 20.08 2.04
CA LYS A 7 10.37 19.67 2.82
C LYS A 7 10.00 18.22 2.55
N LEU A 8 9.34 17.62 3.53
CA LEU A 8 8.89 16.23 3.42
C LEU A 8 7.47 16.09 3.93
N ILE A 9 6.72 15.20 3.29
CA ILE A 9 5.35 14.92 3.68
C ILE A 9 5.20 13.44 3.97
N LEU A 10 4.75 13.09 5.17
CA LEU A 10 4.57 11.69 5.50
C LEU A 10 3.15 11.29 5.19
N ASN A 11 2.99 10.57 4.10
CA ASN A 11 1.69 10.07 3.71
C ASN A 11 1.53 8.66 4.25
N GLY A 12 1.10 8.55 5.49
CA GLY A 12 0.90 7.25 6.11
C GLY A 12 -0.29 7.24 7.05
N LYS A 13 -0.99 6.12 7.08
CA LYS A 13 -2.22 5.96 7.87
C LYS A 13 -2.03 6.41 9.33
N THR A 14 -0.93 6.00 9.96
CA THR A 14 -0.68 6.35 11.35
C THR A 14 0.38 7.45 11.45
N LEU A 15 0.75 8.00 10.31
CA LEU A 15 1.79 9.02 10.26
C LEU A 15 1.47 9.98 9.13
N LYS A 16 0.84 11.08 9.47
CA LYS A 16 0.44 12.08 8.51
C LYS A 16 0.81 13.47 9.02
N GLY A 17 1.78 14.08 8.36
CA GLY A 17 2.27 15.38 8.76
C GLY A 17 3.39 15.82 7.87
N GLU A 18 4.03 16.93 8.20
CA GLU A 18 5.12 17.45 7.38
C GLU A 18 6.31 17.86 8.25
N THR A 19 7.43 18.10 7.60
CA THR A 19 8.63 18.54 8.28
C THR A 19 9.57 19.21 7.28
N THR A 20 10.52 19.98 7.78
CA THR A 20 11.44 20.70 6.92
C THR A 20 12.87 20.65 7.46
N THR A 21 13.83 20.88 6.58
CA THR A 21 15.23 20.94 6.95
C THR A 21 16.00 21.71 5.89
N GLU A 22 17.14 22.26 6.28
CA GLU A 22 17.98 23.01 5.35
C GLU A 22 19.19 22.16 4.94
N ALA A 23 19.37 21.97 3.64
CA ALA A 23 20.47 21.15 3.13
C ALA A 23 21.12 21.83 1.93
N VAL A 24 22.36 21.48 1.64
CA VAL A 24 23.08 22.05 0.54
C VAL A 24 22.82 21.26 -0.77
N ASP A 25 22.49 19.98 -0.63
CA ASP A 25 22.23 19.14 -1.82
C ASP A 25 20.99 18.30 -1.58
N ALA A 26 20.38 17.84 -2.67
CA ALA A 26 19.16 17.04 -2.59
C ALA A 26 19.46 15.63 -2.09
N ALA A 27 20.60 15.09 -2.52
CA ALA A 27 20.99 13.73 -2.12
C ALA A 27 21.16 13.65 -0.61
N THR A 28 21.63 14.75 -0.03
CA THR A 28 21.82 14.85 1.40
C THR A 28 20.48 14.96 2.12
N ALA A 29 19.50 15.53 1.44
CA ALA A 29 18.20 15.75 2.04
C ALA A 29 17.44 14.44 2.13
N GLU A 30 17.61 13.61 1.12
CA GLU A 30 16.96 12.31 1.10
C GLU A 30 17.47 11.46 2.25
N LYS A 31 18.80 11.27 2.26
CA LYS A 31 19.48 10.44 3.25
C LYS A 31 19.07 10.75 4.69
N VAL A 32 19.01 12.04 5.04
CA VAL A 32 18.65 12.43 6.40
C VAL A 32 17.18 12.10 6.70
N PHE A 33 16.29 12.41 5.78
CA PHE A 33 14.87 12.13 5.98
C PHE A 33 14.59 10.63 5.90
N LYS A 34 15.51 9.85 5.33
CA LYS A 34 15.35 8.40 5.27
C LYS A 34 15.42 7.82 6.67
N GLN A 35 16.39 8.29 7.43
CA GLN A 35 16.56 7.86 8.82
C GLN A 35 15.43 8.43 9.67
N TYR A 36 14.96 9.60 9.25
CA TYR A 36 13.86 10.28 9.91
C TYR A 36 12.55 9.49 9.71
N ALA A 37 12.29 9.11 8.47
CA ALA A 37 11.09 8.34 8.16
C ALA A 37 11.22 6.92 8.70
N ASN A 38 12.46 6.43 8.72
CA ASN A 38 12.75 5.10 9.27
C ASN A 38 12.40 5.07 10.76
N ASP A 39 12.73 6.15 11.44
CA ASP A 39 12.46 6.28 12.86
C ASP A 39 10.97 6.46 13.13
N ASN A 40 10.24 6.88 12.10
CA ASN A 40 8.80 7.07 12.20
C ASN A 40 8.07 5.81 11.73
N GLY A 41 8.80 4.91 11.10
CA GLY A 41 8.22 3.66 10.66
C GLY A 41 7.45 3.78 9.35
N VAL A 42 7.85 4.71 8.49
CA VAL A 42 7.18 4.87 7.23
C VAL A 42 8.02 4.34 6.09
N ASP A 43 7.50 3.32 5.42
CA ASP A 43 8.16 2.70 4.27
C ASP A 43 7.31 2.95 3.03
N GLY A 44 7.92 3.41 1.93
CA GLY A 44 7.14 3.70 0.75
C GLY A 44 7.98 4.23 -0.38
N GLU A 45 7.31 4.60 -1.45
CA GLU A 45 7.99 5.17 -2.61
C GLU A 45 8.47 6.58 -2.30
N TRP A 46 9.55 6.98 -2.95
CA TRP A 46 10.12 8.29 -2.73
C TRP A 46 9.96 9.17 -3.96
N THR A 47 9.01 10.08 -3.89
CA THR A 47 8.72 10.99 -4.99
C THR A 47 9.28 12.36 -4.69
N TYR A 48 9.56 13.14 -5.72
CA TYR A 48 10.15 14.45 -5.53
C TYR A 48 9.69 15.42 -6.62
N ASP A 49 9.61 16.69 -6.27
CA ASP A 49 9.20 17.75 -7.21
C ASP A 49 10.23 18.88 -7.15
N ASP A 50 10.72 19.33 -8.30
CA ASP A 50 11.81 20.31 -8.34
C ASP A 50 11.28 21.74 -8.18
N ALA A 51 10.02 21.96 -8.49
CA ALA A 51 9.43 23.29 -8.38
C ALA A 51 9.14 23.65 -6.92
N THR A 52 8.72 22.65 -6.14
CA THR A 52 8.38 22.87 -4.75
C THR A 52 9.50 22.46 -3.81
N LYS A 53 10.45 21.65 -4.31
CA LYS A 53 11.55 21.14 -3.48
C LYS A 53 10.97 20.30 -2.35
N THR A 54 10.06 19.42 -2.73
CA THR A 54 9.31 18.62 -1.78
C THR A 54 9.58 17.12 -1.94
N TYR A 55 9.99 16.48 -0.86
CA TYR A 55 10.15 15.02 -0.83
C TYR A 55 8.88 14.41 -0.25
N THR A 56 8.33 13.41 -0.93
CA THR A 56 7.11 12.78 -0.46
C THR A 56 7.31 11.26 -0.31
N VAL A 57 7.05 10.75 0.88
CA VAL A 57 7.16 9.32 1.12
C VAL A 57 5.74 8.76 1.26
N THR A 58 5.31 8.01 0.27
CA THR A 58 3.94 7.51 0.24
C THR A 58 3.88 6.08 0.75
N GLU A 59 3.15 5.89 1.84
CA GLU A 59 2.99 4.57 2.44
C GLU A 59 2.03 3.73 1.59
N GLY A 60 2.57 3.01 0.61
CA GLY A 60 1.74 2.17 -0.24
C GLY A 60 2.35 0.81 -0.45
N SER A 61 1.57 -0.22 -0.22
CA SER A 61 2.04 -1.59 -0.41
C SER A 61 0.89 -2.49 -0.82
N GLY A 62 -0.17 -1.88 -1.34
CA GLY A 62 -1.33 -2.65 -1.75
C GLY A 62 -1.94 -2.16 -3.05
N GLY A 63 -1.42 -2.65 -4.17
CA GLY A 63 -2.00 -2.32 -5.46
C GLY A 63 -3.40 -2.86 -5.57
N ALA A 64 -3.62 -3.96 -4.87
CA ALA A 64 -4.93 -4.60 -4.79
C ALA A 64 -4.99 -5.37 -3.50
N GLY A 65 -6.11 -5.29 -2.80
CA GLY A 65 -6.24 -6.00 -1.54
C GLY A 65 -7.63 -5.92 -0.94
N GLY A 66 -8.37 -6.99 -1.06
CA GLY A 66 -9.71 -7.05 -0.49
C GLY A 66 -9.68 -7.78 0.83
N GLN A 67 -8.88 -8.85 0.88
CA GLN A 67 -8.72 -9.68 2.08
C GLN A 67 -10.03 -10.35 2.46
N GLY A 68 -10.96 -10.40 1.52
CA GLY A 68 -12.25 -11.00 1.78
C GLY A 68 -12.92 -11.53 0.53
N MET A 69 -12.54 -12.74 0.14
CA MET A 69 -13.14 -13.40 -1.00
C MET A 69 -13.20 -14.91 -0.76
N ILE A 70 -14.06 -15.28 0.19
CA ILE A 70 -14.22 -16.68 0.61
C ILE A 70 -14.91 -16.71 1.99
N GLN A 71 -15.37 -15.53 2.41
CA GLN A 71 -16.02 -15.36 3.70
C GLN A 71 -17.52 -15.25 3.47
N GLU A 72 -17.93 -15.76 2.32
CA GLU A 72 -19.32 -15.66 1.88
C GLU A 72 -20.11 -16.85 2.42
N PRO A 73 -21.44 -16.73 2.52
CA PRO A 73 -22.29 -17.82 3.01
C PRO A 73 -22.51 -18.87 1.93
N ALA A 74 -22.69 -20.11 2.36
CA ALA A 74 -22.85 -21.22 1.45
C ALA A 74 -23.45 -22.42 2.17
N LEU A 75 -23.40 -23.57 1.52
CA LEU A 75 -23.91 -24.81 2.12
C LEU A 75 -23.12 -25.15 3.39
N PRO A 76 -23.79 -25.44 4.51
CA PRO A 76 -23.10 -25.78 5.78
C PRO A 76 -22.24 -27.02 5.65
N PRO A 77 -21.15 -27.11 6.43
CA PRO A 77 -20.28 -28.30 6.43
C PRO A 77 -21.06 -29.59 6.58
N GLY A 78 -20.93 -30.46 5.60
CA GLY A 78 -21.69 -31.70 5.61
C GLY A 78 -22.87 -31.68 4.64
N TRP A 79 -23.44 -30.51 4.38
CA TRP A 79 -24.54 -30.41 3.43
C TRP A 79 -24.01 -30.15 2.01
N GLU A 80 -24.40 -30.99 1.05
CA GLU A 80 -24.01 -30.78 -0.34
C GLU A 80 -25.23 -30.71 -1.23
N MET A 81 -25.12 -29.96 -2.31
CA MET A 81 -26.23 -29.77 -3.22
C MET A 81 -25.79 -30.10 -4.64
N LYS A 82 -26.51 -30.98 -5.32
CA LYS A 82 -26.14 -31.40 -6.67
C LYS A 82 -27.39 -31.54 -7.54
N TYR A 83 -27.22 -31.53 -8.85
CA TYR A 83 -28.35 -31.59 -9.77
C TYR A 83 -28.37 -32.91 -10.54
N THR A 84 -29.56 -33.38 -10.89
CA THR A 84 -29.70 -34.57 -11.70
C THR A 84 -29.57 -34.18 -13.18
N SER A 85 -29.65 -35.14 -14.07
CA SER A 85 -29.44 -34.91 -15.51
C SER A 85 -30.55 -34.07 -16.16
N GLU A 86 -31.66 -33.85 -15.46
CA GLU A 86 -32.79 -33.12 -16.04
C GLU A 86 -33.04 -31.81 -15.30
N GLY A 87 -32.14 -31.46 -14.39
CA GLY A 87 -32.28 -30.22 -13.67
C GLY A 87 -32.90 -30.41 -12.29
N VAL A 88 -33.45 -31.59 -12.04
CA VAL A 88 -34.03 -31.91 -10.74
C VAL A 88 -32.92 -31.88 -9.70
N ARG A 89 -33.15 -31.22 -8.58
CA ARG A 89 -32.12 -31.06 -7.57
C ARG A 89 -32.37 -31.98 -6.37
N TYR A 90 -31.28 -32.47 -5.79
CA TYR A 90 -31.35 -33.28 -4.59
C TYR A 90 -30.22 -32.86 -3.64
N PHE A 91 -30.39 -33.10 -2.34
CA PHE A 91 -29.34 -32.77 -1.40
C PHE A 91 -28.69 -34.03 -0.88
N VAL A 92 -27.46 -33.91 -0.43
CA VAL A 92 -26.72 -35.04 0.10
C VAL A 92 -26.41 -34.80 1.58
N ASP A 93 -27.16 -35.45 2.45
CA ASP A 93 -26.90 -35.38 3.89
C ASP A 93 -25.65 -36.22 4.18
N HIS A 94 -24.47 -35.62 4.06
CA HIS A 94 -23.23 -36.36 4.21
C HIS A 94 -22.98 -36.76 5.67
N ASN A 95 -23.72 -36.15 6.58
CA ASN A 95 -23.57 -36.47 8.00
C ASN A 95 -24.35 -37.72 8.38
N THR A 96 -25.31 -38.10 7.55
CA THR A 96 -26.10 -39.30 7.80
C THR A 96 -25.95 -40.30 6.65
N ARG A 97 -25.18 -39.89 5.64
CA ARG A 97 -24.90 -40.73 4.47
C ARG A 97 -26.17 -41.16 3.78
N THR A 98 -26.84 -40.18 3.22
CA THR A 98 -28.13 -40.39 2.58
C THR A 98 -28.42 -39.25 1.61
N THR A 99 -29.48 -39.41 0.82
CA THR A 99 -29.85 -38.41 -0.17
C THR A 99 -31.33 -37.98 0.04
N THR A 100 -31.54 -36.81 0.67
CA THR A 100 -32.89 -36.30 0.87
C THR A 100 -33.30 -35.45 -0.31
N PHE A 101 -34.59 -35.25 -0.51
CA PHE A 101 -35.04 -34.37 -1.55
C PHE A 101 -35.04 -32.93 -1.07
N LYS A 102 -34.70 -32.05 -1.99
CA LYS A 102 -34.50 -30.63 -1.74
C LYS A 102 -35.67 -29.91 -1.08
N ASP A 103 -35.30 -29.08 -0.12
CA ASP A 103 -36.22 -28.14 0.49
C ASP A 103 -35.61 -26.75 0.32
N PRO A 104 -36.42 -25.69 0.09
CA PRO A 104 -35.93 -24.32 -0.05
C PRO A 104 -35.11 -23.85 1.16
N ARG A 105 -35.40 -24.40 2.33
CA ARG A 105 -34.68 -24.02 3.54
C ARG A 105 -33.81 -25.20 4.03
N PRO A 106 -32.46 -25.09 3.91
CA PRO A 106 -31.55 -26.15 4.39
C PRO A 106 -31.82 -26.54 5.85
N GLY A 107 -32.09 -27.83 6.06
CA GLY A 107 -32.38 -28.34 7.39
C GLY A 107 -33.87 -28.30 7.71
N PHE A 108 -34.55 -27.24 7.22
CA PHE A 108 -36.02 -27.04 7.41
C PHE A 108 -36.53 -27.43 8.80
N GLU A 109 -35.70 -27.27 9.83
CA GLU A 109 -36.12 -27.58 11.19
C GLU A 109 -35.26 -26.82 12.19
N GLY A 1 21.84 33.02 4.55
CA GLY A 1 21.39 31.62 4.44
C GLY A 1 22.20 30.84 3.43
N SER A 2 22.92 29.84 3.89
CA SER A 2 23.75 29.03 3.01
C SER A 2 23.15 27.65 2.83
N HIS A 3 21.86 27.53 3.15
CA HIS A 3 21.16 26.26 3.03
C HIS A 3 19.98 26.38 2.07
N MET A 4 19.49 25.24 1.59
CA MET A 4 18.32 25.20 0.73
C MET A 4 17.18 24.57 1.49
N GLN A 5 15.98 25.12 1.34
CA GLN A 5 14.82 24.62 2.05
C GLN A 5 14.23 23.38 1.37
N TYR A 6 14.22 22.27 2.09
CA TYR A 6 13.65 21.02 1.60
C TYR A 6 12.52 20.59 2.54
N LYS A 7 11.42 20.09 1.97
CA LYS A 7 10.29 19.65 2.78
C LYS A 7 9.95 18.20 2.50
N LEU A 8 9.28 17.59 3.46
CA LEU A 8 8.86 16.19 3.36
C LEU A 8 7.46 16.02 3.92
N ILE A 9 6.65 15.24 3.22
CA ILE A 9 5.29 14.95 3.65
C ILE A 9 5.16 13.46 3.94
N LEU A 10 4.78 13.13 5.15
CA LEU A 10 4.60 11.73 5.51
C LEU A 10 3.16 11.34 5.29
N ASN A 11 2.92 10.56 4.27
CA ASN A 11 1.59 10.08 4.01
C ASN A 11 1.51 8.63 4.46
N GLY A 12 1.23 8.46 5.75
CA GLY A 12 1.10 7.13 6.32
C GLY A 12 0.13 7.11 7.47
N LYS A 13 -0.68 6.06 7.52
CA LYS A 13 -1.70 5.88 8.57
C LYS A 13 -1.16 6.12 9.97
N THR A 14 0.10 5.82 10.18
CA THR A 14 0.74 5.95 11.48
C THR A 14 1.13 7.40 11.77
N LEU A 15 1.51 8.13 10.72
CA LEU A 15 1.99 9.48 10.85
C LEU A 15 1.68 10.30 9.60
N LYS A 16 0.80 11.27 9.72
CA LYS A 16 0.44 12.11 8.59
C LYS A 16 0.71 13.57 8.93
N GLY A 17 1.70 14.14 8.25
CA GLY A 17 2.11 15.50 8.48
C GLY A 17 3.28 15.85 7.60
N GLU A 18 3.87 17.02 7.82
CA GLU A 18 5.01 17.44 7.00
C GLU A 18 5.93 18.39 7.77
N THR A 19 7.18 18.46 7.32
CA THR A 19 8.18 19.30 8.00
C THR A 19 9.29 19.70 7.02
N THR A 20 10.27 20.47 7.49
CA THR A 20 11.35 20.96 6.66
C THR A 20 12.71 20.79 7.32
N THR A 21 13.76 20.77 6.50
CA THR A 21 15.13 20.70 6.98
C THR A 21 16.03 21.48 6.03
N GLU A 22 17.17 21.94 6.54
CA GLU A 22 18.10 22.70 5.72
C GLU A 22 19.22 21.81 5.20
N ALA A 23 19.41 21.80 3.88
CA ALA A 23 20.49 21.03 3.26
C ALA A 23 21.06 21.79 2.07
N VAL A 24 22.29 21.48 1.66
CA VAL A 24 22.90 22.16 0.52
C VAL A 24 22.89 21.29 -0.73
N ASP A 25 22.22 20.14 -0.65
CA ASP A 25 22.19 19.20 -1.76
C ASP A 25 20.91 18.37 -1.71
N ALA A 26 20.51 17.83 -2.85
CA ALA A 26 19.29 17.06 -2.96
C ALA A 26 19.47 15.67 -2.36
N ALA A 27 20.61 15.04 -2.63
CA ALA A 27 20.87 13.69 -2.14
C ALA A 27 21.09 13.71 -0.63
N THR A 28 21.78 14.74 -0.17
CA THR A 28 22.04 14.91 1.26
C THR A 28 20.73 15.13 2.01
N ALA A 29 19.76 15.72 1.34
CA ALA A 29 18.47 16.00 1.96
C ALA A 29 17.66 14.72 2.06
N GLU A 30 17.80 13.88 1.05
CA GLU A 30 17.10 12.61 0.99
C GLU A 30 17.56 11.72 2.14
N LYS A 31 18.87 11.48 2.18
CA LYS A 31 19.50 10.61 3.18
C LYS A 31 19.06 10.90 4.60
N VAL A 32 18.99 12.16 5.00
CA VAL A 32 18.63 12.52 6.36
C VAL A 32 17.18 12.16 6.67
N PHE A 33 16.28 12.53 5.76
CA PHE A 33 14.85 12.25 5.94
C PHE A 33 14.58 10.75 5.89
N LYS A 34 15.48 9.99 5.28
CA LYS A 34 15.31 8.55 5.17
C LYS A 34 15.43 7.92 6.55
N GLN A 35 16.39 8.40 7.32
CA GLN A 35 16.60 7.94 8.69
C GLN A 35 15.45 8.43 9.56
N TYR A 36 14.96 9.61 9.21
CA TYR A 36 13.85 10.25 9.91
C TYR A 36 12.56 9.45 9.74
N ALA A 37 12.24 9.10 8.49
CA ALA A 37 11.05 8.32 8.20
C ALA A 37 11.22 6.88 8.69
N ASN A 38 12.47 6.41 8.62
CA ASN A 38 12.84 5.04 9.02
C ASN A 38 12.45 4.76 10.47
N ASP A 39 12.94 5.59 11.38
CA ASP A 39 12.70 5.39 12.81
C ASP A 39 11.25 5.64 13.18
N ASN A 40 10.51 6.33 12.31
CA ASN A 40 9.09 6.58 12.54
C ASN A 40 8.27 5.42 12.01
N GLY A 41 8.91 4.58 11.20
CA GLY A 41 8.25 3.42 10.66
C GLY A 41 7.52 3.72 9.37
N VAL A 42 8.00 4.70 8.62
CA VAL A 42 7.38 5.06 7.37
C VAL A 42 8.34 4.79 6.22
N ASP A 43 7.98 3.86 5.37
CA ASP A 43 8.78 3.54 4.21
C ASP A 43 7.86 3.19 3.03
N GLY A 44 7.61 4.18 2.17
CA GLY A 44 6.75 4.00 1.02
C GLY A 44 7.40 4.56 -0.22
N GLU A 45 6.62 4.71 -1.28
CA GLU A 45 7.14 5.26 -2.52
C GLU A 45 7.82 6.60 -2.27
N TRP A 46 9.01 6.78 -2.83
CA TRP A 46 9.76 8.02 -2.63
C TRP A 46 9.78 8.85 -3.91
N THR A 47 9.23 10.04 -3.85
CA THR A 47 9.18 10.94 -4.99
C THR A 47 9.77 12.30 -4.63
N TYR A 48 10.37 12.97 -5.62
CA TYR A 48 10.96 14.26 -5.39
C TYR A 48 10.72 15.20 -6.59
N ASP A 49 10.39 16.45 -6.31
CA ASP A 49 10.24 17.43 -7.38
C ASP A 49 11.20 18.58 -7.10
N ASP A 50 11.90 19.05 -8.11
CA ASP A 50 12.93 20.05 -7.89
C ASP A 50 12.35 21.46 -7.92
N ALA A 51 11.11 21.58 -8.35
CA ALA A 51 10.47 22.90 -8.40
C ALA A 51 10.10 23.38 -7.00
N THR A 52 9.67 22.45 -6.16
CA THR A 52 9.27 22.78 -4.80
C THR A 52 10.26 22.28 -3.75
N LYS A 53 11.16 21.35 -4.14
CA LYS A 53 12.11 20.73 -3.20
C LYS A 53 11.36 19.89 -2.17
N THR A 54 10.27 19.29 -2.61
CA THR A 54 9.44 18.49 -1.72
C THR A 54 9.69 16.99 -1.91
N TYR A 55 10.13 16.33 -0.84
CA TYR A 55 10.23 14.89 -0.84
C TYR A 55 8.92 14.31 -0.33
N THR A 56 8.36 13.40 -1.09
CA THR A 56 7.07 12.84 -0.75
C THR A 56 7.18 11.31 -0.55
N VAL A 57 6.88 10.86 0.66
CA VAL A 57 6.94 9.44 0.98
C VAL A 57 5.53 8.92 1.27
N THR A 58 5.02 8.10 0.37
CA THR A 58 3.66 7.61 0.46
C THR A 58 3.60 6.12 0.81
N GLU A 59 2.92 5.80 1.91
CA GLU A 59 2.76 4.40 2.34
C GLU A 59 1.93 3.62 1.34
N GLY A 60 2.13 2.31 1.27
CA GLY A 60 1.36 1.48 0.35
C GLY A 60 1.46 0.01 0.72
N SER A 61 0.41 -0.74 0.48
CA SER A 61 0.39 -2.16 0.79
C SER A 61 -0.50 -2.92 -0.17
N GLY A 62 -1.79 -2.69 -0.09
CA GLY A 62 -2.73 -3.37 -0.95
C GLY A 62 -4.13 -3.38 -0.37
N GLY A 63 -5.01 -4.19 -0.95
CA GLY A 63 -6.37 -4.27 -0.48
C GLY A 63 -6.82 -5.70 -0.25
N ALA A 64 -6.42 -6.59 -1.16
CA ALA A 64 -6.77 -8.01 -1.07
C ALA A 64 -8.28 -8.24 -1.01
N GLY A 65 -9.03 -7.35 -1.66
CA GLY A 65 -10.48 -7.45 -1.65
C GLY A 65 -11.01 -8.28 -2.80
N GLY A 66 -12.23 -8.78 -2.64
CA GLY A 66 -12.84 -9.58 -3.69
C GLY A 66 -13.99 -8.87 -4.38
N GLN A 67 -14.14 -7.58 -4.04
CA GLN A 67 -15.19 -6.74 -4.60
C GLN A 67 -16.58 -7.22 -4.17
N GLY A 68 -16.66 -7.92 -3.04
CA GLY A 68 -17.93 -8.38 -2.54
C GLY A 68 -17.89 -9.81 -2.04
N MET A 69 -18.96 -10.23 -1.38
CA MET A 69 -19.07 -11.58 -0.85
C MET A 69 -19.94 -12.43 -1.76
N ILE A 70 -19.59 -12.47 -3.04
CA ILE A 70 -20.37 -13.20 -4.04
C ILE A 70 -19.70 -14.52 -4.35
N GLN A 71 -19.86 -15.47 -3.44
CA GLN A 71 -19.22 -16.77 -3.58
C GLN A 71 -20.26 -17.82 -3.93
N GLU A 72 -21.45 -17.34 -4.27
CA GLU A 72 -22.57 -18.21 -4.65
C GLU A 72 -22.59 -18.39 -6.16
N PRO A 73 -23.04 -19.57 -6.63
CA PRO A 73 -23.12 -19.86 -8.06
C PRO A 73 -24.24 -19.07 -8.73
N ALA A 74 -24.33 -19.18 -10.04
CA ALA A 74 -25.36 -18.49 -10.78
C ALA A 74 -25.56 -19.14 -12.14
N LEU A 75 -26.64 -18.75 -12.82
CA LEU A 75 -26.94 -19.26 -14.15
C LEU A 75 -26.01 -18.62 -15.17
N PRO A 76 -25.62 -19.34 -16.24
CA PRO A 76 -24.75 -18.79 -17.28
C PRO A 76 -25.48 -17.73 -18.10
N PRO A 77 -24.76 -16.71 -18.58
CA PRO A 77 -25.35 -15.65 -19.42
C PRO A 77 -26.22 -16.21 -20.53
N GLY A 78 -27.45 -15.74 -20.58
CA GLY A 78 -28.41 -16.25 -21.56
C GLY A 78 -29.35 -17.30 -20.98
N TRP A 79 -28.91 -18.01 -19.95
CA TRP A 79 -29.74 -19.03 -19.30
C TRP A 79 -30.53 -18.42 -18.14
N GLU A 80 -31.78 -18.86 -17.97
CA GLU A 80 -32.63 -18.40 -16.88
C GLU A 80 -33.20 -19.60 -16.13
N MET A 81 -33.59 -19.42 -14.89
CA MET A 81 -34.13 -20.52 -14.08
C MET A 81 -35.34 -20.04 -13.27
N LYS A 82 -36.50 -20.67 -13.49
CA LYS A 82 -37.73 -20.24 -12.80
C LYS A 82 -38.56 -21.48 -12.41
N TYR A 83 -39.51 -21.32 -11.49
CA TYR A 83 -40.35 -22.44 -11.03
C TYR A 83 -41.78 -22.31 -11.58
N THR A 84 -42.48 -23.45 -11.61
CA THR A 84 -43.88 -23.48 -12.04
C THR A 84 -44.79 -23.16 -10.85
N SER A 85 -46.07 -23.52 -10.96
CA SER A 85 -47.04 -23.24 -9.91
C SER A 85 -47.06 -24.32 -8.83
N GLU A 86 -46.30 -25.39 -9.02
CA GLU A 86 -46.31 -26.50 -8.05
C GLU A 86 -44.91 -26.74 -7.48
N GLY A 87 -44.02 -25.79 -7.68
CA GLY A 87 -42.68 -25.90 -7.13
C GLY A 87 -41.72 -26.67 -8.00
N VAL A 88 -42.08 -26.89 -9.26
CA VAL A 88 -41.20 -27.59 -10.18
C VAL A 88 -40.32 -26.59 -10.93
N ARG A 89 -39.01 -26.82 -10.88
CA ARG A 89 -38.03 -25.93 -11.49
C ARG A 89 -37.75 -26.31 -12.95
N TYR A 90 -37.87 -25.34 -13.84
CA TYR A 90 -37.58 -25.56 -15.25
C TYR A 90 -36.50 -24.57 -15.70
N PHE A 91 -35.74 -24.94 -16.73
CA PHE A 91 -34.69 -24.08 -17.21
C PHE A 91 -35.19 -23.32 -18.42
N VAL A 92 -34.77 -22.08 -18.55
CA VAL A 92 -35.31 -21.20 -19.57
C VAL A 92 -34.20 -20.59 -20.42
N ASP A 93 -34.12 -20.95 -21.69
CA ASP A 93 -33.17 -20.32 -22.58
C ASP A 93 -33.67 -18.91 -22.93
N HIS A 94 -33.48 -17.96 -22.01
CA HIS A 94 -33.88 -16.54 -22.22
C HIS A 94 -33.29 -15.99 -23.53
N ASN A 95 -32.26 -16.64 -24.03
CA ASN A 95 -31.57 -16.21 -25.25
C ASN A 95 -32.33 -16.63 -26.51
N THR A 96 -33.04 -17.75 -26.47
CA THR A 96 -33.80 -18.22 -27.62
C THR A 96 -35.29 -18.26 -27.32
N ARG A 97 -35.64 -17.99 -26.08
CA ARG A 97 -37.03 -17.98 -25.61
C ARG A 97 -37.66 -19.35 -25.76
N THR A 98 -37.30 -20.23 -24.85
CA THR A 98 -37.74 -21.60 -24.88
C THR A 98 -37.71 -22.20 -23.48
N THR A 99 -38.47 -23.26 -23.25
CA THR A 99 -38.50 -23.91 -21.94
C THR A 99 -37.94 -25.34 -22.06
N THR A 100 -37.12 -25.78 -21.12
CA THR A 100 -36.57 -27.12 -21.17
C THR A 100 -36.28 -27.66 -19.77
N PHE A 101 -36.40 -28.96 -19.61
CA PHE A 101 -36.13 -29.60 -18.35
C PHE A 101 -34.84 -30.42 -18.44
N LYS A 102 -33.73 -29.84 -17.97
CA LYS A 102 -32.47 -30.57 -17.95
C LYS A 102 -32.32 -31.27 -16.61
N ASP A 103 -32.84 -32.48 -16.55
CA ASP A 103 -32.81 -33.26 -15.33
C ASP A 103 -31.59 -34.17 -15.31
N PRO A 104 -30.84 -34.20 -14.19
CA PRO A 104 -29.62 -35.01 -14.07
C PRO A 104 -29.91 -36.52 -13.99
N ARG A 105 -31.17 -36.88 -13.77
CA ARG A 105 -31.56 -38.29 -13.68
C ARG A 105 -32.16 -38.75 -15.01
N PRO A 106 -31.47 -39.62 -15.79
CA PRO A 106 -32.04 -40.15 -17.03
C PRO A 106 -33.41 -40.77 -16.81
N GLY A 107 -34.43 -40.22 -17.45
CA GLY A 107 -35.79 -40.73 -17.27
C GLY A 107 -36.42 -40.28 -15.96
N PHE A 108 -35.59 -39.91 -14.97
CA PHE A 108 -36.04 -39.49 -13.62
C PHE A 108 -37.18 -40.37 -13.08
N GLU A 109 -37.07 -41.67 -13.33
CA GLU A 109 -38.03 -42.64 -12.84
C GLU A 109 -37.30 -43.68 -12.00
N GLY A 1 21.39 32.27 1.81
CA GLY A 1 22.83 31.97 1.74
C GLY A 1 23.13 30.77 0.85
N SER A 2 23.91 29.84 1.38
CA SER A 2 24.29 28.66 0.62
C SER A 2 23.38 27.48 0.94
N HIS A 3 22.35 27.72 1.73
CA HIS A 3 21.43 26.67 2.12
C HIS A 3 20.06 26.91 1.49
N MET A 4 19.24 25.86 1.44
CA MET A 4 17.90 25.98 0.91
C MET A 4 16.96 25.18 1.80
N GLN A 5 15.68 25.32 1.55
CA GLN A 5 14.66 24.66 2.35
C GLN A 5 14.05 23.48 1.62
N TYR A 6 14.19 22.31 2.21
CA TYR A 6 13.58 21.10 1.65
C TYR A 6 12.52 20.60 2.61
N LYS A 7 11.39 20.17 2.09
CA LYS A 7 10.34 19.64 2.95
C LYS A 7 9.95 18.23 2.54
N LEU A 8 9.26 17.55 3.44
CA LEU A 8 8.83 16.17 3.24
C LEU A 8 7.42 16.00 3.79
N ILE A 9 6.63 15.18 3.12
CA ILE A 9 5.28 14.88 3.57
C ILE A 9 5.18 13.39 3.83
N LEU A 10 4.82 13.02 5.04
CA LEU A 10 4.65 11.60 5.37
C LEU A 10 3.23 11.20 5.11
N ASN A 11 2.95 10.66 3.94
CA ASN A 11 1.63 10.16 3.67
C ASN A 11 1.56 8.72 4.14
N GLY A 12 1.37 8.56 5.42
CA GLY A 12 1.26 7.24 6.00
C GLY A 12 0.19 7.20 7.04
N LYS A 13 -0.70 6.22 6.93
CA LYS A 13 -1.87 6.11 7.80
C LYS A 13 -1.49 6.06 9.29
N THR A 14 -0.24 5.73 9.57
CA THR A 14 0.24 5.71 10.96
C THR A 14 0.57 7.12 11.44
N LEU A 15 1.32 7.86 10.62
CA LEU A 15 1.72 9.21 10.96
C LEU A 15 1.66 10.10 9.72
N LYS A 16 0.75 11.06 9.74
CA LYS A 16 0.61 11.99 8.62
C LYS A 16 1.05 13.38 9.06
N GLY A 17 1.98 13.96 8.33
CA GLY A 17 2.49 15.27 8.68
C GLY A 17 3.57 15.75 7.73
N GLU A 18 4.25 16.82 8.10
CA GLU A 18 5.31 17.38 7.28
C GLU A 18 6.49 17.80 8.15
N THR A 19 7.61 18.08 7.49
CA THR A 19 8.80 18.55 8.21
C THR A 19 9.74 19.26 7.23
N THR A 20 10.72 19.97 7.77
CA THR A 20 11.65 20.74 6.96
C THR A 20 13.09 20.58 7.47
N THR A 21 14.05 20.88 6.61
CA THR A 21 15.46 20.83 6.99
C THR A 21 16.30 21.66 6.03
N GLU A 22 17.45 22.11 6.49
CA GLU A 22 18.36 22.87 5.65
C GLU A 22 19.34 21.90 4.98
N ALA A 23 19.49 21.99 3.67
CA ALA A 23 20.41 21.10 2.96
C ALA A 23 20.96 21.80 1.72
N VAL A 24 22.15 21.40 1.26
CA VAL A 24 22.74 21.96 0.06
C VAL A 24 22.68 20.97 -1.12
N ASP A 25 22.07 19.82 -0.89
CA ASP A 25 21.94 18.79 -1.91
C ASP A 25 20.61 18.07 -1.72
N ALA A 26 20.12 17.46 -2.80
CA ALA A 26 18.88 16.71 -2.74
C ALA A 26 19.14 15.33 -2.16
N ALA A 27 20.26 14.73 -2.56
CA ALA A 27 20.66 13.41 -2.07
C ALA A 27 20.91 13.43 -0.57
N THR A 28 21.50 14.51 -0.10
CA THR A 28 21.80 14.66 1.33
C THR A 28 20.50 14.80 2.13
N ALA A 29 19.47 15.35 1.50
CA ALA A 29 18.20 15.53 2.16
C ALA A 29 17.48 14.20 2.28
N GLU A 30 17.64 13.37 1.24
CA GLU A 30 17.02 12.05 1.22
C GLU A 30 17.56 11.21 2.37
N LYS A 31 18.88 11.04 2.39
CA LYS A 31 19.56 10.22 3.41
C LYS A 31 19.15 10.58 4.84
N VAL A 32 19.08 11.87 5.14
CA VAL A 32 18.73 12.33 6.49
C VAL A 32 17.27 12.05 6.81
N PHE A 33 16.39 12.47 5.90
CA PHE A 33 14.95 12.30 6.10
C PHE A 33 14.55 10.84 6.08
N LYS A 34 15.39 9.97 5.51
CA LYS A 34 15.08 8.56 5.47
C LYS A 34 15.24 7.94 6.85
N GLN A 35 16.31 8.34 7.55
CA GLN A 35 16.51 7.91 8.92
C GLN A 35 15.40 8.50 9.79
N TYR A 36 14.96 9.69 9.40
CA TYR A 36 13.87 10.40 10.07
C TYR A 36 12.57 9.62 9.92
N ALA A 37 12.26 9.25 8.68
CA ALA A 37 11.06 8.48 8.39
C ALA A 37 11.16 7.08 9.00
N ASN A 38 12.38 6.54 8.97
CA ASN A 38 12.65 5.20 9.51
C ASN A 38 12.32 5.12 11.00
N ASP A 39 12.69 6.16 11.74
CA ASP A 39 12.43 6.22 13.18
C ASP A 39 10.93 6.15 13.47
N ASN A 40 10.13 6.59 12.52
CA ASN A 40 8.68 6.59 12.68
C ASN A 40 8.03 5.42 11.94
N GLY A 41 8.87 4.59 11.30
CA GLY A 41 8.35 3.42 10.59
C GLY A 41 7.65 3.77 9.29
N VAL A 42 8.07 4.87 8.66
CA VAL A 42 7.48 5.29 7.41
C VAL A 42 8.46 5.09 6.27
N ASP A 43 8.09 4.22 5.34
CA ASP A 43 8.93 3.94 4.18
C ASP A 43 8.04 3.53 3.00
N GLY A 44 8.23 4.16 1.85
CA GLY A 44 7.38 3.92 0.71
C GLY A 44 7.95 4.57 -0.53
N GLU A 45 7.16 4.65 -1.59
CA GLU A 45 7.60 5.27 -2.84
C GLU A 45 8.14 6.67 -2.58
N TRP A 46 9.33 6.92 -3.08
CA TRP A 46 10.00 8.20 -2.86
C TRP A 46 9.99 9.04 -4.13
N THR A 47 9.27 10.14 -4.09
CA THR A 47 9.18 11.03 -5.24
C THR A 47 9.59 12.46 -4.86
N TYR A 48 9.97 13.25 -5.85
CA TYR A 48 10.41 14.62 -5.60
C TYR A 48 9.87 15.56 -6.67
N ASP A 49 9.69 16.83 -6.30
CA ASP A 49 9.19 17.83 -7.24
C ASP A 49 10.07 19.09 -7.14
N ASP A 50 10.79 19.42 -8.21
CA ASP A 50 11.73 20.55 -8.20
C ASP A 50 11.02 21.87 -7.91
N ALA A 51 9.82 21.99 -8.44
CA ALA A 51 9.02 23.20 -8.30
C ALA A 51 8.69 23.52 -6.84
N THR A 52 8.75 22.51 -5.97
CA THR A 52 8.38 22.74 -4.56
C THR A 52 9.43 22.21 -3.55
N LYS A 53 10.57 21.69 -4.03
CA LYS A 53 11.61 21.12 -3.13
C LYS A 53 11.00 20.23 -2.06
N THR A 54 9.94 19.53 -2.43
CA THR A 54 9.22 18.70 -1.50
C THR A 54 9.38 17.23 -1.84
N TYR A 55 9.99 16.48 -0.92
CA TYR A 55 10.08 15.03 -1.08
C TYR A 55 8.79 14.38 -0.58
N THR A 56 8.31 13.41 -1.31
CA THR A 56 7.09 12.75 -0.95
C THR A 56 7.30 11.24 -0.73
N VAL A 57 6.97 10.79 0.46
CA VAL A 57 7.03 9.37 0.79
C VAL A 57 5.60 8.93 1.05
N THR A 58 5.12 8.00 0.25
CA THR A 58 3.72 7.60 0.34
C THR A 58 3.57 6.10 0.56
N GLU A 59 2.94 5.76 1.68
CA GLU A 59 2.63 4.38 2.01
C GLU A 59 1.48 3.88 1.13
N GLY A 60 1.42 2.57 0.91
CA GLY A 60 0.39 2.00 0.05
C GLY A 60 -0.99 2.01 0.68
N SER A 61 -1.89 1.23 0.09
CA SER A 61 -3.28 1.16 0.54
C SER A 61 -3.43 0.12 1.66
N GLY A 62 -4.67 -0.12 2.06
CA GLY A 62 -4.94 -1.09 3.10
C GLY A 62 -6.07 -2.01 2.73
N GLY A 63 -6.25 -3.09 3.49
CA GLY A 63 -7.29 -4.04 3.17
C GLY A 63 -8.40 -4.10 4.21
N ALA A 64 -8.59 -3.02 4.95
CA ALA A 64 -9.64 -2.96 5.95
C ALA A 64 -10.46 -1.68 5.81
N GLY A 65 -9.91 -0.59 6.32
CA GLY A 65 -10.56 0.71 6.20
C GLY A 65 -11.58 0.96 7.29
N GLY A 66 -12.69 0.22 7.26
CA GLY A 66 -13.75 0.43 8.23
C GLY A 66 -13.38 0.03 9.64
N GLN A 67 -12.69 -1.09 9.78
CA GLN A 67 -12.28 -1.58 11.09
C GLN A 67 -10.89 -2.19 11.00
N GLY A 68 -9.95 -1.63 11.76
CA GLY A 68 -8.58 -2.08 11.70
C GLY A 68 -8.29 -3.26 12.61
N MET A 69 -7.01 -3.60 12.74
CA MET A 69 -6.56 -4.72 13.54
C MET A 69 -5.03 -4.64 13.63
N ILE A 70 -4.36 -5.79 13.78
CA ILE A 70 -2.90 -5.87 13.77
C ILE A 70 -2.28 -5.40 15.10
N GLN A 71 -2.20 -6.34 16.04
CA GLN A 71 -1.49 -6.15 17.29
C GLN A 71 -0.53 -7.32 17.42
N GLU A 72 -0.24 -7.87 16.25
CA GLU A 72 0.60 -9.06 16.11
C GLU A 72 1.94 -8.67 15.51
N PRO A 73 2.99 -9.48 15.73
CA PRO A 73 4.31 -9.20 15.19
C PRO A 73 4.40 -9.52 13.70
N ALA A 74 5.26 -8.81 13.01
CA ALA A 74 5.44 -8.96 11.58
C ALA A 74 6.72 -8.26 11.14
N LEU A 75 7.06 -8.39 9.87
CA LEU A 75 8.24 -7.74 9.35
C LEU A 75 7.87 -6.41 8.71
N PRO A 76 8.67 -5.34 8.90
CA PRO A 76 8.40 -4.03 8.29
C PRO A 76 8.49 -4.12 6.76
N PRO A 77 7.92 -3.17 6.02
CA PRO A 77 7.96 -3.21 4.56
C PRO A 77 9.40 -3.19 4.05
N GLY A 78 9.74 -4.17 3.26
CA GLY A 78 11.09 -4.27 2.76
C GLY A 78 11.96 -5.26 3.53
N TRP A 79 11.63 -5.53 4.79
CA TRP A 79 12.42 -6.47 5.59
C TRP A 79 11.87 -7.90 5.50
N GLU A 80 12.76 -8.90 5.46
CA GLU A 80 12.35 -10.30 5.49
C GLU A 80 13.16 -11.02 6.57
N MET A 81 12.56 -12.03 7.18
CA MET A 81 13.23 -12.80 8.22
C MET A 81 13.24 -14.28 7.84
N LYS A 82 14.41 -14.91 7.94
CA LYS A 82 14.56 -16.32 7.56
C LYS A 82 15.66 -16.98 8.40
N TYR A 83 15.60 -18.31 8.54
CA TYR A 83 16.61 -19.05 9.29
C TYR A 83 17.45 -19.92 8.36
N THR A 84 18.70 -20.19 8.74
CA THR A 84 19.53 -21.13 7.99
C THR A 84 19.26 -22.53 8.56
N SER A 85 19.67 -23.58 7.87
CA SER A 85 19.42 -24.95 8.32
C SER A 85 20.34 -25.35 9.49
N GLU A 86 20.96 -24.36 10.10
CA GLU A 86 21.89 -24.59 11.20
C GLU A 86 21.42 -23.83 12.45
N GLY A 87 20.25 -23.21 12.32
CA GLY A 87 19.68 -22.46 13.43
C GLY A 87 20.23 -21.06 13.54
N VAL A 88 20.89 -20.59 12.48
CA VAL A 88 21.47 -19.24 12.47
C VAL A 88 20.43 -18.23 11.98
N ARG A 89 20.39 -17.08 12.64
CA ARG A 89 19.41 -16.05 12.33
C ARG A 89 20.01 -14.99 11.39
N TYR A 90 19.47 -14.89 10.17
CA TYR A 90 19.95 -13.87 9.23
C TYR A 90 18.76 -13.05 8.72
N PHE A 91 19.02 -11.83 8.25
CA PHE A 91 17.95 -10.97 7.76
C PHE A 91 18.22 -10.56 6.32
N VAL A 92 17.17 -10.13 5.63
CA VAL A 92 17.30 -9.74 4.23
C VAL A 92 16.67 -8.37 3.99
N ASP A 93 17.46 -7.46 3.41
CA ASP A 93 16.93 -6.16 3.00
C ASP A 93 16.40 -6.31 1.57
N HIS A 94 15.07 -6.39 1.38
CA HIS A 94 14.51 -6.64 0.05
C HIS A 94 14.65 -5.41 -0.84
N ASN A 95 14.98 -4.27 -0.24
CA ASN A 95 15.15 -3.03 -0.98
C ASN A 95 16.49 -3.02 -1.69
N THR A 96 17.55 -3.38 -0.97
CA THR A 96 18.89 -3.43 -1.55
C THR A 96 19.19 -4.83 -2.07
N ARG A 97 18.39 -5.80 -1.62
CA ARG A 97 18.49 -7.20 -2.06
C ARG A 97 19.80 -7.79 -1.56
N THR A 98 20.11 -7.42 -0.34
CA THR A 98 21.33 -7.85 0.33
C THR A 98 20.99 -8.75 1.52
N THR A 99 21.93 -9.59 1.95
CA THR A 99 21.75 -10.43 3.13
C THR A 99 22.60 -9.87 4.26
N THR A 100 22.00 -9.61 5.43
CA THR A 100 22.74 -8.99 6.51
C THR A 100 22.39 -9.62 7.85
N PHE A 101 23.37 -9.72 8.73
CA PHE A 101 23.14 -10.18 10.08
C PHE A 101 22.96 -8.97 10.98
N LYS A 102 21.70 -8.63 11.24
CA LYS A 102 21.36 -7.45 12.02
C LYS A 102 20.19 -7.75 12.93
N ASP A 103 20.46 -7.93 14.21
CA ASP A 103 19.42 -8.20 15.18
C ASP A 103 18.92 -6.89 15.77
N PRO A 104 17.60 -6.77 15.99
CA PRO A 104 17.00 -5.57 16.58
C PRO A 104 17.57 -5.27 17.97
N ARG A 105 18.07 -6.30 18.64
CA ARG A 105 18.67 -6.12 19.95
C ARG A 105 20.14 -5.71 19.79
N PRO A 106 20.60 -4.68 20.52
CA PRO A 106 21.98 -4.23 20.40
C PRO A 106 22.96 -5.25 21.01
N GLY A 107 23.84 -5.77 20.18
CA GLY A 107 24.82 -6.75 20.64
C GLY A 107 24.24 -8.15 20.79
N PHE A 108 22.94 -8.23 21.12
CA PHE A 108 22.24 -9.49 21.35
C PHE A 108 23.03 -10.41 22.29
N GLU A 109 23.13 -10.00 23.55
CA GLU A 109 23.81 -10.76 24.58
C GLU A 109 23.47 -10.17 25.94
N GLY A 1 20.45 32.20 -2.26
CA GLY A 1 20.69 31.84 -0.84
C GLY A 1 21.91 30.96 -0.70
N SER A 2 22.10 30.42 0.49
CA SER A 2 23.25 29.56 0.74
C SER A 2 22.76 28.14 1.01
N HIS A 3 21.79 28.02 1.90
CA HIS A 3 21.20 26.73 2.20
C HIS A 3 19.80 26.67 1.58
N MET A 4 19.37 25.50 1.16
CA MET A 4 18.06 25.38 0.50
C MET A 4 17.09 24.64 1.41
N GLN A 5 15.86 25.13 1.48
CA GLN A 5 14.84 24.47 2.27
C GLN A 5 14.25 23.28 1.52
N TYR A 6 14.44 22.09 2.07
CA TYR A 6 13.85 20.90 1.46
C TYR A 6 12.63 20.49 2.28
N LYS A 7 11.63 19.95 1.61
CA LYS A 7 10.35 19.69 2.26
C LYS A 7 10.03 18.20 2.28
N LEU A 8 9.46 17.72 3.39
CA LEU A 8 9.02 16.33 3.44
C LEU A 8 7.55 16.25 3.81
N ILE A 9 6.87 15.28 3.24
CA ILE A 9 5.47 15.03 3.52
C ILE A 9 5.28 13.55 3.79
N LEU A 10 4.89 13.20 5.02
CA LEU A 10 4.68 11.80 5.35
C LEU A 10 3.22 11.46 5.11
N ASN A 11 2.97 10.66 4.09
CA ASN A 11 1.63 10.26 3.79
C ASN A 11 1.46 8.80 4.18
N GLY A 12 1.15 8.59 5.45
CA GLY A 12 0.97 7.26 5.94
C GLY A 12 -0.10 7.21 7.02
N LYS A 13 -0.85 6.14 7.03
CA LYS A 13 -1.99 5.94 7.93
C LYS A 13 -1.63 6.12 9.41
N THR A 14 -0.37 5.90 9.76
CA THR A 14 0.04 6.09 11.14
C THR A 14 0.68 7.47 11.32
N LEU A 15 1.49 7.89 10.36
CA LEU A 15 2.16 9.17 10.42
C LEU A 15 1.81 10.05 9.22
N LYS A 16 0.90 11.00 9.43
CA LYS A 16 0.58 11.98 8.40
C LYS A 16 1.02 13.35 8.89
N GLY A 17 1.96 13.96 8.20
CA GLY A 17 2.49 15.23 8.62
C GLY A 17 3.60 15.72 7.72
N GLU A 18 4.32 16.74 8.15
CA GLU A 18 5.41 17.28 7.34
C GLU A 18 6.60 17.64 8.22
N THR A 19 7.68 18.05 7.57
CA THR A 19 8.88 18.48 8.24
C THR A 19 9.83 19.11 7.23
N THR A 20 10.74 19.95 7.72
CA THR A 20 11.68 20.63 6.86
C THR A 20 13.11 20.50 7.39
N THR A 21 14.09 20.72 6.54
CA THR A 21 15.49 20.65 6.94
C THR A 21 16.33 21.57 6.06
N GLU A 22 17.40 22.12 6.63
CA GLU A 22 18.27 23.01 5.88
C GLU A 22 19.43 22.21 5.28
N ALA A 23 19.44 22.04 3.96
CA ALA A 23 20.51 21.28 3.31
C ALA A 23 20.92 21.96 2.02
N VAL A 24 22.08 21.62 1.49
CA VAL A 24 22.54 22.18 0.26
C VAL A 24 22.19 21.29 -0.95
N ASP A 25 22.45 19.99 -0.84
CA ASP A 25 22.17 19.07 -1.95
C ASP A 25 20.91 18.28 -1.68
N ALA A 26 20.29 17.79 -2.75
CA ALA A 26 19.07 17.01 -2.64
C ALA A 26 19.37 15.62 -2.08
N ALA A 27 20.45 15.03 -2.56
CA ALA A 27 20.86 13.70 -2.10
C ALA A 27 21.17 13.71 -0.60
N THR A 28 21.71 14.83 -0.13
CA THR A 28 22.03 14.99 1.29
C THR A 28 20.75 15.13 2.11
N ALA A 29 19.74 15.72 1.49
CA ALA A 29 18.47 15.94 2.16
C ALA A 29 17.71 14.63 2.28
N GLU A 30 17.89 13.75 1.30
CA GLU A 30 17.23 12.46 1.30
C GLU A 30 17.73 11.65 2.50
N LYS A 31 19.06 11.52 2.61
CA LYS A 31 19.73 10.76 3.68
C LYS A 31 19.17 11.09 5.07
N VAL A 32 18.95 12.38 5.34
CA VAL A 32 18.49 12.81 6.66
C VAL A 32 17.07 12.35 6.93
N PHE A 33 16.19 12.56 5.97
CA PHE A 33 14.80 12.19 6.13
C PHE A 33 14.61 10.69 6.08
N LYS A 34 15.60 9.97 5.59
CA LYS A 34 15.52 8.51 5.52
C LYS A 34 15.60 7.95 6.93
N GLN A 35 16.46 8.55 7.74
CA GLN A 35 16.61 8.17 9.13
C GLN A 35 15.36 8.58 9.87
N TYR A 36 14.90 9.77 9.54
CA TYR A 36 13.69 10.35 10.09
C TYR A 36 12.48 9.45 9.83
N ALA A 37 12.24 9.10 8.57
CA ALA A 37 11.12 8.25 8.20
C ALA A 37 11.33 6.83 8.75
N ASN A 38 12.60 6.48 8.95
CA ASN A 38 12.96 5.17 9.51
C ASN A 38 12.58 5.11 10.98
N ASP A 39 12.65 6.28 11.63
CA ASP A 39 12.32 6.41 13.05
C ASP A 39 10.85 6.11 13.30
N ASN A 40 9.99 6.55 12.39
CA ASN A 40 8.56 6.31 12.52
C ASN A 40 8.14 5.04 11.79
N GLY A 41 8.99 4.56 10.89
CA GLY A 41 8.72 3.32 10.19
C GLY A 41 7.85 3.49 8.96
N VAL A 42 8.01 4.61 8.28
CA VAL A 42 7.24 4.86 7.08
C VAL A 42 8.05 4.49 5.84
N ASP A 43 7.57 3.49 5.12
CA ASP A 43 8.24 3.04 3.91
C ASP A 43 7.24 3.03 2.75
N GLY A 44 7.64 3.56 1.61
CA GLY A 44 6.76 3.65 0.47
C GLY A 44 7.44 4.33 -0.69
N GLU A 45 6.69 4.64 -1.73
CA GLU A 45 7.25 5.35 -2.88
C GLU A 45 7.83 6.69 -2.45
N TRP A 46 9.03 6.98 -2.92
CA TRP A 46 9.69 8.24 -2.61
C TRP A 46 9.60 9.20 -3.79
N THR A 47 8.69 10.15 -3.70
CA THR A 47 8.48 11.10 -4.77
C THR A 47 9.23 12.41 -4.52
N TYR A 48 9.51 13.13 -5.59
CA TYR A 48 10.23 14.39 -5.53
C TYR A 48 9.79 15.27 -6.68
N ASP A 49 9.78 16.58 -6.47
CA ASP A 49 9.36 17.49 -7.54
C ASP A 49 10.51 18.46 -7.83
N ASP A 50 10.60 18.93 -9.06
CA ASP A 50 11.71 19.79 -9.46
C ASP A 50 11.43 21.26 -9.18
N ALA A 51 10.17 21.58 -8.90
CA ALA A 51 9.79 22.97 -8.69
C ALA A 51 10.02 23.43 -7.25
N THR A 52 9.65 22.61 -6.27
CA THR A 52 9.77 23.02 -4.88
C THR A 52 10.73 22.15 -4.06
N LYS A 53 11.31 21.12 -4.68
CA LYS A 53 12.24 20.20 -4.00
C LYS A 53 11.55 19.54 -2.82
N THR A 54 10.31 19.15 -3.05
CA THR A 54 9.49 18.52 -2.04
C THR A 54 9.62 17.00 -2.13
N TYR A 55 10.01 16.38 -1.02
CA TYR A 55 10.14 14.92 -0.96
C TYR A 55 8.90 14.35 -0.27
N THR A 56 8.27 13.36 -0.88
CA THR A 56 7.06 12.77 -0.31
C THR A 56 7.17 11.25 -0.24
N VAL A 57 6.84 10.70 0.93
CA VAL A 57 6.84 9.26 1.11
C VAL A 57 5.40 8.80 1.37
N THR A 58 4.88 7.99 0.46
CA THR A 58 3.49 7.55 0.54
C THR A 58 3.40 6.07 0.86
N GLU A 59 2.51 5.74 1.79
CA GLU A 59 2.31 4.35 2.19
C GLU A 59 1.19 3.74 1.33
N GLY A 60 1.23 2.43 1.14
CA GLY A 60 0.25 1.77 0.32
C GLY A 60 0.73 1.63 -1.11
N SER A 61 1.07 0.42 -1.49
CA SER A 61 1.59 0.16 -2.83
C SER A 61 0.90 -1.07 -3.42
N GLY A 62 0.74 -2.11 -2.60
CA GLY A 62 0.11 -3.33 -3.08
C GLY A 62 0.72 -4.59 -2.48
N GLY A 63 0.08 -5.15 -1.46
CA GLY A 63 0.59 -6.34 -0.83
C GLY A 63 -0.19 -7.57 -1.25
N ALA A 64 -0.72 -7.54 -2.46
CA ALA A 64 -1.51 -8.63 -2.99
C ALA A 64 -0.67 -9.54 -3.88
N GLY A 65 -0.99 -10.82 -3.88
CA GLY A 65 -0.25 -11.77 -4.70
C GLY A 65 0.79 -12.51 -3.88
N GLY A 66 0.50 -12.67 -2.60
CA GLY A 66 1.43 -13.35 -1.72
C GLY A 66 1.35 -14.87 -1.84
N GLN A 67 0.48 -15.35 -2.73
CA GLN A 67 0.33 -16.78 -2.93
C GLN A 67 1.17 -17.20 -4.14
N GLY A 68 0.77 -16.74 -5.32
CA GLY A 68 1.50 -17.06 -6.53
C GLY A 68 1.15 -18.44 -7.09
N MET A 69 1.79 -19.46 -6.55
CA MET A 69 1.57 -20.82 -7.01
C MET A 69 0.21 -21.37 -6.50
N ILE A 70 -0.70 -21.67 -7.42
CA ILE A 70 -2.02 -22.19 -7.06
C ILE A 70 -2.45 -23.25 -8.08
N GLN A 71 -2.11 -23.02 -9.34
CA GLN A 71 -2.45 -23.91 -10.43
C GLN A 71 -1.40 -25.01 -10.55
N GLU A 72 -0.65 -25.22 -9.49
CA GLU A 72 0.44 -26.17 -9.49
C GLU A 72 -0.05 -27.61 -9.33
N PRO A 73 0.70 -28.56 -9.91
CA PRO A 73 0.40 -29.97 -9.75
C PRO A 73 0.91 -30.53 -8.42
N ALA A 74 0.82 -31.84 -8.28
CA ALA A 74 1.28 -32.54 -7.08
C ALA A 74 0.36 -32.27 -5.89
N LEU A 75 0.66 -32.91 -4.77
CA LEU A 75 -0.14 -32.77 -3.57
C LEU A 75 0.52 -31.83 -2.55
N PRO A 76 -0.24 -30.87 -2.00
CA PRO A 76 0.26 -29.99 -0.93
C PRO A 76 0.45 -30.79 0.37
N PRO A 77 1.29 -30.28 1.29
CA PRO A 77 1.56 -30.93 2.58
C PRO A 77 0.29 -31.34 3.31
N GLY A 78 0.18 -32.62 3.62
CA GLY A 78 -0.99 -33.13 4.31
C GLY A 78 -2.00 -33.81 3.40
N TRP A 79 -2.04 -33.43 2.12
CA TRP A 79 -3.01 -34.02 1.19
C TRP A 79 -2.47 -35.30 0.54
N GLU A 80 -3.33 -36.31 0.37
CA GLU A 80 -2.96 -37.54 -0.33
C GLU A 80 -3.89 -37.74 -1.53
N MET A 81 -3.33 -38.19 -2.65
CA MET A 81 -4.11 -38.47 -3.84
C MET A 81 -4.06 -39.97 -4.16
N LYS A 82 -5.21 -40.63 -4.18
CA LYS A 82 -5.26 -42.07 -4.46
C LYS A 82 -6.53 -42.39 -5.24
N TYR A 83 -6.49 -43.45 -6.04
CA TYR A 83 -7.63 -43.84 -6.87
C TYR A 83 -8.20 -45.17 -6.40
N THR A 84 -9.48 -45.38 -6.62
CA THR A 84 -10.11 -46.64 -6.28
C THR A 84 -9.87 -47.63 -7.44
N SER A 85 -10.27 -48.89 -7.26
CA SER A 85 -10.01 -49.93 -8.24
C SER A 85 -10.88 -49.81 -9.50
N GLU A 86 -11.69 -48.76 -9.58
CA GLU A 86 -12.54 -48.56 -10.75
C GLU A 86 -12.24 -47.22 -11.43
N GLY A 87 -11.21 -46.54 -10.95
CA GLY A 87 -10.82 -45.28 -11.55
C GLY A 87 -11.42 -44.07 -10.86
N VAL A 88 -12.05 -44.26 -9.72
CA VAL A 88 -12.63 -43.14 -8.98
C VAL A 88 -11.55 -42.44 -8.16
N ARG A 89 -11.49 -41.12 -8.30
CA ARG A 89 -10.48 -40.31 -7.63
C ARG A 89 -10.99 -39.82 -6.28
N TYR A 90 -10.29 -40.18 -5.20
CA TYR A 90 -10.67 -39.70 -3.88
C TYR A 90 -9.46 -39.07 -3.20
N PHE A 91 -9.70 -38.14 -2.26
CA PHE A 91 -8.64 -37.46 -1.59
C PHE A 91 -8.64 -37.78 -0.10
N VAL A 92 -7.48 -37.67 0.54
CA VAL A 92 -7.35 -37.99 1.95
C VAL A 92 -6.59 -36.89 2.70
N ASP A 93 -7.19 -36.42 3.79
CA ASP A 93 -6.51 -35.44 4.66
C ASP A 93 -5.72 -36.22 5.71
N HIS A 94 -4.39 -36.21 5.61
CA HIS A 94 -3.56 -37.05 6.47
C HIS A 94 -3.50 -36.52 7.90
N ASN A 95 -3.70 -35.21 8.07
CA ASN A 95 -3.62 -34.59 9.39
C ASN A 95 -4.83 -34.96 10.26
N THR A 96 -6.03 -34.88 9.69
CA THR A 96 -7.24 -35.21 10.45
C THR A 96 -7.57 -36.68 10.30
N ARG A 97 -6.91 -37.33 9.34
CA ARG A 97 -7.17 -38.74 9.02
C ARG A 97 -8.61 -38.95 8.64
N THR A 98 -8.97 -38.29 7.57
CA THR A 98 -10.33 -38.32 7.05
C THR A 98 -10.32 -38.50 5.53
N THR A 99 -11.40 -39.05 4.99
CA THR A 99 -11.52 -39.22 3.54
C THR A 99 -12.56 -38.23 3.01
N THR A 100 -12.29 -37.58 1.88
CA THR A 100 -13.24 -36.61 1.36
C THR A 100 -13.24 -36.59 -0.16
N PHE A 101 -14.44 -36.60 -0.73
CA PHE A 101 -14.60 -36.48 -2.17
C PHE A 101 -14.73 -35.01 -2.52
N LYS A 102 -13.63 -34.44 -2.98
CA LYS A 102 -13.59 -33.03 -3.35
C LYS A 102 -13.00 -32.90 -4.74
N ASP A 103 -13.33 -31.83 -5.44
CA ASP A 103 -12.80 -31.62 -6.78
C ASP A 103 -11.35 -31.17 -6.69
N PRO A 104 -10.51 -31.55 -7.68
CA PRO A 104 -9.11 -31.12 -7.75
C PRO A 104 -9.01 -29.60 -7.72
N ARG A 105 -9.98 -28.94 -8.32
CA ARG A 105 -10.06 -27.50 -8.28
C ARG A 105 -11.29 -27.13 -7.44
N PRO A 106 -11.12 -26.35 -6.35
CA PRO A 106 -12.22 -26.06 -5.42
C PRO A 106 -13.37 -25.29 -6.08
N GLY A 107 -14.57 -25.88 -6.01
CA GLY A 107 -15.74 -25.26 -6.60
C GLY A 107 -15.90 -25.61 -8.07
N PHE A 108 -14.78 -25.87 -8.77
CA PHE A 108 -14.82 -26.18 -10.20
C PHE A 108 -15.53 -25.06 -10.95
N GLU A 109 -15.02 -23.85 -10.78
CA GLU A 109 -15.64 -22.66 -11.35
C GLU A 109 -14.62 -21.54 -11.49
N GLY A 1 28.71 27.99 -0.18
CA GLY A 1 27.70 27.91 0.92
C GLY A 1 26.31 27.66 0.40
N SER A 2 25.39 28.55 0.76
CA SER A 2 23.98 28.52 0.33
C SER A 2 23.28 27.20 0.70
N HIS A 3 22.48 27.25 1.75
CA HIS A 3 21.70 26.10 2.19
C HIS A 3 20.32 26.14 1.52
N MET A 4 19.70 24.98 1.37
CA MET A 4 18.39 24.90 0.73
C MET A 4 17.38 24.27 1.68
N GLN A 5 16.18 24.85 1.73
CA GLN A 5 15.11 24.33 2.55
C GLN A 5 14.29 23.30 1.77
N TYR A 6 14.26 22.09 2.26
CA TYR A 6 13.49 21.02 1.63
C TYR A 6 12.37 20.59 2.57
N LYS A 7 11.26 20.15 2.02
CA LYS A 7 10.15 19.69 2.86
C LYS A 7 9.76 18.27 2.51
N LEU A 8 9.05 17.65 3.43
CA LEU A 8 8.62 16.27 3.29
C LEU A 8 7.22 16.10 3.83
N ILE A 9 6.43 15.29 3.15
CA ILE A 9 5.06 15.01 3.57
C ILE A 9 4.92 13.51 3.80
N LEU A 10 4.73 13.11 5.05
CA LEU A 10 4.60 11.69 5.35
C LEU A 10 3.17 11.27 5.11
N ASN A 11 2.94 10.61 3.99
CA ASN A 11 1.63 10.12 3.65
C ASN A 11 1.57 8.67 4.04
N GLY A 12 1.31 8.44 5.31
CA GLY A 12 1.20 7.12 5.84
C GLY A 12 0.07 7.03 6.82
N LYS A 13 -0.88 6.15 6.55
CA LYS A 13 -2.06 6.00 7.41
C LYS A 13 -1.70 5.66 8.85
N THR A 14 -0.45 5.27 9.10
CA THR A 14 0.01 4.96 10.45
C THR A 14 0.37 6.25 11.20
N LEU A 15 0.96 7.20 10.46
CA LEU A 15 1.38 8.47 11.03
C LEU A 15 1.48 9.50 9.90
N LYS A 16 0.67 10.54 9.97
CA LYS A 16 0.68 11.57 8.94
C LYS A 16 1.24 12.87 9.51
N GLY A 17 2.02 13.57 8.71
CA GLY A 17 2.65 14.79 9.16
C GLY A 17 3.52 15.39 8.08
N GLU A 18 4.18 16.49 8.42
CA GLU A 18 5.05 17.22 7.49
C GLU A 18 6.26 17.76 8.24
N THR A 19 7.29 18.19 7.51
CA THR A 19 8.48 18.71 8.15
C THR A 19 9.42 19.37 7.14
N THR A 20 10.41 20.09 7.65
CA THR A 20 11.41 20.77 6.82
C THR A 20 12.81 20.52 7.36
N THR A 21 13.83 20.68 6.52
CA THR A 21 15.20 20.48 6.94
C THR A 21 16.15 21.26 6.03
N GLU A 22 17.29 21.66 6.56
CA GLU A 22 18.27 22.39 5.79
C GLU A 22 19.28 21.41 5.18
N ALA A 23 19.52 21.53 3.88
CA ALA A 23 20.49 20.67 3.20
C ALA A 23 21.20 21.46 2.12
N VAL A 24 22.38 21.02 1.69
CA VAL A 24 23.11 21.70 0.64
C VAL A 24 23.02 20.96 -0.70
N ASP A 25 22.19 19.91 -0.73
CA ASP A 25 21.99 19.11 -1.94
C ASP A 25 20.76 18.24 -1.77
N ALA A 26 20.22 17.77 -2.89
CA ALA A 26 19.01 16.95 -2.88
C ALA A 26 19.29 15.55 -2.32
N ALA A 27 20.36 14.93 -2.78
CA ALA A 27 20.71 13.58 -2.35
C ALA A 27 21.05 13.54 -0.88
N THR A 28 21.50 14.68 -0.35
CA THR A 28 21.83 14.79 1.05
C THR A 28 20.58 14.86 1.91
N ALA A 29 19.50 15.37 1.33
CA ALA A 29 18.25 15.53 2.05
C ALA A 29 17.57 14.19 2.23
N GLU A 30 17.66 13.37 1.18
CA GLU A 30 17.10 12.03 1.18
C GLU A 30 17.64 11.23 2.36
N LYS A 31 18.96 11.08 2.40
CA LYS A 31 19.66 10.30 3.42
C LYS A 31 19.24 10.71 4.83
N VAL A 32 19.05 12.01 5.06
CA VAL A 32 18.67 12.51 6.38
C VAL A 32 17.20 12.22 6.67
N PHE A 33 16.32 12.69 5.79
CA PHE A 33 14.88 12.48 5.96
C PHE A 33 14.50 11.00 5.98
N LYS A 34 15.32 10.16 5.37
CA LYS A 34 15.04 8.74 5.35
C LYS A 34 15.24 8.13 6.74
N GLN A 35 16.27 8.59 7.45
CA GLN A 35 16.50 8.14 8.82
C GLN A 35 15.43 8.75 9.72
N TYR A 36 14.98 9.94 9.33
CA TYR A 36 13.90 10.65 10.02
C TYR A 36 12.61 9.84 9.91
N ALA A 37 12.26 9.49 8.69
CA ALA A 37 11.06 8.70 8.41
C ALA A 37 11.19 7.31 9.02
N ASN A 38 12.41 6.79 9.02
CA ASN A 38 12.72 5.46 9.55
C ASN A 38 12.38 5.36 11.04
N ASP A 39 12.67 6.42 11.78
CA ASP A 39 12.39 6.45 13.21
C ASP A 39 10.89 6.38 13.49
N ASN A 40 10.10 6.87 12.53
CA ASN A 40 8.65 6.87 12.67
C ASN A 40 8.05 5.64 11.99
N GLY A 41 8.91 4.85 11.36
CA GLY A 41 8.45 3.64 10.69
C GLY A 41 7.74 3.95 9.38
N VAL A 42 8.06 5.09 8.79
CA VAL A 42 7.44 5.49 7.55
C VAL A 42 8.40 5.32 6.40
N ASP A 43 8.23 4.23 5.67
CA ASP A 43 9.06 3.96 4.50
C ASP A 43 8.18 3.53 3.33
N GLY A 44 8.45 4.09 2.16
CA GLY A 44 7.63 3.84 0.99
C GLY A 44 8.24 4.47 -0.24
N GLU A 45 7.47 4.51 -1.33
CA GLU A 45 7.95 5.09 -2.58
C GLU A 45 8.32 6.56 -2.39
N TRP A 46 9.39 6.97 -3.05
CA TRP A 46 9.90 8.33 -2.90
C TRP A 46 9.75 9.13 -4.18
N THR A 47 9.09 10.27 -4.08
CA THR A 47 8.90 11.16 -5.21
C THR A 47 9.44 12.55 -4.88
N TYR A 48 9.79 13.32 -5.89
CA TYR A 48 10.35 14.66 -5.67
C TYR A 48 9.80 15.66 -6.67
N ASP A 49 9.52 16.87 -6.20
CA ASP A 49 9.03 17.92 -7.08
C ASP A 49 10.04 19.06 -7.10
N ASP A 50 10.18 19.74 -8.22
CA ASP A 50 11.13 20.87 -8.32
C ASP A 50 10.39 22.16 -8.00
N ALA A 51 9.10 22.16 -8.29
CA ALA A 51 8.25 23.34 -8.09
C ALA A 51 8.21 23.81 -6.65
N THR A 52 8.23 22.88 -5.71
CA THR A 52 8.17 23.27 -4.30
C THR A 52 9.25 22.59 -3.45
N LYS A 53 10.30 22.05 -4.12
CA LYS A 53 11.41 21.33 -3.44
C LYS A 53 10.86 20.41 -2.36
N THR A 54 9.77 19.76 -2.68
CA THR A 54 9.07 18.93 -1.71
C THR A 54 9.25 17.44 -1.99
N TYR A 55 9.73 16.72 -0.98
CA TYR A 55 9.88 15.28 -1.05
C TYR A 55 8.60 14.61 -0.57
N THR A 56 8.08 13.68 -1.34
CA THR A 56 6.86 13.01 -0.99
C THR A 56 7.09 11.51 -0.84
N VAL A 57 6.88 11.00 0.36
CA VAL A 57 7.00 9.57 0.59
C VAL A 57 5.60 9.01 0.74
N THR A 58 5.30 7.97 -0.03
CA THR A 58 3.97 7.42 -0.04
C THR A 58 3.98 5.94 0.33
N GLU A 59 3.35 5.65 1.46
CA GLU A 59 3.22 4.28 1.95
C GLU A 59 2.30 3.46 1.04
N GLY A 60 2.87 2.81 0.02
CA GLY A 60 2.07 1.99 -0.86
C GLY A 60 1.47 0.81 -0.12
N SER A 61 0.18 0.87 0.10
CA SER A 61 -0.54 -0.15 0.84
C SER A 61 -1.92 -0.37 0.24
N GLY A 62 -2.77 0.63 0.40
CA GLY A 62 -4.12 0.57 -0.16
C GLY A 62 -4.98 1.69 0.38
N GLY A 63 -6.10 1.94 -0.29
CA GLY A 63 -7.00 2.99 0.14
C GLY A 63 -8.35 2.43 0.54
N ALA A 64 -8.81 1.45 -0.21
CA ALA A 64 -10.10 0.83 0.06
C ALA A 64 -9.88 -0.52 0.73
N GLY A 65 -9.91 -0.52 2.06
CA GLY A 65 -9.70 -1.73 2.82
C GLY A 65 -10.82 -2.74 2.67
N GLY A 66 -11.99 -2.27 2.26
CA GLY A 66 -13.12 -3.16 2.08
C GLY A 66 -12.95 -4.06 0.87
N GLN A 67 -12.36 -3.50 -0.19
CA GLN A 67 -12.13 -4.21 -1.46
C GLN A 67 -13.43 -4.71 -2.08
N GLY A 68 -13.91 -5.84 -1.59
CA GLY A 68 -15.12 -6.42 -2.10
C GLY A 68 -14.97 -7.88 -2.46
N MET A 69 -13.73 -8.31 -2.67
CA MET A 69 -13.43 -9.69 -3.07
C MET A 69 -14.16 -10.06 -4.36
N ILE A 70 -14.33 -9.07 -5.22
CA ILE A 70 -15.02 -9.26 -6.49
C ILE A 70 -14.21 -8.62 -7.61
N GLN A 71 -13.26 -9.37 -8.14
CA GLN A 71 -12.43 -8.86 -9.23
C GLN A 71 -12.84 -9.55 -10.53
N GLU A 72 -13.97 -10.22 -10.49
CA GLU A 72 -14.49 -10.92 -11.65
C GLU A 72 -15.06 -9.94 -12.67
N PRO A 73 -14.67 -10.11 -13.95
CA PRO A 73 -15.13 -9.25 -15.03
C PRO A 73 -16.51 -9.65 -15.56
N ALA A 74 -16.89 -9.00 -16.68
CA ALA A 74 -18.15 -9.22 -17.36
C ALA A 74 -19.32 -8.64 -16.58
N LEU A 75 -19.85 -7.54 -17.07
CA LEU A 75 -20.97 -6.87 -16.42
C LEU A 75 -22.27 -7.31 -17.07
N PRO A 76 -23.41 -7.22 -16.34
CA PRO A 76 -24.72 -7.56 -16.89
C PRO A 76 -25.20 -6.47 -17.83
N PRO A 77 -26.16 -6.76 -18.74
CA PRO A 77 -26.68 -5.76 -19.66
C PRO A 77 -27.38 -4.62 -18.91
N GLY A 78 -27.00 -3.39 -19.23
CA GLY A 78 -27.54 -2.25 -18.52
C GLY A 78 -26.60 -1.72 -17.43
N TRP A 79 -25.76 -2.59 -16.88
CA TRP A 79 -24.83 -2.18 -15.82
C TRP A 79 -23.49 -1.73 -16.41
N GLU A 80 -22.88 -0.69 -15.82
CA GLU A 80 -21.58 -0.19 -16.26
C GLU A 80 -20.60 -0.20 -15.11
N MET A 81 -19.33 -0.46 -15.40
CA MET A 81 -18.29 -0.51 -14.38
C MET A 81 -17.11 0.38 -14.77
N LYS A 82 -16.69 1.27 -13.87
CA LYS A 82 -15.58 2.18 -14.14
C LYS A 82 -14.85 2.50 -12.83
N TYR A 83 -13.61 2.97 -12.90
CA TYR A 83 -12.83 3.30 -11.70
C TYR A 83 -12.71 4.82 -11.53
N THR A 84 -12.59 5.25 -10.27
CA THR A 84 -12.40 6.66 -9.96
C THR A 84 -10.91 7.00 -10.01
N SER A 85 -10.54 8.21 -9.62
CA SER A 85 -9.16 8.64 -9.66
C SER A 85 -8.40 8.24 -8.39
N GLU A 86 -9.02 7.39 -7.59
CA GLU A 86 -8.42 6.92 -6.33
C GLU A 86 -8.29 5.40 -6.36
N GLY A 87 -8.72 4.80 -7.46
CA GLY A 87 -8.69 3.36 -7.59
C GLY A 87 -9.94 2.69 -7.06
N VAL A 88 -11.03 3.45 -6.93
CA VAL A 88 -12.28 2.91 -6.42
C VAL A 88 -13.22 2.52 -7.55
N ARG A 89 -13.74 1.31 -7.48
CA ARG A 89 -14.67 0.78 -8.47
C ARG A 89 -16.08 1.33 -8.24
N TYR A 90 -16.61 2.09 -9.20
CA TYR A 90 -17.96 2.64 -9.09
C TYR A 90 -18.80 2.16 -10.27
N PHE A 91 -20.12 2.18 -10.13
CA PHE A 91 -20.99 1.69 -11.18
C PHE A 91 -21.86 2.80 -11.76
N VAL A 92 -22.29 2.60 -13.00
CA VAL A 92 -23.16 3.55 -13.65
C VAL A 92 -24.42 2.84 -14.15
N ASP A 93 -25.51 3.03 -13.46
CA ASP A 93 -26.77 2.43 -13.90
C ASP A 93 -27.29 3.24 -15.09
N HIS A 94 -27.51 2.59 -16.24
CA HIS A 94 -27.86 3.33 -17.45
C HIS A 94 -29.35 3.70 -17.53
N ASN A 95 -30.21 2.98 -16.81
CA ASN A 95 -31.65 3.24 -16.91
C ASN A 95 -32.05 4.45 -16.07
N THR A 96 -31.32 4.71 -14.98
CA THR A 96 -31.58 5.88 -14.16
C THR A 96 -30.58 6.98 -14.50
N ARG A 97 -29.41 6.56 -14.97
CA ARG A 97 -28.34 7.48 -15.38
C ARG A 97 -27.80 8.22 -14.16
N THR A 98 -27.62 7.43 -13.13
CA THR A 98 -27.12 7.89 -11.84
C THR A 98 -25.81 7.16 -11.50
N THR A 99 -24.88 7.82 -10.81
CA THR A 99 -23.63 7.17 -10.43
C THR A 99 -23.84 6.38 -9.13
N THR A 100 -23.79 5.06 -9.22
CA THR A 100 -24.06 4.19 -8.11
C THR A 100 -22.76 3.61 -7.55
N PHE A 101 -22.77 3.28 -6.27
CA PHE A 101 -21.64 2.62 -5.66
C PHE A 101 -21.83 1.12 -5.63
N LYS A 102 -20.71 0.44 -5.62
CA LYS A 102 -20.62 -1.02 -5.65
C LYS A 102 -21.48 -1.65 -4.56
N ASP A 103 -21.83 -2.91 -4.80
CA ASP A 103 -22.69 -3.71 -3.93
C ASP A 103 -22.37 -3.48 -2.45
N PRO A 104 -23.27 -2.82 -1.70
CA PRO A 104 -23.07 -2.55 -0.27
C PRO A 104 -23.12 -3.82 0.56
N ARG A 105 -24.14 -4.63 0.30
CA ARG A 105 -24.32 -5.89 0.99
C ARG A 105 -24.12 -7.04 0.01
N PRO A 106 -23.09 -7.89 0.18
CA PRO A 106 -22.86 -9.03 -0.73
C PRO A 106 -24.13 -9.86 -0.90
N GLY A 107 -24.63 -9.95 -2.13
CA GLY A 107 -25.83 -10.71 -2.39
C GLY A 107 -27.10 -9.87 -2.26
N PHE A 108 -27.09 -8.88 -1.33
CA PHE A 108 -28.25 -8.00 -1.06
C PHE A 108 -29.60 -8.69 -1.32
N GLU A 109 -29.91 -9.70 -0.51
CA GLU A 109 -31.13 -10.48 -0.68
C GLU A 109 -31.73 -10.79 0.69
#